data_2QUP
# 
_entry.id   2QUP 
# 
_audit_conform.dict_name       mmcif_pdbx.dic 
_audit_conform.dict_version    5.377 
_audit_conform.dict_location   http://mmcif.pdb.org/dictionaries/ascii/mmcif_pdbx.dic 
# 
loop_
_database_2.database_id 
_database_2.database_code 
_database_2.pdbx_database_accession 
_database_2.pdbx_DOI 
PDB   2QUP         pdb_00002qup 10.2210/pdb2qup/pdb 
RCSB  RCSB044078   ?            ?                   
WWPDB D_1000044078 ?            ?                   
# 
_pdbx_database_related.db_name        TargetDB 
_pdbx_database_related.db_id          NYSGXRC-10015d 
_pdbx_database_related.details        . 
_pdbx_database_related.content_type   unspecified 
# 
_pdbx_database_status.status_code                     REL 
_pdbx_database_status.entry_id                        2QUP 
_pdbx_database_status.recvd_initial_deposition_date   2007-08-06 
_pdbx_database_status.deposit_site                    RCSB 
_pdbx_database_status.process_site                    RCSB 
_pdbx_database_status.status_code_sf                  REL 
_pdbx_database_status.status_code_mr                  ? 
_pdbx_database_status.SG_entry                        Y 
_pdbx_database_status.pdb_format_compatible           Y 
_pdbx_database_status.status_code_cs                  ? 
_pdbx_database_status.methods_development_category    ? 
_pdbx_database_status.status_code_nmr_data            ? 
# 
loop_
_audit_author.name 
_audit_author.pdbx_ordinal 
_audit_author.identifier_ORCID 
'Patskovsky, Y.'                                                 1  ?                   
'Bonanno, J.B.'                                                  2  ?                   
'Rutter, M.'                                                     3  ?                   
'Mckenzie, C.'                                                   4  ?                   
'Bain, K.T.'                                                     5  ?                   
'Smith, D.'                                                      6  ?                   
'Ozyurt, S.'                                                     7  ?                   
'Gheyi, T.'                                                      8  ?                   
'Wasserman, S.'                                                  9  ?                   
'Sauder, J.M.'                                                   10 0000-0002-0254-4955 
'Burley, S.K.'                                                   11 0000-0002-2487-9713 
'Almo, S.C.'                                                     12 ?                   
'New York SGX Research Center for Structural Genomics (NYSGXRC)' 13 ?                   
# 
_citation.id                        primary 
_citation.title                     'Crystal Structure of Uncharacterized Protein Bh1478 from Bacillus Halodurans.' 
_citation.journal_abbrev            'To be Published' 
_citation.journal_volume            ? 
_citation.page_first                ? 
_citation.page_last                 ? 
_citation.year                      ? 
_citation.journal_id_ASTM           ? 
_citation.country                   ? 
_citation.journal_id_ISSN           ? 
_citation.journal_id_CSD            0353 
_citation.book_publisher            ? 
_citation.pdbx_database_id_PubMed   ? 
_citation.pdbx_database_id_DOI      ? 
# 
loop_
_citation_author.citation_id 
_citation_author.name 
_citation_author.ordinal 
_citation_author.identifier_ORCID 
primary 'Patskovsky, Y.' 1  ?                   
primary 'Bonanno, J.B.'  2  ?                   
primary 'Rutter, M.'     3  ?                   
primary 'Mckenzie, C.'   4  ?                   
primary 'Ozyurt, S.'     5  ?                   
primary 'Bain, K.T.'     6  ?                   
primary 'Gheyi, T.'      7  ?                   
primary 'Smith, D.'      8  ?                   
primary 'Wasserman, S.'  9  ?                   
primary 'Sauder, J.M.'   10 ?                   
primary 'Burley, S.K.'   11 0000-0002-2487-9713 
primary 'Almo, S.C.'     12 ?                   
# 
_cell.entry_id           2QUP 
_cell.length_a           118.836 
_cell.length_b           40.715 
_cell.length_c           39.007 
_cell.angle_alpha        90.00 
_cell.angle_beta         94.70 
_cell.angle_gamma        90.00 
_cell.Z_PDB              4 
_cell.pdbx_unique_axis   ? 
_cell.length_a_esd       ? 
_cell.length_b_esd       ? 
_cell.length_c_esd       ? 
_cell.angle_alpha_esd    ? 
_cell.angle_beta_esd     ? 
_cell.angle_gamma_esd    ? 
# 
_symmetry.entry_id                         2QUP 
_symmetry.space_group_name_H-M             'C 1 2 1' 
_symmetry.pdbx_full_space_group_name_H-M   ? 
_symmetry.cell_setting                     ? 
_symmetry.Int_Tables_number                5 
_symmetry.space_group_name_Hall            ? 
# 
loop_
_entity.id 
_entity.type 
_entity.src_method 
_entity.pdbx_description 
_entity.formula_weight 
_entity.pdbx_number_of_molecules 
_entity.pdbx_ec 
_entity.pdbx_mutation 
_entity.pdbx_fragment 
_entity.details 
1 polymer     man 'BH1478 protein' 16610.379 1  ? ? ? ? 
2 non-polymer syn GLYCEROL         92.094    1  ? ? ? ? 
3 water       nat water            18.015    99 ? ? ? ? 
# 
_entity_poly.entity_id                      1 
_entity_poly.type                           'polypeptide(L)' 
_entity_poly.nstd_linkage                   no 
_entity_poly.nstd_monomer                   no 
_entity_poly.pdbx_seq_one_letter_code       
;MDVQRVGKAGLHRVDSKKQQTAAGVSFSEVMGKQRDEKAYERLQALMSKIDDQGKLLSETRTIEELRKYKELVKEFVGDA
VELGLRLEERRGFNRRGRTKIYKIVKEVDRKLLDLTDAVLAKEKKGLDILNMVGEIKGLLINIYA
;
_entity_poly.pdbx_seq_one_letter_code_can   
;MDVQRVGKAGLHRVDSKKQQTAAGVSFSEVMGKQRDEKAYERLQALMSKIDDQGKLLSETRTIEELRKYKELVKEFVGDA
VELGLRLEERRGFNRRGRTKIYKIVKEVDRKLLDLTDAVLAKEKKGLDILNMVGEIKGLLINIYA
;
_entity_poly.pdbx_strand_id                 A 
_entity_poly.pdbx_target_identifier         NYSGXRC-10015d 
# 
loop_
_entity_poly_seq.entity_id 
_entity_poly_seq.num 
_entity_poly_seq.mon_id 
_entity_poly_seq.hetero 
1 1   MET n 
1 2   ASP n 
1 3   VAL n 
1 4   GLN n 
1 5   ARG n 
1 6   VAL n 
1 7   GLY n 
1 8   LYS n 
1 9   ALA n 
1 10  GLY n 
1 11  LEU n 
1 12  HIS n 
1 13  ARG n 
1 14  VAL n 
1 15  ASP n 
1 16  SER n 
1 17  LYS n 
1 18  LYS n 
1 19  GLN n 
1 20  GLN n 
1 21  THR n 
1 22  ALA n 
1 23  ALA n 
1 24  GLY n 
1 25  VAL n 
1 26  SER n 
1 27  PHE n 
1 28  SER n 
1 29  GLU n 
1 30  VAL n 
1 31  MET n 
1 32  GLY n 
1 33  LYS n 
1 34  GLN n 
1 35  ARG n 
1 36  ASP n 
1 37  GLU n 
1 38  LYS n 
1 39  ALA n 
1 40  TYR n 
1 41  GLU n 
1 42  ARG n 
1 43  LEU n 
1 44  GLN n 
1 45  ALA n 
1 46  LEU n 
1 47  MET n 
1 48  SER n 
1 49  LYS n 
1 50  ILE n 
1 51  ASP n 
1 52  ASP n 
1 53  GLN n 
1 54  GLY n 
1 55  LYS n 
1 56  LEU n 
1 57  LEU n 
1 58  SER n 
1 59  GLU n 
1 60  THR n 
1 61  ARG n 
1 62  THR n 
1 63  ILE n 
1 64  GLU n 
1 65  GLU n 
1 66  LEU n 
1 67  ARG n 
1 68  LYS n 
1 69  TYR n 
1 70  LYS n 
1 71  GLU n 
1 72  LEU n 
1 73  VAL n 
1 74  LYS n 
1 75  GLU n 
1 76  PHE n 
1 77  VAL n 
1 78  GLY n 
1 79  ASP n 
1 80  ALA n 
1 81  VAL n 
1 82  GLU n 
1 83  LEU n 
1 84  GLY n 
1 85  LEU n 
1 86  ARG n 
1 87  LEU n 
1 88  GLU n 
1 89  GLU n 
1 90  ARG n 
1 91  ARG n 
1 92  GLY n 
1 93  PHE n 
1 94  ASN n 
1 95  ARG n 
1 96  ARG n 
1 97  GLY n 
1 98  ARG n 
1 99  THR n 
1 100 LYS n 
1 101 ILE n 
1 102 TYR n 
1 103 LYS n 
1 104 ILE n 
1 105 VAL n 
1 106 LYS n 
1 107 GLU n 
1 108 VAL n 
1 109 ASP n 
1 110 ARG n 
1 111 LYS n 
1 112 LEU n 
1 113 LEU n 
1 114 ASP n 
1 115 LEU n 
1 116 THR n 
1 117 ASP n 
1 118 ALA n 
1 119 VAL n 
1 120 LEU n 
1 121 ALA n 
1 122 LYS n 
1 123 GLU n 
1 124 LYS n 
1 125 LYS n 
1 126 GLY n 
1 127 LEU n 
1 128 ASP n 
1 129 ILE n 
1 130 LEU n 
1 131 ASN n 
1 132 MET n 
1 133 VAL n 
1 134 GLY n 
1 135 GLU n 
1 136 ILE n 
1 137 LYS n 
1 138 GLY n 
1 139 LEU n 
1 140 LEU n 
1 141 ILE n 
1 142 ASN n 
1 143 ILE n 
1 144 TYR n 
1 145 ALA n 
# 
_entity_src_gen.entity_id                          1 
_entity_src_gen.pdbx_src_id                        1 
_entity_src_gen.pdbx_alt_source_flag               sample 
_entity_src_gen.pdbx_seq_type                      ? 
_entity_src_gen.pdbx_beg_seq_num                   ? 
_entity_src_gen.pdbx_end_seq_num                   ? 
_entity_src_gen.gene_src_common_name               ? 
_entity_src_gen.gene_src_genus                     Bacillus 
_entity_src_gen.pdbx_gene_src_gene                 BH1478 
_entity_src_gen.gene_src_species                   ? 
_entity_src_gen.gene_src_strain                    'C-125, DSM 18197, FERM 7344, JCM 9153' 
_entity_src_gen.gene_src_tissue                    ? 
_entity_src_gen.gene_src_tissue_fraction           ? 
_entity_src_gen.gene_src_details                   ? 
_entity_src_gen.pdbx_gene_src_fragment             ? 
_entity_src_gen.pdbx_gene_src_scientific_name      'Bacillus halodurans' 
_entity_src_gen.pdbx_gene_src_ncbi_taxonomy_id     86665 
_entity_src_gen.pdbx_gene_src_variant              ? 
_entity_src_gen.pdbx_gene_src_cell_line            ? 
_entity_src_gen.pdbx_gene_src_atcc                 BAA-125 
_entity_src_gen.pdbx_gene_src_organ                ? 
_entity_src_gen.pdbx_gene_src_organelle            ? 
_entity_src_gen.pdbx_gene_src_cell                 ? 
_entity_src_gen.pdbx_gene_src_cellular_location    ? 
_entity_src_gen.host_org_common_name               ? 
_entity_src_gen.pdbx_host_org_scientific_name      'Escherichia coli BL21(DE3)' 
_entity_src_gen.pdbx_host_org_ncbi_taxonomy_id     469008 
_entity_src_gen.host_org_genus                     Escherichia 
_entity_src_gen.pdbx_host_org_gene                 ? 
_entity_src_gen.pdbx_host_org_organ                ? 
_entity_src_gen.host_org_species                   'Escherichia coli' 
_entity_src_gen.pdbx_host_org_tissue               ? 
_entity_src_gen.pdbx_host_org_tissue_fraction      ? 
_entity_src_gen.pdbx_host_org_strain               'BL21(DE3)' 
_entity_src_gen.pdbx_host_org_variant              ? 
_entity_src_gen.pdbx_host_org_cell_line            ? 
_entity_src_gen.pdbx_host_org_atcc                 ? 
_entity_src_gen.pdbx_host_org_culture_collection   ? 
_entity_src_gen.pdbx_host_org_cell                 ? 
_entity_src_gen.pdbx_host_org_organelle            ? 
_entity_src_gen.pdbx_host_org_cellular_location    ? 
_entity_src_gen.pdbx_host_org_vector_type          Plasmid 
_entity_src_gen.pdbx_host_org_vector               pET 
_entity_src_gen.host_org_details                   ? 
_entity_src_gen.expression_system_id               ? 
_entity_src_gen.plasmid_name                       'Modified pET26' 
_entity_src_gen.plasmid_details                    ? 
_entity_src_gen.pdbx_description                   ? 
# 
_struct_ref.id                         1 
_struct_ref.db_name                    UNP 
_struct_ref.db_code                    Q9KCU1_BACHD 
_struct_ref.pdbx_db_accession          Q9KCU1 
_struct_ref.entity_id                  1 
_struct_ref.pdbx_seq_one_letter_code   
;MDVQRVGKAGLHRVDSKKQQTAAGVSFSEVMGKQRDEKAYERLQALMSKIDDQGKLLSETRTIEELRKYKELVKEFVGDA
VELGLRLEERRGFNRRGRTKIYKIVKEVDRKLLDLTDAVLAKEKKGLDILNMVGEIKGLLINIYA
;
_struct_ref.pdbx_align_begin           1 
_struct_ref.pdbx_db_isoform            ? 
# 
_struct_ref_seq.align_id                      1 
_struct_ref_seq.ref_id                        1 
_struct_ref_seq.pdbx_PDB_id_code              2QUP 
_struct_ref_seq.pdbx_strand_id                A 
_struct_ref_seq.seq_align_beg                 1 
_struct_ref_seq.pdbx_seq_align_beg_ins_code   ? 
_struct_ref_seq.seq_align_end                 145 
_struct_ref_seq.pdbx_seq_align_end_ins_code   ? 
_struct_ref_seq.pdbx_db_accession             Q9KCU1 
_struct_ref_seq.db_align_beg                  1 
_struct_ref_seq.pdbx_db_align_beg_ins_code    ? 
_struct_ref_seq.db_align_end                  145 
_struct_ref_seq.pdbx_db_align_end_ins_code    ? 
_struct_ref_seq.pdbx_auth_seq_align_beg       1 
_struct_ref_seq.pdbx_auth_seq_align_end       145 
# 
loop_
_chem_comp.id 
_chem_comp.type 
_chem_comp.mon_nstd_flag 
_chem_comp.name 
_chem_comp.pdbx_synonyms 
_chem_comp.formula 
_chem_comp.formula_weight 
ALA 'L-peptide linking' y ALANINE         ?                               'C3 H7 N O2'     89.093  
ARG 'L-peptide linking' y ARGININE        ?                               'C6 H15 N4 O2 1' 175.209 
ASN 'L-peptide linking' y ASPARAGINE      ?                               'C4 H8 N2 O3'    132.118 
ASP 'L-peptide linking' y 'ASPARTIC ACID' ?                               'C4 H7 N O4'     133.103 
GLN 'L-peptide linking' y GLUTAMINE       ?                               'C5 H10 N2 O3'   146.144 
GLU 'L-peptide linking' y 'GLUTAMIC ACID' ?                               'C5 H9 N O4'     147.129 
GLY 'peptide linking'   y GLYCINE         ?                               'C2 H5 N O2'     75.067  
GOL non-polymer         . GLYCEROL        'GLYCERIN; PROPANE-1,2,3-TRIOL' 'C3 H8 O3'       92.094  
HIS 'L-peptide linking' y HISTIDINE       ?                               'C6 H10 N3 O2 1' 156.162 
HOH non-polymer         . WATER           ?                               'H2 O'           18.015  
ILE 'L-peptide linking' y ISOLEUCINE      ?                               'C6 H13 N O2'    131.173 
LEU 'L-peptide linking' y LEUCINE         ?                               'C6 H13 N O2'    131.173 
LYS 'L-peptide linking' y LYSINE          ?                               'C6 H15 N2 O2 1' 147.195 
MET 'L-peptide linking' y METHIONINE      ?                               'C5 H11 N O2 S'  149.211 
PHE 'L-peptide linking' y PHENYLALANINE   ?                               'C9 H11 N O2'    165.189 
SER 'L-peptide linking' y SERINE          ?                               'C3 H7 N O3'     105.093 
THR 'L-peptide linking' y THREONINE       ?                               'C4 H9 N O3'     119.119 
TYR 'L-peptide linking' y TYROSINE        ?                               'C9 H11 N O3'    181.189 
VAL 'L-peptide linking' y VALINE          ?                               'C5 H11 N O2'    117.146 
# 
_exptl.entry_id          2QUP 
_exptl.method            'X-RAY DIFFRACTION' 
_exptl.crystals_number   1 
# 
_exptl_crystal.id                    1 
_exptl_crystal.density_meas          ? 
_exptl_crystal.density_Matthews      2.80 
_exptl_crystal.density_percent_sol   58.00 
_exptl_crystal.description           ? 
_exptl_crystal.F_000                 ? 
_exptl_crystal.preparation           ? 
# 
_exptl_crystal_grow.crystal_id      1 
_exptl_crystal_grow.method          'VAPOR DIFFUSION' 
_exptl_crystal_grow.temp            294 
_exptl_crystal_grow.temp_details    ? 
_exptl_crystal_grow.pH              6.0 
_exptl_crystal_grow.pdbx_details    '100mM Bis-Tris pH 6.0, 24% PEG4000, 400mM LiCl, VAPOR DIFFUSION, temperature 294K' 
_exptl_crystal_grow.pdbx_pH_range   . 
# 
_diffrn.id                     1 
_diffrn.ambient_temp           100 
_diffrn.ambient_temp_details   ? 
_diffrn.crystal_id             1 
# 
_diffrn_detector.diffrn_id              1 
_diffrn_detector.detector               CCD 
_diffrn_detector.type                   'MAR CCD 165 mm' 
_diffrn_detector.pdbx_collection_date   2007-02-14 
_diffrn_detector.details                ? 
# 
_diffrn_radiation.diffrn_id                        1 
_diffrn_radiation.wavelength_id                    1 
_diffrn_radiation.pdbx_monochromatic_or_laue_m_l   M 
_diffrn_radiation.monochromator                    DIAMOND 
_diffrn_radiation.pdbx_diffrn_protocol             'SINGLE WAVELENGTH' 
_diffrn_radiation.pdbx_scattering_type             x-ray 
# 
_diffrn_radiation_wavelength.id           1 
_diffrn_radiation_wavelength.wavelength   0.97958 
_diffrn_radiation_wavelength.wt           1.0 
# 
_diffrn_source.diffrn_id                   1 
_diffrn_source.source                      SYNCHROTRON 
_diffrn_source.type                        'APS BEAMLINE 31-ID' 
_diffrn_source.pdbx_synchrotron_site       APS 
_diffrn_source.pdbx_synchrotron_beamline   31-ID 
_diffrn_source.pdbx_wavelength             ? 
_diffrn_source.pdbx_wavelength_list        0.97958 
# 
_reflns.entry_id                     2QUP 
_reflns.observed_criterion_sigma_I   0.000 
_reflns.observed_criterion_sigma_F   ? 
_reflns.d_resolution_low             50.000 
_reflns.d_resolution_high            2.000 
_reflns.number_obs                   12712 
_reflns.number_all                   12712 
_reflns.percent_possible_obs         99.7 
_reflns.pdbx_Rmerge_I_obs            0.12 
_reflns.pdbx_Rsym_value              0.063 
_reflns.pdbx_netI_over_sigmaI        4.4000 
_reflns.B_iso_Wilson_estimate        18.60 
_reflns.pdbx_redundancy              4.100 
_reflns.R_free_details               ? 
_reflns.limit_h_max                  ? 
_reflns.limit_h_min                  ? 
_reflns.limit_k_max                  ? 
_reflns.limit_k_min                  ? 
_reflns.limit_l_max                  ? 
_reflns.limit_l_min                  ? 
_reflns.observed_criterion_F_max     ? 
_reflns.observed_criterion_F_min     ? 
_reflns.pdbx_chi_squared             ? 
_reflns.pdbx_scaling_rejects         ? 
_reflns.pdbx_ordinal                 1 
_reflns.pdbx_diffrn_id               1 
# 
_reflns_shell.d_res_high             2.00 
_reflns_shell.d_res_low              2.07 
_reflns_shell.percent_possible_all   99.5 
_reflns_shell.Rmerge_I_obs           0.62 
_reflns_shell.pdbx_Rsym_value        0.54 
_reflns_shell.meanI_over_sigI_obs    1.100 
_reflns_shell.pdbx_redundancy        4.00 
_reflns_shell.percent_possible_obs   ? 
_reflns_shell.number_unique_all      ? 
_reflns_shell.number_measured_all    ? 
_reflns_shell.number_measured_obs    ? 
_reflns_shell.number_unique_obs      ? 
_reflns_shell.pdbx_chi_squared       ? 
_reflns_shell.pdbx_ordinal           1 
_reflns_shell.pdbx_diffrn_id         1 
# 
_refine.entry_id                                 2QUP 
_refine.ls_number_reflns_obs                     12349 
_refine.ls_number_reflns_all                     ? 
_refine.pdbx_ls_sigma_I                          ? 
_refine.pdbx_ls_sigma_F                          ? 
_refine.pdbx_data_cutoff_high_absF               ? 
_refine.pdbx_data_cutoff_low_absF                ? 
_refine.pdbx_data_cutoff_high_rms_absF           ? 
_refine.ls_d_res_low                             20.00 
_refine.ls_d_res_high                            2.00 
_refine.ls_percent_reflns_obs                    99.26 
_refine.ls_R_factor_obs                          0.20866 
_refine.ls_R_factor_all                          ? 
_refine.ls_R_factor_R_work                       0.20804 
_refine.ls_R_factor_R_free                       0.2287 
_refine.ls_R_factor_R_free_error                 ? 
_refine.ls_R_factor_R_free_error_details         ? 
_refine.ls_percent_reflns_R_free                 3.0 
_refine.ls_number_reflns_R_free                  384 
_refine.ls_number_parameters                     ? 
_refine.ls_number_restraints                     ? 
_refine.occupancy_min                            ? 
_refine.occupancy_max                            ? 
_refine.correlation_coeff_Fo_to_Fc               0.957 
_refine.correlation_coeff_Fo_to_Fc_free          0.944 
_refine.B_iso_mean                               37.872 
_refine.aniso_B[1][1]                            3.48 
_refine.aniso_B[2][2]                            -2.55 
_refine.aniso_B[3][3]                            -0.76 
_refine.aniso_B[1][2]                            0.00 
_refine.aniso_B[1][3]                            1.09 
_refine.aniso_B[2][3]                            0.00 
_refine.solvent_model_details                    MASK 
_refine.solvent_model_param_ksol                 ? 
_refine.solvent_model_param_bsol                 ? 
_refine.pdbx_solvent_vdw_probe_radii             1.40 
_refine.pdbx_solvent_ion_probe_radii             0.80 
_refine.pdbx_solvent_shrinkage_radii             0.80 
_refine.pdbx_ls_cross_valid_method               THROUGHOUT 
_refine.details                                  'HYDROGENS HAVE BEEN ADDED IN THE RIDING POSITIONS' 
_refine.pdbx_starting_model                      'PDB entry 2P61' 
_refine.pdbx_method_to_determine_struct          'MOLECULAR REPLACEMENT' 
_refine.pdbx_isotropic_thermal_model             ? 
_refine.pdbx_stereochemistry_target_values       'MAXIMUM LIKELIHOOD' 
_refine.pdbx_stereochem_target_val_spec_case     ? 
_refine.pdbx_R_Free_selection_details            RANDOM 
_refine.pdbx_overall_ESU_R                       0.159 
_refine.pdbx_overall_ESU_R_Free                  0.140 
_refine.overall_SU_ML                            0.136 
_refine.overall_SU_B                             5.351 
_refine.ls_redundancy_reflns_obs                 ? 
_refine.B_iso_min                                ? 
_refine.B_iso_max                                ? 
_refine.overall_SU_R_Cruickshank_DPI             ? 
_refine.overall_SU_R_free                        ? 
_refine.ls_wR_factor_R_free                      ? 
_refine.ls_wR_factor_R_work                      ? 
_refine.overall_FOM_free_R_set                   ? 
_refine.overall_FOM_work_R_set                   ? 
_refine.pdbx_refine_id                           'X-RAY DIFFRACTION' 
_refine.pdbx_diffrn_id                           1 
_refine.pdbx_TLS_residual_ADP_flag               ? 
_refine.pdbx_overall_phase_error                 ? 
_refine.pdbx_overall_SU_R_free_Cruickshank_DPI   ? 
_refine.pdbx_overall_SU_R_Blow_DPI               ? 
_refine.pdbx_overall_SU_R_free_Blow_DPI          ? 
# 
_refine_hist.pdbx_refine_id                   'X-RAY DIFFRACTION' 
_refine_hist.cycle_id                         LAST 
_refine_hist.pdbx_number_atoms_protein        962 
_refine_hist.pdbx_number_atoms_nucleic_acid   0 
_refine_hist.pdbx_number_atoms_ligand         6 
_refine_hist.number_atoms_solvent             99 
_refine_hist.number_atoms_total               1067 
_refine_hist.d_res_high                       2.00 
_refine_hist.d_res_low                        20.00 
# 
loop_
_refine_ls_restr.type 
_refine_ls_restr.dev_ideal 
_refine_ls_restr.dev_ideal_target 
_refine_ls_restr.weight 
_refine_ls_restr.number 
_refine_ls_restr.pdbx_refine_id 
_refine_ls_restr.pdbx_restraint_function 
r_bond_refined_d             0.011  0.022  ? 1030 'X-RAY DIFFRACTION' ? 
r_bond_other_d               ?      ?      ? ?    'X-RAY DIFFRACTION' ? 
r_angle_refined_deg          1.288  2.027  ? 1379 'X-RAY DIFFRACTION' ? 
r_angle_other_deg            ?      ?      ? ?    'X-RAY DIFFRACTION' ? 
r_dihedral_angle_1_deg       8.311  5.000  ? 135  'X-RAY DIFFRACTION' ? 
r_dihedral_angle_2_deg       38.583 23.913 ? 46   'X-RAY DIFFRACTION' ? 
r_dihedral_angle_3_deg       21.527 15.000 ? 240  'X-RAY DIFFRACTION' ? 
r_dihedral_angle_4_deg       26.957 15.000 ? 11   'X-RAY DIFFRACTION' ? 
r_chiral_restr               0.101  0.200  ? 158  'X-RAY DIFFRACTION' ? 
r_gen_planes_refined         0.004  0.020  ? 729  'X-RAY DIFFRACTION' ? 
r_gen_planes_other           ?      ?      ? ?    'X-RAY DIFFRACTION' ? 
r_nbd_refined                0.160  0.300  ? 488  'X-RAY DIFFRACTION' ? 
r_nbd_other                  ?      ?      ? ?    'X-RAY DIFFRACTION' ? 
r_nbtor_refined              0.293  0.500  ? 716  'X-RAY DIFFRACTION' ? 
r_nbtor_other                ?      ?      ? ?    'X-RAY DIFFRACTION' ? 
r_xyhbond_nbd_refined        0.232  0.500  ? 113  'X-RAY DIFFRACTION' ? 
r_xyhbond_nbd_other          ?      ?      ? ?    'X-RAY DIFFRACTION' ? 
r_metal_ion_refined          ?      ?      ? ?    'X-RAY DIFFRACTION' ? 
r_metal_ion_other            ?      ?      ? ?    'X-RAY DIFFRACTION' ? 
r_symmetry_vdw_refined       0.108  0.300  ? 36   'X-RAY DIFFRACTION' ? 
r_symmetry_vdw_other         ?      ?      ? ?    'X-RAY DIFFRACTION' ? 
r_symmetry_hbond_refined     0.282  0.500  ? 25   'X-RAY DIFFRACTION' ? 
r_symmetry_hbond_other       ?      ?      ? ?    'X-RAY DIFFRACTION' ? 
r_symmetry_metal_ion_refined ?      ?      ? ?    'X-RAY DIFFRACTION' ? 
r_symmetry_metal_ion_other   ?      ?      ? ?    'X-RAY DIFFRACTION' ? 
r_mcbond_it                  4.733  2.000  ? 639  'X-RAY DIFFRACTION' ? 
r_mcbond_other               ?      ?      ? ?    'X-RAY DIFFRACTION' ? 
r_mcangle_it                 5.993  3.000  ? 995  'X-RAY DIFFRACTION' ? 
r_scbond_it                  7.688  3.000  ? 434  'X-RAY DIFFRACTION' ? 
r_scangle_it                 11.266 5.000  ? 376  'X-RAY DIFFRACTION' ? 
r_rigid_bond_restr           ?      ?      ? ?    'X-RAY DIFFRACTION' ? 
r_sphericity_free            ?      ?      ? ?    'X-RAY DIFFRACTION' ? 
r_sphericity_bonded          ?      ?      ? ?    'X-RAY DIFFRACTION' ? 
# 
_refine_ls_shell.pdbx_total_number_of_bins_used   20 
_refine_ls_shell.d_res_high                       2.000 
_refine_ls_shell.d_res_low                        2.048 
_refine_ls_shell.number_reflns_R_work             865 
_refine_ls_shell.R_factor_R_work                  0.331 
_refine_ls_shell.percent_reflns_obs               96.15 
_refine_ls_shell.R_factor_R_free                  0.342 
_refine_ls_shell.R_factor_R_free_error            ? 
_refine_ls_shell.percent_reflns_R_free            ? 
_refine_ls_shell.number_reflns_R_free             35 
_refine_ls_shell.number_reflns_all                ? 
_refine_ls_shell.R_factor_all                     ? 
_refine_ls_shell.number_reflns_obs                ? 
_refine_ls_shell.redundancy_reflns_obs            ? 
_refine_ls_shell.pdbx_refine_id                   'X-RAY DIFFRACTION' 
# 
_struct.entry_id                  2QUP 
_struct.title                     'Crystal structure of uncharacterized protein BH1478 from Bacillus halodurans' 
_struct.pdbx_model_details        ? 
_struct.pdbx_CASP_flag            ? 
_struct.pdbx_model_type_details   ? 
# 
_struct_keywords.entry_id        2QUP 
_struct_keywords.pdbx_keywords   'STRUCTURAL GENOMICS, UNKNOWN FUNCTION' 
_struct_keywords.text            
;STRUCTURAL GENOMICS, UNKNOWN FUNCTION, PSI-2, PROTEIN STRUCTURE INITIATIVE, New York SGX Research Center for Structural Genomics, NYSGXRC
;
# 
loop_
_struct_asym.id 
_struct_asym.pdbx_blank_PDB_chainid_flag 
_struct_asym.pdbx_modified 
_struct_asym.entity_id 
_struct_asym.details 
A N N 1 ? 
B N N 2 ? 
C N N 3 ? 
# 
_struct_biol.id   1 
# 
loop_
_struct_conf.conf_type_id 
_struct_conf.id 
_struct_conf.pdbx_PDB_helix_id 
_struct_conf.beg_label_comp_id 
_struct_conf.beg_label_asym_id 
_struct_conf.beg_label_seq_id 
_struct_conf.pdbx_beg_PDB_ins_code 
_struct_conf.end_label_comp_id 
_struct_conf.end_label_asym_id 
_struct_conf.end_label_seq_id 
_struct_conf.pdbx_end_PDB_ins_code 
_struct_conf.beg_auth_comp_id 
_struct_conf.beg_auth_asym_id 
_struct_conf.beg_auth_seq_id 
_struct_conf.end_auth_comp_id 
_struct_conf.end_auth_asym_id 
_struct_conf.end_auth_seq_id 
_struct_conf.pdbx_PDB_helix_class 
_struct_conf.details 
_struct_conf.pdbx_PDB_helix_length 
HELX_P HELX_P1 1 SER A 26  ? ARG A 61  ? SER A 26  ARG A 61  1 ? 36 
HELX_P HELX_P2 2 THR A 62  ? GLU A 89  ? THR A 62  GLU A 89  1 ? 28 
HELX_P HELX_P3 3 GLY A 97  ? ALA A 121 ? GLY A 97  ALA A 121 1 ? 25 
HELX_P HELX_P4 4 LYS A 125 ? ASN A 142 ? LYS A 125 ASN A 142 1 ? 18 
# 
_struct_conf_type.id          HELX_P 
_struct_conf_type.criteria    ? 
_struct_conf_type.reference   ? 
# 
_struct_site.id                   AC1 
_struct_site.pdbx_evidence_code   Software 
_struct_site.pdbx_auth_asym_id    A 
_struct_site.pdbx_auth_comp_id    GOL 
_struct_site.pdbx_auth_seq_id     146 
_struct_site.pdbx_auth_ins_code   ? 
_struct_site.pdbx_num_residues    5 
_struct_site.details              'BINDING SITE FOR RESIDUE GOL A 146' 
# 
loop_
_struct_site_gen.id 
_struct_site_gen.site_id 
_struct_site_gen.pdbx_num_res 
_struct_site_gen.label_comp_id 
_struct_site_gen.label_asym_id 
_struct_site_gen.label_seq_id 
_struct_site_gen.pdbx_auth_ins_code 
_struct_site_gen.auth_comp_id 
_struct_site_gen.auth_asym_id 
_struct_site_gen.auth_seq_id 
_struct_site_gen.label_atom_id 
_struct_site_gen.label_alt_id 
_struct_site_gen.symmetry 
_struct_site_gen.details 
1 AC1 5 LYS A 70  ? LYS A 70  . ? 1_555 ? 
2 AC1 5 ASP A 109 ? ASP A 109 . ? 1_555 ? 
3 AC1 5 LEU A 112 ? LEU A 112 . ? 1_555 ? 
4 AC1 5 LEU A 113 ? LEU A 113 . ? 1_555 ? 
5 AC1 5 HOH C .   ? HOH A 198 . ? 4_555 ? 
# 
_atom_sites.entry_id                    2QUP 
_atom_sites.fract_transf_matrix[1][1]   -0.00018278 
_atom_sites.fract_transf_matrix[1][2]   -0.00389686 
_atom_sites.fract_transf_matrix[1][3]   -0.00748813 
_atom_sites.fract_transf_matrix[2][1]   0.01474765 
_atom_sites.fract_transf_matrix[2][2]   0.01727278 
_atom_sites.fract_transf_matrix[2][3]   -0.00934883 
_atom_sites.fract_transf_matrix[3][1]   0.02044736 
_atom_sites.fract_transf_matrix[3][2]   -0.01483606 
_atom_sites.fract_transf_matrix[3][3]   0.00484451 
_atom_sites.fract_transf_vector[1]      0.214537 
_atom_sites.fract_transf_vector[2]      -0.369888 
_atom_sites.fract_transf_vector[3]      0.279380 
# 
loop_
_atom_type.symbol 
C 
N 
O 
S 
# 
loop_
_atom_site.group_PDB 
_atom_site.id 
_atom_site.type_symbol 
_atom_site.label_atom_id 
_atom_site.label_alt_id 
_atom_site.label_comp_id 
_atom_site.label_asym_id 
_atom_site.label_entity_id 
_atom_site.label_seq_id 
_atom_site.pdbx_PDB_ins_code 
_atom_site.Cartn_x 
_atom_site.Cartn_y 
_atom_site.Cartn_z 
_atom_site.occupancy 
_atom_site.B_iso_or_equiv 
_atom_site.pdbx_formal_charge 
_atom_site.auth_seq_id 
_atom_site.auth_comp_id 
_atom_site.auth_asym_id 
_atom_site.auth_atom_id 
_atom_site.pdbx_PDB_model_num 
ATOM   1    N N   . GLY A 1 24  ? 27.994  17.226  16.152  1.00 73.73  ? 24  GLY A N   1 
ATOM   2    C CA  . GLY A 1 24  ? 27.414  18.586  16.366  1.00 73.77  ? 24  GLY A CA  1 
ATOM   3    C C   . GLY A 1 24  ? 26.002  18.734  15.818  1.00 73.26  ? 24  GLY A C   1 
ATOM   4    O O   . GLY A 1 24  ? 25.560  19.849  15.522  1.00 74.84  ? 24  GLY A O   1 
ATOM   5    N N   . VAL A 1 25  ? 25.299  17.606  15.705  1.00 68.89  ? 25  VAL A N   1 
ATOM   6    C CA  . VAL A 1 25  ? 23.987  17.512  15.051  1.00 66.78  ? 25  VAL A CA  1 
ATOM   7    C C   . VAL A 1 25  ? 22.893  18.241  15.845  1.00 62.88  ? 25  VAL A C   1 
ATOM   8    O O   . VAL A 1 25  ? 22.873  18.191  17.074  1.00 66.61  ? 25  VAL A O   1 
ATOM   9    C CB  . VAL A 1 25  ? 23.581  16.022  14.854  1.00 70.22  ? 25  VAL A CB  1 
ATOM   10   C CG1 . VAL A 1 25  ? 22.524  15.883  13.769  1.00 71.88  ? 25  VAL A CG1 1 
ATOM   11   C CG2 . VAL A 1 25  ? 24.811  15.154  14.516  1.00 73.37  ? 25  VAL A CG2 1 
ATOM   12   N N   . SER A 1 26  ? 21.997  18.928  15.141  1.00 58.19  ? 26  SER A N   1 
ATOM   13   C CA  . SER A 1 26  ? 20.934  19.702  15.784  1.00 55.88  ? 26  SER A CA  1 
ATOM   14   C C   . SER A 1 26  ? 19.738  18.828  16.182  1.00 57.09  ? 26  SER A C   1 
ATOM   15   O O   . SER A 1 26  ? 19.556  17.736  15.646  1.00 55.25  ? 26  SER A O   1 
ATOM   16   C CB  . SER A 1 26  ? 20.472  20.841  14.872  1.00 57.95  ? 26  SER A CB  1 
ATOM   17   O OG  . SER A 1 26  ? 19.453  20.412  13.977  1.00 57.99  ? 26  SER A OG  1 
ATOM   18   N N   . PHE A 1 27  ? 18.923  19.325  17.111  1.00 54.26  ? 27  PHE A N   1 
ATOM   19   C CA  . PHE A 1 27  ? 17.840  18.542  17.707  1.00 54.67  ? 27  PHE A CA  1 
ATOM   20   C C   . PHE A 1 27  ? 16.674  18.288  16.748  1.00 54.18  ? 27  PHE A C   1 
ATOM   21   O O   . PHE A 1 27  ? 16.172  17.167  16.663  1.00 52.67  ? 27  PHE A O   1 
ATOM   22   C CB  . PHE A 1 27  ? 17.341  19.215  18.986  1.00 53.07  ? 27  PHE A CB  1 
ATOM   23   C CG  . PHE A 1 27  ? 16.126  18.563  19.595  1.00 52.40  ? 27  PHE A CG  1 
ATOM   24   C CD1 . PHE A 1 27  ? 16.224  17.317  20.215  1.00 52.72  ? 27  PHE A CD1 1 
ATOM   25   C CD2 . PHE A 1 27  ? 14.886  19.207  19.564  1.00 55.86  ? 27  PHE A CD2 1 
ATOM   26   C CE1 . PHE A 1 27  ? 15.098  16.717  20.783  1.00 57.26  ? 27  PHE A CE1 1 
ATOM   27   C CE2 . PHE A 1 27  ? 13.757  18.619  20.129  1.00 55.65  ? 27  PHE A CE2 1 
ATOM   28   C CZ  . PHE A 1 27  ? 13.862  17.376  20.749  1.00 54.93  ? 27  PHE A CZ  1 
ATOM   29   N N   . SER A 1 28  ? 16.253  19.332  16.041  1.00 54.29  ? 28  SER A N   1 
ATOM   30   C CA  . SER A 1 28  ? 15.113  19.263  15.139  1.00 58.34  ? 28  SER A CA  1 
ATOM   31   C C   . SER A 1 28  ? 15.413  18.434  13.886  1.00 57.85  ? 28  SER A C   1 
ATOM   32   O O   . SER A 1 28  ? 14.504  17.875  13.269  1.00 61.04  ? 28  SER A O   1 
ATOM   33   C CB  . SER A 1 28  ? 14.687  20.673  14.736  1.00 59.78  ? 28  SER A CB  1 
ATOM   34   O OG  . SER A 1 28  ? 15.639  21.225  13.853  1.00 63.02  ? 28  SER A OG  1 
ATOM   35   N N   . GLU A 1 29  ? 16.687  18.371  13.519  1.00 54.64  ? 29  GLU A N   1 
ATOM   36   C CA  . GLU A 1 29  ? 17.153  17.457  12.493  1.00 57.24  ? 29  GLU A CA  1 
ATOM   37   C C   . GLU A 1 29  ? 16.967  16.009  12.925  1.00 54.37  ? 29  GLU A C   1 
ATOM   38   O O   . GLU A 1 29  ? 16.492  15.192  12.145  1.00 55.61  ? 29  GLU A O   1 
ATOM   39   C CB  . GLU A 1 29  ? 18.620  17.729  12.175  1.00 60.30  ? 29  GLU A CB  1 
ATOM   40   C CG  . GLU A 1 29  ? 19.068  17.258  10.804  1.00 74.48  ? 29  GLU A CG  1 
ATOM   41   C CD  . GLU A 1 29  ? 20.537  16.861  10.769  1.00 84.33  ? 29  GLU A CD  1 
ATOM   42   O OE1 . GLU A 1 29  ? 21.398  17.702  11.121  1.00 87.64  ? 29  GLU A OE1 1 
ATOM   43   O OE2 . GLU A 1 29  ? 20.827  15.706  10.384  1.00 86.01  ? 29  GLU A OE2 1 
ATOM   44   N N   . VAL A 1 30  ? 17.342  15.705  14.166  1.00 53.69  ? 30  VAL A N   1 
ATOM   45   C CA  . VAL A 1 30  ? 17.274  14.337  14.695  1.00 50.97  ? 30  VAL A CA  1 
ATOM   46   C C   . VAL A 1 30  ? 15.821  13.905  14.881  1.00 49.47  ? 30  VAL A C   1 
ATOM   47   O O   . VAL A 1 30  ? 15.459  12.776  14.537  1.00 46.49  ? 30  VAL A O   1 
ATOM   48   C CB  . VAL A 1 30  ? 18.066  14.181  16.030  1.00 48.97  ? 30  VAL A CB  1 
ATOM   49   C CG1 . VAL A 1 30  ? 17.969  12.750  16.557  1.00 51.33  ? 30  VAL A CG1 1 
ATOM   50   C CG2 . VAL A 1 30  ? 19.528  14.520  15.823  1.00 50.25  ? 30  VAL A CG2 1 
ATOM   51   N N   . MET A 1 31  ? 15.007  14.825  15.408  1.00 49.39  ? 31  MET A N   1 
ATOM   52   C CA  A MET A 1 31  ? 13.560  14.652  15.610  0.50 51.79  ? 31  MET A CA  1 
ATOM   53   C CA  B MET A 1 31  ? 13.589  14.557  15.604  0.50 47.97  ? 31  MET A CA  1 
ATOM   54   C C   . MET A 1 31  ? 12.862  14.259  14.301  1.00 47.89  ? 31  MET A C   1 
ATOM   55   O O   . MET A 1 31  ? 12.043  13.344  14.263  1.00 50.95  ? 31  MET A O   1 
ATOM   56   C CB  A MET A 1 31  ? 12.975  15.973  16.142  0.50 51.88  ? 31  MET A CB  1 
ATOM   57   C CB  B MET A 1 31  ? 12.900  15.677  16.379  0.50 46.74  ? 31  MET A CB  1 
ATOM   58   C CG  A MET A 1 31  ? 11.763  15.863  17.065  0.50 57.47  ? 31  MET A CG  1 
ATOM   59   C CG  B MET A 1 31  ? 13.171  15.648  17.873  0.50 45.08  ? 31  MET A CG  1 
ATOM   60   S SD  A MET A 1 31  ? 11.234  17.483  17.698  0.50 59.56  ? 31  MET A SD  1 
ATOM   61   S SD  B MET A 1 31  ? 12.989  14.040  18.690  0.50 50.56  ? 31  MET A SD  1 
ATOM   62   C CE  A MET A 1 31  ? 9.583   17.113  18.294  0.50 54.38  ? 31  MET A CE  1 
ATOM   63   C CE  B MET A 1 31  ? 11.513  14.301  19.678  0.50 49.59  ? 31  MET A CE  1 
ATOM   64   N N   . GLY A 1 32  ? 13.196  14.990  13.237  1.00 46.97  ? 32  GLY A N   1 
ATOM   65   C CA  . GLY A 1 32  ? 12.678  14.745  11.893  1.00 39.94  ? 32  GLY A CA  1 
ATOM   66   C C   . GLY A 1 32  ? 13.026  13.373  11.351  1.00 42.10  ? 32  GLY A C   1 
ATOM   67   O O   . GLY A 1 32  ? 12.170  12.697  10.782  1.00 39.47  ? 32  GLY A O   1 
ATOM   68   N N   . LYS A 1 33  ? 14.278  12.967  11.544  1.00 39.40  ? 33  LYS A N   1 
ATOM   69   C CA  . LYS A 1 33  ? 14.745  11.645  11.158  1.00 42.93  ? 33  LYS A CA  1 
ATOM   70   C C   . LYS A 1 33  ? 14.030  10.531  11.906  1.00 39.88  ? 33  LYS A C   1 
ATOM   71   O O   . LYS A 1 33  ? 13.728  9.483   11.337  1.00 40.16  ? 33  LYS A O   1 
ATOM   72   C CB  . LYS A 1 33  ? 16.254  11.529  11.354  1.00 44.98  ? 33  LYS A CB  1 
ATOM   73   C CG  . LYS A 1 33  ? 17.033  11.613  10.052  1.00 58.38  ? 33  LYS A CG  1 
ATOM   74   C CD  . LYS A 1 33  ? 18.416  12.216  10.259  1.00 73.36  ? 33  LYS A CD  1 
ATOM   75   C CE  . LYS A 1 33  ? 19.340  11.912  9.079   1.00 78.51  ? 33  LYS A CE  1 
ATOM   76   N NZ  . LYS A 1 33  ? 20.019  13.140  8.577   1.00 80.43  ? 33  LYS A NZ  1 
ATOM   77   N N   . GLN A 1 34  ? 13.762  10.776  13.179  1.00 38.34  ? 34  GLN A N   1 
ATOM   78   C CA  . GLN A 1 34  ? 13.101  9.817   14.045  1.00 41.15  ? 34  GLN A CA  1 
ATOM   79   C C   . GLN A 1 34  ? 11.636  9.712   13.678  1.00 38.02  ? 34  GLN A C   1 
ATOM   80   O O   . GLN A 1 34  ? 11.060  8.631   13.735  1.00 38.67  ? 34  GLN A O   1 
ATOM   81   C CB  . GLN A 1 34  ? 13.205  10.290  15.488  1.00 44.95  ? 34  GLN A CB  1 
ATOM   82   C CG  . GLN A 1 34  ? 14.510  9.950   16.166  1.00 56.45  ? 34  GLN A CG  1 
ATOM   83   C CD  . GLN A 1 34  ? 14.489  10.282  17.646  1.00 68.79  ? 34  GLN A CD  1 
ATOM   84   O OE1 . GLN A 1 34  ? 13.505  10.823  18.165  1.00 68.92  ? 34  GLN A OE1 1 
ATOM   85   N NE2 . GLN A 1 34  ? 15.580  9.956   18.338  1.00 70.92  ? 34  GLN A NE2 1 
ATOM   86   N N   . ARG A 1 35  ? 11.048  10.854  13.319  1.00 38.05  ? 35  ARG A N   1 
ATOM   87   C CA  . ARG A 1 35  ? 9.684   10.918  12.818  1.00 40.55  ? 35  ARG A CA  1 
ATOM   88   C C   . ARG A 1 35  ? 9.516   10.067  11.561  1.00 40.61  ? 35  ARG A C   1 
ATOM   89   O O   . ARG A 1 35  ? 8.551   9.299   11.453  1.00 41.50  ? 35  ARG A O   1 
ATOM   90   C CB  . ARG A 1 35  ? 9.284   12.360  12.540  1.00 41.72  ? 35  ARG A CB  1 
ATOM   91   C CG  . ARG A 1 35  ? 7.833   12.513  12.160  1.00 48.31  ? 35  ARG A CG  1 
ATOM   92   C CD  . ARG A 1 35  ? 7.576   13.795  11.424  1.00 51.46  ? 35  ARG A CD  1 
ATOM   93   N NE  . ARG A 1 35  ? 6.150   13.961  11.166  1.00 56.31  ? 35  ARG A NE  1 
ATOM   94   C CZ  . ARG A 1 35  ? 5.612   15.020  10.572  1.00 59.33  ? 35  ARG A CZ  1 
ATOM   95   N NH1 . ARG A 1 35  ? 6.372   16.029  10.159  1.00 57.93  ? 35  ARG A NH1 1 
ATOM   96   N NH2 . ARG A 1 35  ? 4.303   15.070  10.390  1.00 57.88  ? 35  ARG A NH2 1 
ATOM   97   N N   . ASP A 1 36  ? 10.472  10.189  10.637  1.00 35.26  ? 36  ASP A N   1 
ATOM   98   C CA  . ASP A 1 36  ? 10.477  9.423   9.390   1.00 32.83  ? 36  ASP A CA  1 
ATOM   99   C C   . ASP A 1 36  ? 10.630  7.941   9.671   1.00 35.42  ? 36  ASP A C   1 
ATOM   100  O O   . ASP A 1 36  ? 9.991   7.115   9.025   1.00 40.38  ? 36  ASP A O   1 
ATOM   101  C CB  . ASP A 1 36  ? 11.608  9.890   8.465   1.00 30.62  ? 36  ASP A CB  1 
ATOM   102  C CG  . ASP A 1 36  ? 11.445  11.339  8.009   1.00 36.11  ? 36  ASP A CG  1 
ATOM   103  O OD1 . ASP A 1 36  ? 12.415  11.897  7.460   1.00 39.50  ? 36  ASP A OD1 1 
ATOM   104  O OD2 . ASP A 1 36  ? 10.358  11.929  8.195   1.00 43.37  ? 36  ASP A OD2 1 
ATOM   105  N N   . GLU A 1 37  ? 11.474  7.624   10.647  1.00 37.62  ? 37  GLU A N   1 
ATOM   106  C CA  . GLU A 1 37  ? 11.757  6.249   11.041  1.00 44.59  ? 37  GLU A CA  1 
ATOM   107  C C   . GLU A 1 37  ? 10.528  5.543   11.603  1.00 41.51  ? 37  GLU A C   1 
ATOM   108  O O   . GLU A 1 37  ? 10.226  4.411   11.217  1.00 38.45  ? 37  GLU A O   1 
ATOM   109  C CB  . GLU A 1 37  ? 12.863  6.234   12.086  1.00 48.39  ? 37  GLU A CB  1 
ATOM   110  C CG  . GLU A 1 37  ? 14.043  5.362   11.735  1.00 67.56  ? 37  GLU A CG  1 
ATOM   111  C CD  . GLU A 1 37  ? 15.324  5.863   12.378  1.00 80.49  ? 37  GLU A CD  1 
ATOM   112  O OE1 . GLU A 1 37  ? 15.386  5.917   13.629  1.00 84.85  ? 37  GLU A OE1 1 
ATOM   113  O OE2 . GLU A 1 37  ? 16.263  6.210   11.629  1.00 86.48  ? 37  GLU A OE2 1 
ATOM   114  N N   . LYS A 1 38  ? 9.834   6.223   12.511  1.00 36.35  ? 38  LYS A N   1 
ATOM   115  C CA  . LYS A 1 38  ? 8.626   5.702   13.138  1.00 38.28  ? 38  LYS A CA  1 
ATOM   116  C C   . LYS A 1 38  ? 7.509   5.553   12.136  1.00 33.55  ? 38  LYS A C   1 
ATOM   117  O O   . LYS A 1 38  ? 6.777   4.585   12.185  1.00 39.08  ? 38  LYS A O   1 
ATOM   118  C CB  . LYS A 1 38  ? 8.162   6.610   14.284  1.00 38.61  ? 38  LYS A CB  1 
ATOM   119  C CG  . LYS A 1 38  ? 9.001   6.481   15.544  1.00 51.89  ? 38  LYS A CG  1 
ATOM   120  C CD  . LYS A 1 38  ? 8.398   7.274   16.697  1.00 66.13  ? 38  LYS A CD  1 
ATOM   121  C CE  . LYS A 1 38  ? 9.476   7.736   17.687  1.00 74.50  ? 38  LYS A CE  1 
ATOM   122  N NZ  . LYS A 1 38  ? 8.940   7.986   19.060  1.00 74.96  ? 38  LYS A NZ  1 
ATOM   123  N N   . ALA A 1 39  ? 7.375   6.518   11.233  1.00 34.11  ? 39  ALA A N   1 
ATOM   124  C CA  . ALA A 1 39  ? 6.391   6.437   10.159  1.00 32.01  ? 39  ALA A CA  1 
ATOM   125  C C   . ALA A 1 39  ? 6.660   5.242   9.244   1.00 30.17  ? 39  ALA A C   1 
ATOM   126  O O   . ALA A 1 39  ? 5.731   4.540   8.841   1.00 34.96  ? 39  ALA A O   1 
ATOM   127  C CB  . ALA A 1 39  ? 6.377   7.727   9.371   1.00 29.44  ? 39  ALA A CB  1 
ATOM   128  N N   . TYR A 1 40  ? 7.936   5.005   8.942   1.00 31.42  ? 40  TYR A N   1 
ATOM   129  C CA  . TYR A 1 40  ? 8.368   3.826   8.187   1.00 25.67  ? 40  TYR A CA  1 
ATOM   130  C C   . TYR A 1 40  ? 7.998   2.519   8.885   1.00 31.90  ? 40  TYR A C   1 
ATOM   131  O O   . TYR A 1 40  ? 7.568   1.560   8.238   1.00 33.44  ? 40  TYR A O   1 
ATOM   132  C CB  . TYR A 1 40  ? 9.887   3.864   7.947   1.00 25.25  ? 40  TYR A CB  1 
ATOM   133  C CG  . TYR A 1 40  ? 10.421  2.698   7.127   1.00 29.71  ? 40  TYR A CG  1 
ATOM   134  C CD1 . TYR A 1 40  ? 10.231  2.648   5.752   1.00 33.82  ? 40  TYR A CD1 1 
ATOM   135  C CD2 . TYR A 1 40  ? 11.120  1.650   7.726   1.00 32.91  ? 40  TYR A CD2 1 
ATOM   136  C CE1 . TYR A 1 40  ? 10.717  1.589   4.992   1.00 28.68  ? 40  TYR A CE1 1 
ATOM   137  C CE2 . TYR A 1 40  ? 11.612  0.589   6.963   1.00 27.74  ? 40  TYR A CE2 1 
ATOM   138  C CZ  . TYR A 1 40  ? 11.403  0.572   5.602   1.00 29.23  ? 40  TYR A CZ  1 
ATOM   139  O OH  . TYR A 1 40  ? 11.880  -0.467  4.842   1.00 28.97  ? 40  TYR A OH  1 
ATOM   140  N N   . GLU A 1 41  ? 8.193   2.491   10.202  1.00 31.05  ? 41  GLU A N   1 
ATOM   141  C CA  . GLU A 1 41  ? 7.929   1.319   11.023  1.00 39.74  ? 41  GLU A CA  1 
ATOM   142  C C   . GLU A 1 41  ? 6.443   0.996   11.067  1.00 33.81  ? 41  GLU A C   1 
ATOM   143  O O   . GLU A 1 41  ? 6.066   -0.167  11.015  1.00 36.83  ? 41  GLU A O   1 
ATOM   144  C CB  . GLU A 1 41  ? 8.445   1.551   12.452  1.00 40.95  ? 41  GLU A CB  1 
ATOM   145  C CG  . GLU A 1 41  ? 9.888   1.065   12.698  1.00 58.63  ? 41  GLU A CG  1 
ATOM   146  C CD  . GLU A 1 41  ? 10.538  1.677   13.956  1.00 62.55  ? 41  GLU A CD  1 
ATOM   147  O OE1 . GLU A 1 41  ? 9.819   1.930   14.955  1.00 71.28  ? 41  GLU A OE1 1 
ATOM   148  O OE2 . GLU A 1 41  ? 11.777  1.898   13.941  1.00 75.37  ? 41  GLU A OE2 1 
ATOM   149  N N   . ARG A 1 42  ? 5.616   2.036   11.174  1.00 35.95  ? 42  ARG A N   1 
ATOM   150  C CA  . ARG A 1 42  ? 4.160   1.923   11.103  1.00 36.13  ? 42  ARG A CA  1 
ATOM   151  C C   . ARG A 1 42  ? 3.685   1.372   9.760   1.00 35.99  ? 42  ARG A C   1 
ATOM   152  O O   . ARG A 1 42  ? 2.839   0.477   9.700   1.00 38.67  ? 42  ARG A O   1 
ATOM   153  C CB  . ARG A 1 42  ? 3.523   3.280   11.368  1.00 35.85  ? 42  ARG A CB  1 
ATOM   154  C CG  . ARG A 1 42  ? 3.308   3.566   12.836  1.00 45.24  ? 42  ARG A CG  1 
ATOM   155  C CD  . ARG A 1 42  ? 2.439   4.799   13.048  1.00 55.24  ? 42  ARG A CD  1 
ATOM   156  N NE  . ARG A 1 42  ? 3.262   6.005   13.155  1.00 62.97  ? 42  ARG A NE  1 
ATOM   157  C CZ  . ARG A 1 42  ? 3.244   7.016   12.288  1.00 69.59  ? 42  ARG A CZ  1 
ATOM   158  N NH1 . ARG A 1 42  ? 2.430   7.003   11.232  1.00 73.47  ? 42  ARG A NH1 1 
ATOM   159  N NH2 . ARG A 1 42  ? 4.046   8.054   12.475  1.00 59.04  ? 42  ARG A NH2 1 
ATOM   160  N N   . LEU A 1 43  ? 4.272   1.880   8.688   1.00 32.30  ? 43  LEU A N   1 
ATOM   161  C CA  . LEU A 1 43  ? 4.075   1.320   7.356   1.00 26.80  ? 43  LEU A CA  1 
ATOM   162  C C   . LEU A 1 43  ? 4.460   -0.149  7.214   1.00 29.98  ? 43  LEU A C   1 
ATOM   163  O O   . LEU A 1 43  ? 3.853   -0.873  6.425   1.00 29.16  ? 43  LEU A O   1 
ATOM   164  C CB  . LEU A 1 43  ? 4.853   2.147   6.322   1.00 19.66  ? 43  LEU A CB  1 
ATOM   165  C CG  . LEU A 1 43  ? 4.407   3.529   5.867   1.00 25.82  ? 43  LEU A CG  1 
ATOM   166  C CD1 . LEU A 1 43  ? 5.321   3.958   4.722   1.00 27.24  ? 43  LEU A CD1 1 
ATOM   167  C CD2 . LEU A 1 43  ? 2.931   3.573   5.468   1.00 18.36  ? 43  LEU A CD2 1 
ATOM   168  N N   . GLN A 1 44  ? 5.497   -0.579  7.929   1.00 35.61  ? 44  GLN A N   1 
ATOM   169  C CA  . GLN A 1 44  ? 5.963   -1.966  7.836   1.00 35.30  ? 44  GLN A CA  1 
ATOM   170  C C   . GLN A 1 44  ? 4.931   -2.865  8.512   1.00 32.34  ? 44  GLN A C   1 
ATOM   171  O O   . GLN A 1 44  ? 4.605   -3.947  8.017   1.00 32.41  ? 44  GLN A O   1 
ATOM   172  C CB  . GLN A 1 44  ? 7.298   -2.139  8.566   1.00 37.20  ? 44  GLN A CB  1 
ATOM   173  C CG  . GLN A 1 44  ? 8.560   -1.661  7.854   1.00 46.56  ? 44  GLN A CG  1 
ATOM   174  C CD  . GLN A 1 44  ? 9.829   -2.037  8.648   1.00 49.93  ? 44  GLN A CD  1 
ATOM   175  O OE1 . GLN A 1 44  ? 10.715  -2.737  8.137   1.00 52.34  ? 44  GLN A OE1 1 
ATOM   176  N NE2 . GLN A 1 44  ? 9.905   -1.589  9.909   1.00 44.58  ? 44  GLN A NE2 1 
ATOM   177  N N   . ALA A 1 45  ? 4.425   -2.391  9.648   1.00 32.69  ? 45  ALA A N   1 
ATOM   178  C CA  . ALA A 1 45  ? 3.396   -3.087  10.425  1.00 35.51  ? 45  ALA A CA  1 
ATOM   179  C C   . ALA A 1 45  ? 2.078   -3.205  9.657   1.00 30.92  ? 45  ALA A C   1 
ATOM   180  O O   . ALA A 1 45  ? 1.457   -4.252  9.656   1.00 29.08  ? 45  ALA A O   1 
ATOM   181  C CB  . ALA A 1 45  ? 3.183   -2.375  11.781  1.00 33.44  ? 45  ALA A CB  1 
ATOM   182  N N   . LEU A 1 46  ? 1.674   -2.119  9.001   1.00 28.35  ? 46  LEU A N   1 
ATOM   183  C CA  . LEU A 1 46  ? 0.523   -2.113  8.109   1.00 24.49  ? 46  LEU A CA  1 
ATOM   184  C C   . LEU A 1 46  ? 0.687   -3.052  6.911   1.00 26.73  ? 46  LEU A C   1 
ATOM   185  O O   . LEU A 1 46  ? -0.249  -3.721  6.515   1.00 32.34  ? 46  LEU A O   1 
ATOM   186  C CB  . LEU A 1 46  ? 0.301   -0.692  7.609   1.00 18.22  ? 46  LEU A CB  1 
ATOM   187  C CG  . LEU A 1 46  ? -1.052  -0.248  7.089   1.00 23.67  ? 46  LEU A CG  1 
ATOM   188  C CD1 . LEU A 1 46  ? -2.217  -0.879  7.894   1.00 28.80  ? 46  LEU A CD1 1 
ATOM   189  C CD2 . LEU A 1 46  ? -1.101  1.247   7.175   1.00 24.07  ? 46  LEU A CD2 1 
ATOM   190  N N   . MET A 1 47  ? 1.876   -3.092  6.331   1.00 27.92  ? 47  MET A N   1 
ATOM   191  C CA  . MET A 1 47  ? 2.149   -3.983  5.197   1.00 24.85  ? 47  MET A CA  1 
ATOM   192  C C   . MET A 1 47  ? 2.062   -5.478  5.585   1.00 29.97  ? 47  MET A C   1 
ATOM   193  O O   . MET A 1 47  ? 1.717   -6.331  4.755   1.00 31.61  ? 47  MET A O   1 
ATOM   194  C CB  . MET A 1 47  ? 3.516   -3.634  4.624   1.00 30.84  ? 47  MET A CB  1 
ATOM   195  C CG  . MET A 1 47  ? 3.908   -4.314  3.315   1.00 29.37  ? 47  MET A CG  1 
ATOM   196  S SD  . MET A 1 47  ? 2.624   -4.397  2.054   1.00 35.49  ? 47  MET A SD  1 
ATOM   197  C CE  . MET A 1 47  ? 2.640   -2.730  1.430   1.00 16.01  ? 47  MET A CE  1 
ATOM   198  N N   . SER A 1 48  ? 2.385   -5.779  6.841   1.00 30.18  ? 48  SER A N   1 
ATOM   199  C CA  A SER A 1 48  ? 2.256   -7.129  7.378   0.50 31.19  ? 48  SER A CA  1 
ATOM   200  C CA  B SER A 1 48  ? 2.256   -7.125  7.381   0.50 31.01  ? 48  SER A CA  1 
ATOM   201  C C   . SER A 1 48  ? 0.792   -7.568  7.383   1.00 31.71  ? 48  SER A C   1 
ATOM   202  O O   . SER A 1 48  ? 0.464   -8.659  6.900   1.00 33.44  ? 48  SER A O   1 
ATOM   203  C CB  A SER A 1 48  ? 2.853   -7.212  8.792   0.50 32.06  ? 48  SER A CB  1 
ATOM   204  C CB  B SER A 1 48  ? 2.837   -7.185  8.801   0.50 31.68  ? 48  SER A CB  1 
ATOM   205  O OG  A SER A 1 48  ? 4.266   -7.332  8.749   0.50 30.32  ? 48  SER A OG  1 
ATOM   206  O OG  B SER A 1 48  ? 2.719   -8.484  9.348   0.50 29.10  ? 48  SER A OG  1 
ATOM   207  N N   . LYS A 1 49  ? -0.079  -6.712  7.928   1.00 24.30  ? 49  LYS A N   1 
ATOM   208  C CA  . LYS A 1 49  ? -1.535  -6.859  7.828   1.00 21.27  ? 49  LYS A CA  1 
ATOM   209  C C   . LYS A 1 49  ? -2.007  -6.977  6.378   1.00 22.69  ? 49  LYS A C   1 
ATOM   210  O O   . LYS A 1 49  ? -2.730  -7.895  6.021   1.00 29.31  ? 49  LYS A O   1 
ATOM   211  C CB  . LYS A 1 49  ? -2.207  -5.660  8.460   1.00 20.03  ? 49  LYS A CB  1 
ATOM   212  C CG  . LYS A 1 49  ? -2.059  -5.631  9.964   1.00 23.66  ? 49  LYS A CG  1 
ATOM   213  C CD  . LYS A 1 49  ? -2.698  -4.364  10.515  1.00 34.63  ? 49  LYS A CD  1 
ATOM   214  C CE  . LYS A 1 49  ? -2.797  -4.431  12.015  1.00 36.37  ? 49  LYS A CE  1 
ATOM   215  N NZ  . LYS A 1 49  ? -1.575  -3.865  12.622  1.00 47.40  ? 49  LYS A NZ  1 
ATOM   216  N N   . ILE A 1 50  ? -1.559  -6.062  5.540   1.00 22.47  ? 50  ILE A N   1 
ATOM   217  C CA  . ILE A 1 50  ? -1.904  -6.086  4.119   1.00 24.35  ? 50  ILE A CA  1 
ATOM   218  C C   . ILE A 1 50  ? -1.519  -7.407  3.450   1.00 23.96  ? 50  ILE A C   1 
ATOM   219  O O   . ILE A 1 50  ? -2.308  -7.953  2.679   1.00 28.29  ? 50  ILE A O   1 
ATOM   220  C CB  . ILE A 1 50  ? -1.315  -4.861  3.378   1.00 28.10  ? 50  ILE A CB  1 
ATOM   221  C CG1 . ILE A 1 50  ? -1.982  -3.568  3.856   1.00 15.65  ? 50  ILE A CG1 1 
ATOM   222  C CG2 . ILE A 1 50  ? -1.566  -4.929  1.899   1.00 16.32  ? 50  ILE A CG2 1 
ATOM   223  C CD1 . ILE A 1 50  ? -1.300  -2.334  3.308   1.00 11.49  ? 50  ILE A CD1 1 
ATOM   224  N N   . ASP A 1 51  ? -0.329  -7.923  3.754   1.00 25.80  ? 51  ASP A N   1 
ATOM   225  C CA  . ASP A 1 51  ? 0.114   -9.233  3.234   1.00 30.13  ? 51  ASP A CA  1 
ATOM   226  C C   . ASP A 1 51  ? -0.812  -10.373 3.659   1.00 29.33  ? 51  ASP A C   1 
ATOM   227  O O   . ASP A 1 51  ? -1.168  -11.241 2.860   1.00 20.96  ? 51  ASP A O   1 
ATOM   228  C CB  . ASP A 1 51  ? 1.518   -9.564  3.742   1.00 35.24  ? 51  ASP A CB  1 
ATOM   229  C CG  . ASP A 1 51  ? 2.596   -8.892  2.949   1.00 42.54  ? 51  ASP A CG  1 
ATOM   230  O OD1 . ASP A 1 51  ? 2.369   -8.580  1.762   1.00 58.22  ? 51  ASP A OD1 1 
ATOM   231  O OD2 . ASP A 1 51  ? 3.684   -8.680  3.517   1.00 55.95  ? 51  ASP A OD2 1 
ATOM   232  N N   . ASP A 1 52  ? -1.183  -10.366 4.934   1.00 21.74  ? 52  ASP A N   1 
ATOM   233  C CA  . ASP A 1 52  ? -2.042  -11.407 5.507   1.00 29.91  ? 52  ASP A CA  1 
ATOM   234  C C   . ASP A 1 52  ? -3.466  -11.346 4.950   1.00 26.67  ? 52  ASP A C   1 
ATOM   235  O O   . ASP A 1 52  ? -4.111  -12.381 4.714   1.00 31.77  ? 52  ASP A O   1 
ATOM   236  C CB  . ASP A 1 52  ? -2.116  -11.249 7.031   1.00 29.03  ? 52  ASP A CB  1 
ATOM   237  C CG  . ASP A 1 52  ? -0.861  -11.699 7.726   1.00 41.37  ? 52  ASP A CG  1 
ATOM   238  O OD1 . ASP A 1 52  ? -0.144  -12.555 7.165   1.00 31.72  ? 52  ASP A OD1 1 
ATOM   239  O OD2 . ASP A 1 52  ? -0.601  -11.190 8.845   1.00 43.37  ? 52  ASP A OD2 1 
ATOM   240  N N   . GLN A 1 53  ? -3.956  -10.124 4.748   1.00 22.28  ? 53  GLN A N   1 
ATOM   241  C CA  . GLN A 1 53  ? -5.306  -9.931  4.274   1.00 19.48  ? 53  GLN A CA  1 
ATOM   242  C C   . GLN A 1 53  ? -5.366  -10.218 2.767   1.00 22.55  ? 53  GLN A C   1 
ATOM   243  O O   . GLN A 1 53  ? -6.398  -10.593 2.246   1.00 22.53  ? 53  GLN A O   1 
ATOM   244  C CB  . GLN A 1 53  ? -5.775  -8.505  4.605   1.00 25.53  ? 53  GLN A CB  1 
ATOM   245  C CG  . GLN A 1 53  ? -7.247  -8.211  4.298   1.00 27.85  ? 53  GLN A CG  1 
ATOM   246  C CD  . GLN A 1 53  ? -8.218  -9.277  4.785   1.00 32.38  ? 53  GLN A CD  1 
ATOM   247  O OE1 . GLN A 1 53  ? -8.242  -9.617  5.961   1.00 33.87  ? 53  GLN A OE1 1 
ATOM   248  N NE2 . GLN A 1 53  ? -9.049  -9.778  3.881   1.00 26.07  ? 53  GLN A NE2 1 
ATOM   249  N N   . GLY A 1 54  ? -4.247  -10.050 2.081   1.00 20.64  ? 54  GLY A N   1 
ATOM   250  C CA  . GLY A 1 54  ? -4.248  -10.168 0.629   1.00 21.26  ? 54  GLY A CA  1 
ATOM   251  C C   . GLY A 1 54  ? -4.247  -11.640 0.318   1.00 15.88  ? 54  GLY A C   1 
ATOM   252  O O   . GLY A 1 54  ? -4.914  -12.099 -0.606  1.00 34.10  ? 54  GLY A O   1 
ATOM   253  N N   . LYS A 1 55  ? -3.459  -12.367 1.103   1.00 22.57  ? 55  LYS A N   1 
ATOM   254  C CA  . LYS A 1 55  ? -3.494  -13.809 1.151   1.00 20.30  ? 55  LYS A CA  1 
ATOM   255  C C   . LYS A 1 55  ? -4.855  -14.404 1.503   1.00 20.03  ? 55  LYS A C   1 
ATOM   256  O O   . LYS A 1 55  ? -5.360  -15.256 0.758   1.00 21.51  ? 55  LYS A O   1 
ATOM   257  C CB  . LYS A 1 55  ? -2.394  -14.328 2.076   1.00 24.66  ? 55  LYS A CB  1 
ATOM   258  C CG  . LYS A 1 55  ? -2.463  -15.825 2.333   1.00 32.98  ? 55  LYS A CG  1 
ATOM   259  C CD  . LYS A 1 55  ? -1.317  -16.537 1.663   1.00 48.59  ? 55  LYS A CD  1 
ATOM   260  C CE  . LYS A 1 55  ? -1.699  -17.043 0.290   1.00 48.90  ? 55  LYS A CE  1 
ATOM   261  N NZ  . LYS A 1 55  ? -0.486  -17.544 -0.426  1.00 44.60  ? 55  LYS A NZ  1 
ATOM   262  N N   . LEU A 1 56  ? -5.456  -13.966 2.617   1.00 19.35  ? 56  LEU A N   1 
ATOM   263  C CA  . LEU A 1 56  ? -6.843  -14.342 2.966   1.00 22.19  ? 56  LEU A CA  1 
ATOM   264  C C   . LEU A 1 56  ? -7.803  -14.141 1.821   1.00 23.32  ? 56  LEU A C   1 
ATOM   265  O O   . LEU A 1 56  ? -8.588  -15.037 1.531   1.00 31.49  ? 56  LEU A O   1 
ATOM   266  C CB  . LEU A 1 56  ? -7.365  -13.531 4.164   1.00 22.90  ? 56  LEU A CB  1 
ATOM   267  C CG  . LEU A 1 56  ? -8.636  -14.032 4.837   1.00 30.14  ? 56  LEU A CG  1 
ATOM   268  C CD1 . LEU A 1 56  ? -8.575  -15.535 5.014   1.00 37.51  ? 56  LEU A CD1 1 
ATOM   269  C CD2 . LEU A 1 56  ? -8.804  -13.353 6.204   1.00 20.04  ? 56  LEU A CD2 1 
ATOM   270  N N   . LEU A 1 57  ? -7.728  -12.970 1.173   1.00 25.39  ? 57  LEU A N   1 
ATOM   271  C CA  . LEU A 1 57  ? -8.625  -12.628 0.068   1.00 21.92  ? 57  LEU A CA  1 
ATOM   272  C C   . LEU A 1 57  ? -8.397  -13.556 -1.089  1.00 19.24  ? 57  LEU A C   1 
ATOM   273  O O   . LEU A 1 57  ? -9.350  -13.948 -1.721  1.00 23.89  ? 57  LEU A O   1 
ATOM   274  C CB  . LEU A 1 57  ? -8.447  -11.184 -0.419  1.00 25.63  ? 57  LEU A CB  1 
ATOM   275  C CG  . LEU A 1 57  ? -9.014  -10.802 -1.807  1.00 21.99  ? 57  LEU A CG  1 
ATOM   276  C CD1 . LEU A 1 57  ? -10.538 -10.925 -1.888  1.00 20.92  ? 57  LEU A CD1 1 
ATOM   277  C CD2 . LEU A 1 57  ? -8.566  -9.399  -2.194  1.00 27.75  ? 57  LEU A CD2 1 
ATOM   278  N N   . SER A 1 58  ? -7.149  -13.911 -1.359  1.00 27.02  ? 58  SER A N   1 
ATOM   279  C CA  A SER A 1 58  ? -6.831  -14.859 -2.437  0.50 20.86  ? 58  SER A CA  1 
ATOM   280  C CA  B SER A 1 58  ? -6.836  -14.861 -2.434  0.50 24.42  ? 58  SER A CA  1 
ATOM   281  C C   . SER A 1 58  ? -7.429  -16.259 -2.184  1.00 28.75  ? 58  SER A C   1 
ATOM   282  O O   . SER A 1 58  ? -7.799  -16.986 -3.137  1.00 28.32  ? 58  SER A O   1 
ATOM   283  C CB  A SER A 1 58  ? -5.320  -14.952 -2.600  0.50 22.19  ? 58  SER A CB  1 
ATOM   284  C CB  B SER A 1 58  ? -5.327  -14.951 -2.627  0.50 27.00  ? 58  SER A CB  1 
ATOM   285  O OG  A SER A 1 58  ? -4.780  -15.839 -1.642  0.50 10.83  ? 58  SER A OG  1 
ATOM   286  O OG  B SER A 1 58  ? -5.026  -15.799 -3.718  0.50 30.08  ? 58  SER A OG  1 
ATOM   287  N N   . GLU A 1 59  ? -7.526  -16.624 -0.904  1.00 33.39  ? 59  GLU A N   1 
ATOM   288  C CA  . GLU A 1 59  ? -8.073  -17.906 -0.466  1.00 35.37  ? 59  GLU A CA  1 
ATOM   289  C C   . GLU A 1 59  ? -9.603  -17.870 -0.404  1.00 37.22  ? 59  GLU A C   1 
ATOM   290  O O   . GLU A 1 59  ? -10.260 -18.796 -0.859  1.00 39.60  ? 59  GLU A O   1 
ATOM   291  C CB  . GLU A 1 59  ? -7.538  -18.270 0.933   1.00 37.12  ? 59  GLU A CB  1 
ATOM   292  C CG  . GLU A 1 59  ? -6.033  -18.504 1.059   1.00 44.38  ? 59  GLU A CG  1 
ATOM   293  C CD  . GLU A 1 59  ? -5.538  -19.752 0.336   1.00 55.19  ? 59  GLU A CD  1 
ATOM   294  O OE1 . GLU A 1 59  ? -4.699  -19.594 -0.574  1.00 56.36  ? 59  GLU A OE1 1 
ATOM   295  O OE2 . GLU A 1 59  ? -5.965  -20.882 0.678   1.00 57.44  ? 59  GLU A OE2 1 
ATOM   296  N N   . THR A 1 60  ? -10.173 -16.830 0.202   1.00 34.93  ? 60  THR A N   1 
ATOM   297  C CA  . THR A 1 60  ? -11.617 -16.794 0.418   1.00 31.50  ? 60  THR A CA  1 
ATOM   298  C C   . THR A 1 60  ? -12.349 -16.245 -0.792  1.00 36.53  ? 60  THR A C   1 
ATOM   299  O O   . THR A 1 60  ? -13.309 -16.871 -1.247  1.00 45.33  ? 60  THR A O   1 
ATOM   300  C CB  . THR A 1 60  ? -12.030 -15.978 1.641   1.00 34.60  ? 60  THR A CB  1 
ATOM   301  O OG1 . THR A 1 60  ? -11.699 -14.616 1.402   1.00 44.24  ? 60  THR A OG1 1 
ATOM   302  C CG2 . THR A 1 60  ? -11.323 -16.455 2.887   1.00 31.70  ? 60  THR A CG2 1 
ATOM   303  N N   . ARG A 1 61  ? -11.920 -15.089 -1.262  1.00 30.78  ? 61  ARG A N   1 
ATOM   304  C CA  A ARG A 1 61  ? -12.435 -14.422 -2.498  0.50 31.44  ? 61  ARG A CA  1 
ATOM   305  C CA  B ARG A 1 61  ? -12.474 -14.452 -2.435  0.50 32.72  ? 61  ARG A CA  1 
ATOM   306  C C   . ARG A 1 61  ? -13.869 -13.893 -2.289  1.00 32.22  ? 61  ARG A C   1 
ATOM   307  O O   . ARG A 1 61  ? -14.688 -13.954 -3.137  1.00 28.16  ? 61  ARG A O   1 
ATOM   308  C CB  A ARG A 1 61  ? -12.284 -15.275 -3.770  0.50 30.69  ? 61  ARG A CB  1 
ATOM   309  C CB  B ARG A 1 61  ? -12.376 -15.318 -3.666  0.50 32.16  ? 61  ARG A CB  1 
ATOM   310  C CG  A ARG A 1 61  ? -10.870 -15.806 -3.998  0.50 33.27  ? 61  ARG A CG  1 
ATOM   311  C CG  B ARG A 1 61  ? -10.995 -15.596 -4.107  0.50 37.05  ? 61  ARG A CG  1 
ATOM   312  C CD  A ARG A 1 61  ? -10.840 -16.995 -4.941  0.50 30.31  ? 61  ARG A CD  1 
ATOM   313  C CD  B ARG A 1 61  ? -10.931 -16.797 -4.985  0.50 35.92  ? 61  ARG A CD  1 
ATOM   314  N NE  A ARG A 1 61  ? -11.482 -18.189 -4.382  0.50 37.08  ? 61  ARG A NE  1 
ATOM   315  N NE  B ARG A 1 61  ? -10.779 -17.968 -4.160  0.50 50.75  ? 61  ARG A NE  1 
ATOM   316  C CZ  A ARG A 1 61  ? -10.840 -19.216 -3.820  0.50 36.82  ? 61  ARG A CZ  1 
ATOM   317  C CZ  B ARG A 1 61  ? -11.203 -19.182 -4.447  0.50 51.71  ? 61  ARG A CZ  1 
ATOM   318  N NH1 A ARG A 1 61  ? -11.526 -20.250 -3.357  0.50 35.45  ? 61  ARG A NH1 1 
ATOM   319  N NH1 B ARG A 1 61  ? -10.993 -20.155 -3.602  0.50 52.36  ? 61  ARG A NH1 1 
ATOM   320  N NH2 A ARG A 1 61  ? -9.517  -19.212 -3.695  0.50 32.38  ? 61  ARG A NH2 1 
ATOM   321  N NH2 B ARG A 1 61  ? -11.844 -19.423 -5.558  0.50 52.62  ? 61  ARG A NH2 1 
ATOM   322  N N   . THR A 1 62  ? -14.098 -13.326 -1.130  1.00 29.08  ? 62  THR A N   1 
ATOM   323  C CA  . THR A 1 62  ? -15.393 -12.782 -0.815  1.00 24.70  ? 62  THR A CA  1 
ATOM   324  C C   . THR A 1 62  ? -15.279 -11.260 -0.864  1.00 28.27  ? 62  THR A C   1 
ATOM   325  O O   . THR A 1 62  ? -14.184 -10.709 -0.730  1.00 26.62  ? 62  THR A O   1 
ATOM   326  C CB  . THR A 1 62  ? -15.850 -13.233 0.593   1.00 28.39  ? 62  THR A CB  1 
ATOM   327  O OG1 . THR A 1 62  ? -14.912 -12.768 1.562   1.00 25.09  ? 62  THR A OG1 1 
ATOM   328  C CG2 . THR A 1 62  ? -15.960 -14.757 0.702   1.00 22.84  ? 62  THR A CG2 1 
ATOM   329  N N   . ILE A 1 63  ? -16.412 -10.584 -1.024  1.00 22.51  ? 63  ILE A N   1 
ATOM   330  C CA  . ILE A 1 63  ? -16.462 -9.117  -0.943  1.00 24.73  ? 63  ILE A CA  1 
ATOM   331  C C   . ILE A 1 63  ? -16.162 -8.641  0.482   1.00 27.16  ? 63  ILE A C   1 
ATOM   332  O O   . ILE A 1 63  ? -15.602 -7.556  0.684   1.00 35.98  ? 63  ILE A O   1 
ATOM   333  C CB  . ILE A 1 63  ? -17.830 -8.558  -1.449  1.00 20.79  ? 63  ILE A CB  1 
ATOM   334  C CG1 . ILE A 1 63  ? -17.974 -8.823  -2.943  1.00 21.77  ? 63  ILE A CG1 1 
ATOM   335  C CG2 . ILE A 1 63  ? -17.964 -7.058  -1.217  1.00 17.25  ? 63  ILE A CG2 1 
ATOM   336  C CD1 . ILE A 1 63  ? -19.372 -9.199  -3.330  1.00 34.78  ? 63  ILE A CD1 1 
ATOM   337  N N   . GLU A 1 64  ? -16.493 -9.473  1.466   1.00 25.05  ? 64  GLU A N   1 
ATOM   338  C CA  . GLU A 1 64  ? -16.126 -9.195  2.835   1.00 22.56  ? 64  GLU A CA  1 
ATOM   339  C C   . GLU A 1 64  ? -14.606 -9.110  3.020   1.00 28.97  ? 64  GLU A C   1 
ATOM   340  O O   . GLU A 1 64  ? -14.108 -8.285  3.785   1.00 21.79  ? 64  GLU A O   1 
ATOM   341  C CB  . GLU A 1 64  ? -16.716 -10.252 3.749   1.00 25.60  ? 64  GLU A CB  1 
ATOM   342  C CG  . GLU A 1 64  ? -16.369 -10.065 5.248   1.00 18.02  ? 64  GLU A CG  1 
ATOM   343  C CD  . GLU A 1 64  ? -16.599 -11.341 6.062   1.00 32.09  ? 64  GLU A CD  1 
ATOM   344  O OE1 . GLU A 1 64  ? -16.550 -11.273 7.315   1.00 19.14  ? 64  GLU A OE1 1 
ATOM   345  O OE2 . GLU A 1 64  ? -16.821 -12.415 5.444   1.00 18.40  ? 64  GLU A OE2 1 
ATOM   346  N N   . GLU A 1 65  ? -13.859 -9.963  2.328   1.00 18.43  ? 65  GLU A N   1 
ATOM   347  C CA  . GLU A 1 65  ? -12.403 -9.936  2.473   1.00 25.00  ? 65  GLU A CA  1 
ATOM   348  C C   . GLU A 1 65  ? -11.784 -8.828  1.617   1.00 23.81  ? 65  GLU A C   1 
ATOM   349  O O   . GLU A 1 65  ? -10.797 -8.222  2.018   1.00 23.54  ? 65  GLU A O   1 
ATOM   350  C CB  . GLU A 1 65  ? -11.737 -11.321 2.228   1.00 18.68  ? 65  GLU A CB  1 
ATOM   351  C CG  . GLU A 1 65  ? -12.134 -12.478 3.249   1.00 21.86  ? 65  GLU A CG  1 
ATOM   352  C CD  . GLU A 1 65  ? -12.279 -12.028 4.725   1.00 25.62  ? 65  GLU A CD  1 
ATOM   353  O OE1 . GLU A 1 65  ? -13.216 -12.479 5.410   1.00 20.83  ? 65  GLU A OE1 1 
ATOM   354  O OE2 . GLU A 1 65  ? -11.436 -11.252 5.197   1.00 30.85  ? 65  GLU A OE2 1 
ATOM   355  N N   . LEU A 1 66  ? -12.395 -8.564  0.458   1.00 27.68  ? 66  LEU A N   1 
ATOM   356  C CA  . LEU A 1 66  ? -12.099 -7.387  -0.365  1.00 22.03  ? 66  LEU A CA  1 
ATOM   357  C C   . LEU A 1 66  ? -12.259 -6.066  0.407   1.00 25.31  ? 66  LEU A C   1 
ATOM   358  O O   . LEU A 1 66  ? -11.360 -5.227  0.423   1.00 25.97  ? 66  LEU A O   1 
ATOM   359  C CB  . LEU A 1 66  ? -12.942 -7.395  -1.648  1.00 17.94  ? 66  LEU A CB  1 
ATOM   360  C CG  . LEU A 1 66  ? -12.579 -6.363  -2.723  1.00 28.98  ? 66  LEU A CG  1 
ATOM   361  C CD1 . LEU A 1 66  ? -11.223 -6.608  -3.407  1.00 33.72  ? 66  LEU A CD1 1 
ATOM   362  C CD2 . LEU A 1 66  ? -13.666 -6.267  -3.744  1.00 26.70  ? 66  LEU A CD2 1 
ATOM   363  N N   . ARG A 1 67  ? -13.386 -5.905  1.066   1.00 21.60  ? 67  ARG A N   1 
ATOM   364  C CA  . ARG A 1 67  ? -13.621 -4.726  1.882   1.00 26.88  ? 67  ARG A CA  1 
ATOM   365  C C   . ARG A 1 67  ? -12.458 -4.501  2.859   1.00 21.35  ? 67  ARG A C   1 
ATOM   366  O O   . ARG A 1 67  ? -11.894 -3.401  2.906   1.00 28.68  ? 67  ARG A O   1 
ATOM   367  C CB  . ARG A 1 67  ? -14.943 -4.854  2.647   1.00 31.98  ? 67  ARG A CB  1 
ATOM   368  C CG  . ARG A 1 67  ? -16.183 -4.298  1.931   1.00 38.06  ? 67  ARG A CG  1 
ATOM   369  C CD  . ARG A 1 67  ? -17.522 -4.873  2.474   1.00 38.11  ? 67  ARG A CD  1 
ATOM   370  N NE  . ARG A 1 67  ? -17.509 -5.141  3.915   1.00 44.22  ? 67  ARG A NE  1 
ATOM   371  C CZ  . ARG A 1 67  ? -18.082 -6.195  4.501   1.00 45.28  ? 67  ARG A CZ  1 
ATOM   372  N NH1 . ARG A 1 67  ? -18.745 -7.100  3.793   1.00 35.53  ? 67  ARG A NH1 1 
ATOM   373  N NH2 . ARG A 1 67  ? -18.005 -6.337  5.815   1.00 39.51  ? 67  ARG A NH2 1 
ATOM   374  N N   . LYS A 1 68  ? -12.085 -5.538  3.612   1.00 27.12  ? 68  LYS A N   1 
ATOM   375  C CA  A LYS A 1 68  ? -11.024 -5.417  4.614   0.50 27.20  ? 68  LYS A CA  1 
ATOM   376  C CA  B LYS A 1 68  ? -11.018 -5.432  4.608   0.50 28.62  ? 68  LYS A CA  1 
ATOM   377  C C   . LYS A 1 68  ? -9.660  -5.115  3.970   1.00 28.08  ? 68  LYS A C   1 
ATOM   378  O O   . LYS A 1 68  ? -8.900  -4.309  4.482   1.00 20.66  ? 68  LYS A O   1 
ATOM   379  C CB  A LYS A 1 68  ? -10.966 -6.650  5.529   0.50 27.16  ? 68  LYS A CB  1 
ATOM   380  C CB  B LYS A 1 68  ? -10.942 -6.703  5.457   0.50 30.25  ? 68  LYS A CB  1 
ATOM   381  C CG  A LYS A 1 68  ? -9.807  -6.620  6.522   0.50 31.77  ? 68  LYS A CG  1 
ATOM   382  C CG  B LYS A 1 68  ? -11.599 -6.563  6.818   0.50 41.11  ? 68  LYS A CG  1 
ATOM   383  C CD  A LYS A 1 68  ? -10.076 -7.345  7.830   0.50 40.42  ? 68  LYS A CD  1 
ATOM   384  C CD  B LYS A 1 68  ? -11.971 -7.913  7.411   0.50 43.53  ? 68  LYS A CD  1 
ATOM   385  C CE  A LYS A 1 68  ? -8.882  -7.202  8.765   0.50 37.66  ? 68  LYS A CE  1 
ATOM   386  C CE  B LYS A 1 68  ? -12.406 -7.780  8.868   0.50 46.60  ? 68  LYS A CE  1 
ATOM   387  N NZ  A LYS A 1 68  ? -8.483  -5.775  8.896   0.50 31.70  ? 68  LYS A NZ  1 
ATOM   388  N NZ  B LYS A 1 68  ? -13.878 -7.642  8.996   0.50 43.01  ? 68  LYS A NZ  1 
ATOM   389  N N   . TYR A 1 69  ? -9.386  -5.745  2.834   1.00 17.37  ? 69  TYR A N   1 
ATOM   390  C CA  . TYR A 1 69  ? -8.163  -5.522  2.043   1.00 20.39  ? 69  TYR A CA  1 
ATOM   391  C C   . TYR A 1 69  ? -8.001  -4.066  1.593   1.00 22.93  ? 69  TYR A C   1 
ATOM   392  O O   . TYR A 1 69  ? -6.981  -3.420  1.869   1.00 30.07  ? 69  TYR A O   1 
ATOM   393  C CB  . TYR A 1 69  ? -8.191  -6.421  0.791   1.00 20.22  ? 69  TYR A CB  1 
ATOM   394  C CG  . TYR A 1 69  ? -6.944  -6.280  -0.055  1.00 26.84  ? 69  TYR A CG  1 
ATOM   395  C CD1 . TYR A 1 69  ? -5.721  -6.776  0.393   1.00 31.56  ? 69  TYR A CD1 1 
ATOM   396  C CD2 . TYR A 1 69  ? -6.977  -5.627  -1.288  1.00 32.54  ? 69  TYR A CD2 1 
ATOM   397  C CE1 . TYR A 1 69  ? -4.567  -6.642  -0.370  1.00 27.68  ? 69  TYR A CE1 1 
ATOM   398  C CE2 . TYR A 1 69  ? -5.822  -5.475  -2.053  1.00 26.99  ? 69  TYR A CE2 1 
ATOM   399  C CZ  . TYR A 1 69  ? -4.628  -5.996  -1.590  1.00 26.76  ? 69  TYR A CZ  1 
ATOM   400  O OH  . TYR A 1 69  ? -3.492  -5.859  -2.343  1.00 27.39  ? 69  TYR A OH  1 
ATOM   401  N N   . LYS A 1 70  ? -9.031  -3.554  0.924   1.00 24.43  ? 70  LYS A N   1 
ATOM   402  C CA  . LYS A 1 70  ? -9.003  -2.209  0.377   1.00 23.96  ? 70  LYS A CA  1 
ATOM   403  C C   . LYS A 1 70  ? -9.020  -1.160  1.481   1.00 24.04  ? 70  LYS A C   1 
ATOM   404  O O   . LYS A 1 70  ? -8.476  -0.095  1.285   1.00 27.70  ? 70  LYS A O   1 
ATOM   405  C CB  . LYS A 1 70  ? -10.143 -2.002  -0.615  1.00 25.59  ? 70  LYS A CB  1 
ATOM   406  C CG  . LYS A 1 70  ? -9.973  -2.847  -1.890  1.00 31.16  ? 70  LYS A CG  1 
ATOM   407  C CD  . LYS A 1 70  ? -11.214 -2.875  -2.750  1.00 40.71  ? 70  LYS A CD  1 
ATOM   408  C CE  . LYS A 1 70  ? -11.725 -1.503  -3.138  1.00 43.98  ? 70  LYS A CE  1 
ATOM   409  N NZ  . LYS A 1 70  ? -12.783 -1.683  -4.169  1.00 36.69  ? 70  LYS A NZ  1 
ATOM   410  N N   . GLU A 1 71  ? -9.597  -1.470  2.638   1.00 26.93  ? 71  GLU A N   1 
ATOM   411  C CA  A GLU A 1 71  ? -9.525  -0.505  3.730   0.50 31.53  ? 71  GLU A CA  1 
ATOM   412  C CA  B GLU A 1 71  ? -9.553  -0.608  3.847   0.50 30.80  ? 71  GLU A CA  1 
ATOM   413  C C   . GLU A 1 71  ? -8.122  -0.389  4.320   1.00 31.34  ? 71  GLU A C   1 
ATOM   414  O O   . GLU A 1 71  ? -7.735  0.690   4.764   1.00 35.85  ? 71  GLU A O   1 
ATOM   415  C CB  A GLU A 1 71  ? -10.604 -0.745  4.788   0.50 35.77  ? 71  GLU A CB  1 
ATOM   416  C CB  B GLU A 1 71  ? -10.321 -1.285  4.996   0.50 28.11  ? 71  GLU A CB  1 
ATOM   417  C CG  A GLU A 1 71  ? -11.979 -0.143  4.403   0.50 42.61  ? 71  GLU A CG  1 
ATOM   418  C CG  B GLU A 1 71  ? -11.628 -0.604  5.413   0.50 38.49  ? 71  GLU A CG  1 
ATOM   419  C CD  A GLU A 1 71  ? -12.072 1.368   4.645   0.50 48.81  ? 71  GLU A CD  1 
ATOM   420  C CD  B GLU A 1 71  ? -12.620 -1.549  6.095   0.50 35.58  ? 71  GLU A CD  1 
ATOM   421  O OE1 A GLU A 1 71  ? -12.011 2.145   3.666   0.50 45.67  ? 71  GLU A OE1 1 
ATOM   422  O OE1 B GLU A 1 71  ? -12.220 -2.289  7.024   0.50 31.07  ? 71  GLU A OE1 1 
ATOM   423  O OE2 A GLU A 1 71  ? -12.207 1.778   5.818   0.50 53.95  ? 71  GLU A OE2 1 
ATOM   424  O OE2 B GLU A 1 71  ? -13.811 -1.535  5.705   0.50 40.30  ? 71  GLU A OE2 1 
ATOM   425  N N   . LEU A 1 72  ? -7.355  -1.475  4.284   1.00 30.69  ? 72  LEU A N   1 
ATOM   426  C CA  . LEU A 1 72  ? -5.973  -1.452  4.696   1.00 23.78  ? 72  LEU A CA  1 
ATOM   427  C C   . LEU A 1 72  ? -5.106  -0.748  3.652   1.00 23.37  ? 72  LEU A C   1 
ATOM   428  O O   . LEU A 1 72  ? -4.241  0.056   3.999   1.00 23.70  ? 72  LEU A O   1 
ATOM   429  C CB  . LEU A 1 72  ? -5.482  -2.883  4.954   1.00 20.41  ? 72  LEU A CB  1 
ATOM   430  C CG  . LEU A 1 72  ? -5.998  -3.629  6.179   1.00 28.56  ? 72  LEU A CG  1 
ATOM   431  C CD1 . LEU A 1 72  ? -5.421  -5.020  6.169   1.00 26.11  ? 72  LEU A CD1 1 
ATOM   432  C CD2 . LEU A 1 72  ? -5.589  -2.915  7.473   1.00 25.02  ? 72  LEU A CD2 1 
ATOM   433  N N   . VAL A 1 73  ? -5.333  -1.063  2.369   1.00 22.24  ? 73  VAL A N   1 
ATOM   434  C CA  . VAL A 1 73  ? -4.507  -0.546  1.310   1.00 17.54  ? 73  VAL A CA  1 
ATOM   435  C C   . VAL A 1 73  ? -4.674  0.965   1.221   1.00 25.49  ? 73  VAL A C   1 
ATOM   436  O O   . VAL A 1 73  ? -3.683  1.703   1.149   1.00 30.13  ? 73  VAL A O   1 
ATOM   437  C CB  . VAL A 1 73  ? -4.849  -1.194  -0.054  1.00 21.65  ? 73  VAL A CB  1 
ATOM   438  C CG1 . VAL A 1 73  ? -4.218  -0.380  -1.158  1.00 16.98  ? 73  VAL A CG1 1 
ATOM   439  C CG2 . VAL A 1 73  ? -4.293  -2.591  -0.105  1.00 17.87  ? 73  VAL A CG2 1 
ATOM   440  N N   . LYS A 1 74  ? -5.926  1.407   1.275   1.00 25.39  ? 74  LYS A N   1 
ATOM   441  C CA  A LYS A 1 74  ? -6.288  2.833   1.305   0.50 31.97  ? 74  LYS A CA  1 
ATOM   442  C CA  B LYS A 1 74  ? -6.240  2.829   1.276   0.50 30.22  ? 74  LYS A CA  1 
ATOM   443  C C   . LYS A 1 74  ? -5.645  3.568   2.482   1.00 28.13  ? 74  LYS A C   1 
ATOM   444  O O   . LYS A 1 74  ? -5.242  4.732   2.367   1.00 34.80  ? 74  LYS A O   1 
ATOM   445  C CB  A LYS A 1 74  ? -7.820  2.990   1.347   0.50 32.51  ? 74  LYS A CB  1 
ATOM   446  C CB  B LYS A 1 74  ? -7.754  3.046   1.117   0.50 30.70  ? 74  LYS A CB  1 
ATOM   447  C CG  A LYS A 1 74  ? -8.377  4.401   1.114   0.50 36.96  ? 74  LYS A CG  1 
ATOM   448  C CG  B LYS A 1 74  ? -8.367  4.130   1.988   0.50 31.47  ? 74  LYS A CG  1 
ATOM   449  C CD  A LYS A 1 74  ? -9.889  4.356   0.861   0.50 36.24  ? 74  LYS A CD  1 
ATOM   450  C CD  B LYS A 1 74  ? -9.736  4.541   1.472   0.50 37.11  ? 74  LYS A CD  1 
ATOM   451  C CE  A LYS A 1 74  ? -10.540 5.734   1.025   0.50 46.40  ? 74  LYS A CE  1 
ATOM   452  C CE  B LYS A 1 74  ? -10.312 5.675   2.306   0.50 38.17  ? 74  LYS A CE  1 
ATOM   453  N NZ  A LYS A 1 74  ? -11.989 5.661   1.409   0.50 41.36  ? 74  LYS A NZ  1 
ATOM   454  N NZ  B LYS A 1 74  ? -9.543  6.940   2.121   0.50 30.07  ? 74  LYS A NZ  1 
ATOM   455  N N   . GLU A 1 75  ? -5.544  2.901   3.628   1.00 33.04  ? 75  GLU A N   1 
ATOM   456  C CA  . GLU A 1 75  ? -4.853  3.507   4.783   1.00 24.42  ? 75  GLU A CA  1 
ATOM   457  C C   . GLU A 1 75  ? -3.331  3.644   4.591   1.00 33.65  ? 75  GLU A C   1 
ATOM   458  O O   . GLU A 1 75  ? -2.717  4.613   5.050   1.00 28.23  ? 75  GLU A O   1 
ATOM   459  C CB  . GLU A 1 75  ? -5.103  2.700   6.041   1.00 32.47  ? 75  GLU A CB  1 
ATOM   460  C CG  . GLU A 1 75  ? -4.527  3.358   7.289   1.00 27.72  ? 75  GLU A CG  1 
ATOM   461  C CD  . GLU A 1 75  ? -4.623  2.483   8.496   1.00 45.00  ? 75  GLU A CD  1 
ATOM   462  O OE1 . GLU A 1 75  ? -4.303  2.962   9.613   1.00 44.78  ? 75  GLU A OE1 1 
ATOM   463  O OE2 . GLU A 1 75  ? -5.027  1.315   8.318   1.00 48.24  ? 75  GLU A OE2 1 
ATOM   464  N N   . PHE A 1 76  ? -2.740  2.644   3.946   1.00 25.63  ? 76  PHE A N   1 
ATOM   465  C CA  . PHE A 1 76  ? -1.328  2.625   3.610   1.00 25.83  ? 76  PHE A CA  1 
ATOM   466  C C   . PHE A 1 76  ? -0.980  3.765   2.659   1.00 28.91  ? 76  PHE A C   1 
ATOM   467  O O   . PHE A 1 76  ? -0.054  4.512   2.938   1.00 35.85  ? 76  PHE A O   1 
ATOM   468  C CB  . PHE A 1 76  ? -0.952  1.287   2.948   1.00 21.08  ? 76  PHE A CB  1 
ATOM   469  C CG  . PHE A 1 76  ? 0.533   1.073   2.792   1.00 19.17  ? 76  PHE A CG  1 
ATOM   470  C CD1 . PHE A 1 76  ? 1.229   0.263   3.694   1.00 24.13  ? 76  PHE A CD1 1 
ATOM   471  C CD2 . PHE A 1 76  ? 1.242   1.679   1.737   1.00 15.07  ? 76  PHE A CD2 1 
ATOM   472  C CE1 . PHE A 1 76  ? 2.626   0.053   3.554   1.00 30.31  ? 76  PHE A CE1 1 
ATOM   473  C CE2 . PHE A 1 76  ? 2.634   1.489   1.593   1.00 11.11  ? 76  PHE A CE2 1 
ATOM   474  C CZ  . PHE A 1 76  ? 3.331   0.660   2.484   1.00 14.68  ? 76  PHE A CZ  1 
ATOM   475  N N   . VAL A 1 77  ? -1.690  3.845   1.524   1.00 28.32  ? 77  VAL A N   1 
ATOM   476  C CA  . VAL A 1 77  ? -1.515  4.906   0.546   1.00 21.16  ? 77  VAL A CA  1 
ATOM   477  C C   . VAL A 1 77  ? -1.465  6.293   1.193   1.00 25.66  ? 77  VAL A C   1 
ATOM   478  O O   . VAL A 1 77  ? -0.529  7.044   0.960   1.00 32.58  ? 77  VAL A O   1 
ATOM   479  C CB  . VAL A 1 77  ? -2.562  4.865   -0.555  1.00 26.60  ? 77  VAL A CB  1 
ATOM   480  C CG1 . VAL A 1 77  ? -2.432  6.089   -1.491  1.00 27.21  ? 77  VAL A CG1 1 
ATOM   481  C CG2 . VAL A 1 77  ? -2.411  3.580   -1.376  1.00 12.61  ? 77  VAL A CG2 1 
ATOM   482  N N   . GLY A 1 78  ? -2.449  6.601   2.025   1.00 26.34  ? 78  GLY A N   1 
ATOM   483  C CA  . GLY A 1 78  ? -2.476  7.869   2.768   1.00 28.59  ? 78  GLY A CA  1 
ATOM   484  C C   . GLY A 1 78  ? -1.179  8.113   3.495   1.00 26.98  ? 78  GLY A C   1 
ATOM   485  O O   . GLY A 1 78  ? -0.565  9.161   3.335   1.00 34.08  ? 78  GLY A O   1 
ATOM   486  N N   . ASP A 1 79  ? -0.749  7.126   4.279   1.00 33.09  ? 79  ASP A N   1 
ATOM   487  C CA  . ASP A 1 79  ? 0.434   7.273   5.126   1.00 32.71  ? 79  ASP A CA  1 
ATOM   488  C C   . ASP A 1 79  ? 1.743   7.251   4.354   1.00 30.82  ? 79  ASP A C   1 
ATOM   489  O O   . ASP A 1 79  ? 2.696   7.913   4.741   1.00 30.57  ? 79  ASP A O   1 
ATOM   490  C CB  . ASP A 1 79  ? 0.462   6.198   6.209   1.00 34.44  ? 79  ASP A CB  1 
ATOM   491  C CG  . ASP A 1 79  ? -0.582  6.422   7.285   1.00 39.75  ? 79  ASP A CG  1 
ATOM   492  O OD1 . ASP A 1 79  ? -0.843  5.475   8.053   1.00 44.82  ? 79  ASP A OD1 1 
ATOM   493  O OD2 . ASP A 1 79  ? -1.145  7.535   7.370   1.00 52.37  ? 79  ASP A OD2 1 
ATOM   494  N N   . ALA A 1 80  ? 1.790   6.471   3.276   1.00 26.39  ? 80  ALA A N   1 
ATOM   495  C CA  . ALA A 1 80  ? 2.966   6.395   2.430   1.00 26.11  ? 80  ALA A CA  1 
ATOM   496  C C   . ALA A 1 80  ? 3.209   7.643   1.586   1.00 28.84  ? 80  ALA A C   1 
ATOM   497  O O   . ALA A 1 80  ? 4.364   8.060   1.438   1.00 29.61  ? 80  ALA A O   1 
ATOM   498  C CB  . ALA A 1 80  ? 2.909   5.174   1.545   1.00 20.77  ? 80  ALA A CB  1 
ATOM   499  N N   . VAL A 1 81  ? 2.142   8.226   1.030   1.00 29.87  ? 81  VAL A N   1 
ATOM   500  C CA  . VAL A 1 81  ? 2.234   9.531   0.332   1.00 26.05  ? 81  VAL A CA  1 
ATOM   501  C C   . VAL A 1 81  ? 2.745   10.623  1.261   1.00 25.69  ? 81  VAL A C   1 
ATOM   502  O O   . VAL A 1 81  ? 3.617   11.392  0.889   1.00 29.44  ? 81  VAL A O   1 
ATOM   503  C CB  . VAL A 1 81  ? 0.894   9.991   -0.316  1.00 27.38  ? 81  VAL A CB  1 
ATOM   504  C CG1 . VAL A 1 81  ? 1.054   11.358  -1.007  1.00 33.15  ? 81  VAL A CG1 1 
ATOM   505  C CG2 . VAL A 1 81  ? 0.417   9.009   -1.348  1.00 20.89  ? 81  VAL A CG2 1 
ATOM   506  N N   . GLU A 1 82  ? 2.208   10.671  2.475   1.00 31.46  ? 82  GLU A N   1 
ATOM   507  C CA  . GLU A 1 82  ? 2.627   11.655  3.467   1.00 31.32  ? 82  GLU A CA  1 
ATOM   508  C C   . GLU A 1 82  ? 4.105   11.533  3.810   1.00 34.10  ? 82  GLU A C   1 
ATOM   509  O O   . GLU A 1 82  ? 4.808   12.542  3.834   1.00 37.82  ? 82  GLU A O   1 
ATOM   510  C CB  . GLU A 1 82  ? 1.780   11.543  4.729   1.00 33.15  ? 82  GLU A CB  1 
ATOM   511  C CG  . GLU A 1 82  ? 1.819   12.789  5.589   1.00 45.58  ? 82  GLU A CG  1 
ATOM   512  C CD  . GLU A 1 82  ? 1.442   12.517  7.024   1.00 54.96  ? 82  GLU A CD  1 
ATOM   513  O OE1 . GLU A 1 82  ? 1.433   13.477  7.820   1.00 58.20  ? 82  GLU A OE1 1 
ATOM   514  O OE2 . GLU A 1 82  ? 1.154   11.345  7.358   1.00 62.12  ? 82  GLU A OE2 1 
ATOM   515  N N   . LEU A 1 83  ? 4.577   10.305  4.041   1.00 30.95  ? 83  LEU A N   1 
ATOM   516  C CA  . LEU A 1 83  ? 6.012   10.040  4.188   1.00 31.12  ? 83  LEU A CA  1 
ATOM   517  C C   . LEU A 1 83  ? 6.845   10.346  2.936   1.00 32.71  ? 83  LEU A C   1 
ATOM   518  O O   . LEU A 1 83  ? 7.860   11.033  3.031   1.00 37.54  ? 83  LEU A O   1 
ATOM   519  C CB  . LEU A 1 83  ? 6.265   8.603   4.664   1.00 28.23  ? 83  LEU A CB  1 
ATOM   520  C CG  . LEU A 1 83  ? 7.716   8.221   4.980   1.00 32.65  ? 83  LEU A CG  1 
ATOM   521  C CD1 . LEU A 1 83  ? 8.297   9.081   6.113   1.00 32.94  ? 83  LEU A CD1 1 
ATOM   522  C CD2 . LEU A 1 83  ? 7.847   6.736   5.289   1.00 29.37  ? 83  LEU A CD2 1 
ATOM   523  N N   . GLY A 1 84  ? 6.419   9.833   1.780   1.00 30.87  ? 84  GLY A N   1 
ATOM   524  C CA  . GLY A 1 84  ? 7.053   10.126  0.493   1.00 26.09  ? 84  GLY A CA  1 
ATOM   525  C C   . GLY A 1 84  ? 7.342   11.586  0.182   1.00 34.30  ? 84  GLY A C   1 
ATOM   526  O O   . GLY A 1 84  ? 8.459   11.934  -0.216  1.00 31.41  ? 84  GLY A O   1 
ATOM   527  N N   . LEU A 1 85  ? 6.331   12.428  0.380   1.00 31.50  ? 85  LEU A N   1 
ATOM   528  C CA  . LEU A 1 85  ? 6.435   13.858  0.136   1.00 35.02  ? 85  LEU A CA  1 
ATOM   529  C C   . LEU A 1 85  ? 7.367   14.548  1.120   1.00 40.34  ? 85  LEU A C   1 
ATOM   530  O O   . LEU A 1 85  ? 8.012   15.530  0.760   1.00 42.42  ? 85  LEU A O   1 
ATOM   531  C CB  . LEU A 1 85  ? 5.052   14.535  0.162   1.00 31.84  ? 85  LEU A CB  1 
ATOM   532  C CG  . LEU A 1 85  ? 3.999   14.168  -0.896  1.00 28.45  ? 85  LEU A CG  1 
ATOM   533  C CD1 . LEU A 1 85  ? 2.689   14.854  -0.565  1.00 27.56  ? 85  LEU A CD1 1 
ATOM   534  C CD2 . LEU A 1 85  ? 4.443   14.512  -2.334  1.00 20.99  ? 85  LEU A CD2 1 
ATOM   535  N N   . ARG A 1 86  ? 7.441   14.048  2.351   1.00 36.64  ? 86  ARG A N   1 
ATOM   536  C CA  . ARG A 1 86  ? 8.388   14.612  3.315   1.00 39.58  ? 86  ARG A CA  1 
ATOM   537  C C   . ARG A 1 86  ? 9.832   14.217  3.012   1.00 39.94  ? 86  ARG A C   1 
ATOM   538  O O   . ARG A 1 86  ? 10.737  15.054  3.076   1.00 42.82  ? 86  ARG A O   1 
ATOM   539  C CB  . ARG A 1 86  ? 8.022   14.223  4.738   1.00 40.90  ? 86  ARG A CB  1 
ATOM   540  C CG  . ARG A 1 86  ? 8.454   15.242  5.781   1.00 44.09  ? 86  ARG A CG  1 
ATOM   541  C CD  . ARG A 1 86  ? 7.767   14.998  7.126   1.00 45.11  ? 86  ARG A CD  1 
ATOM   542  N NE  . ARG A 1 86  ? 8.017   13.661  7.677   1.00 46.60  ? 86  ARG A NE  1 
ATOM   543  C CZ  . ARG A 1 86  ? 7.088   12.718  7.835   1.00 45.88  ? 86  ARG A CZ  1 
ATOM   544  N NH1 . ARG A 1 86  ? 5.831   12.950  7.481   1.00 41.53  ? 86  ARG A NH1 1 
ATOM   545  N NH2 . ARG A 1 86  ? 7.416   11.540  8.351   1.00 45.40  ? 86  ARG A NH2 1 
ATOM   546  N N   . LEU A 1 87  ? 10.038  12.949  2.658   1.00 38.92  ? 87  LEU A N   1 
ATOM   547  C CA  . LEU A 1 87  ? 11.355  12.438  2.284   1.00 40.23  ? 87  LEU A CA  1 
ATOM   548  C C   . LEU A 1 87  ? 11.950  13.135  1.071   1.00 45.18  ? 87  LEU A C   1 
ATOM   549  O O   . LEU A 1 87  ? 13.172  13.236  0.974   1.00 46.61  ? 87  LEU A O   1 
ATOM   550  C CB  . LEU A 1 87  ? 11.310  10.944  2.004   1.00 34.92  ? 87  LEU A CB  1 
ATOM   551  C CG  . LEU A 1 87  ? 11.124  9.967   3.161   1.00 39.92  ? 87  LEU A CG  1 
ATOM   552  C CD1 . LEU A 1 87  ? 11.294  8.542   2.644   1.00 28.73  ? 87  LEU A CD1 1 
ATOM   553  C CD2 . LEU A 1 87  ? 12.083  10.274  4.307   1.00 38.90  ? 87  LEU A CD2 1 
ATOM   554  N N   . GLU A 1 88  ? 11.085  13.596  0.160   1.00 46.77  ? 88  GLU A N   1 
ATOM   555  C CA  . GLU A 1 88  ? 11.498  14.400  -0.999  1.00 50.66  ? 88  GLU A CA  1 
ATOM   556  C C   . GLU A 1 88  ? 12.192  15.685  -0.559  1.00 53.00  ? 88  GLU A C   1 
ATOM   557  O O   . GLU A 1 88  ? 13.168  16.110  -1.178  1.00 56.54  ? 88  GLU A O   1 
ATOM   558  C CB  . GLU A 1 88  ? 10.300  14.758  -1.888  1.00 46.24  ? 88  GLU A CB  1 
ATOM   559  C CG  . GLU A 1 88  ? 9.722   13.617  -2.720  1.00 42.40  ? 88  GLU A CG  1 
ATOM   560  C CD  . GLU A 1 88  ? 10.558  13.213  -3.929  1.00 37.47  ? 88  GLU A CD  1 
ATOM   561  O OE1 . GLU A 1 88  ? 10.711  14.037  -4.857  1.00 31.13  ? 88  GLU A OE1 1 
ATOM   562  O OE2 . GLU A 1 88  ? 11.025  12.049  -3.964  1.00 32.08  ? 88  GLU A OE2 1 
ATOM   563  N N   . GLU A 1 89  ? 11.685  16.274  0.524   1.00 55.98  ? 89  GLU A N   1 
ATOM   564  C CA  . GLU A 1 89  ? 12.253  17.460  1.149   1.00 58.53  ? 89  GLU A CA  1 
ATOM   565  C C   . GLU A 1 89  ? 13.360  17.168  2.182   1.00 58.23  ? 89  GLU A C   1 
ATOM   566  O O   . GLU A 1 89  ? 13.589  17.967  3.089   1.00 63.47  ? 89  GLU A O   1 
ATOM   567  C CB  . GLU A 1 89  ? 11.134  18.267  1.802   1.00 56.31  ? 89  GLU A CB  1 
ATOM   568  C CG  . GLU A 1 89  ? 10.141  18.890  0.827   1.00 64.24  ? 89  GLU A CG  1 
ATOM   569  C CD  . GLU A 1 89  ? 8.923   19.486  1.536   1.00 72.42  ? 89  GLU A CD  1 
ATOM   570  O OE1 . GLU A 1 89  ? 9.106   20.200  2.550   1.00 85.67  ? 89  GLU A OE1 1 
ATOM   571  O OE2 . GLU A 1 89  ? 7.777   19.240  1.088   1.00 79.29  ? 89  GLU A OE2 1 
ATOM   572  N N   . ARG A 1 90  ? 14.039  16.031  2.048   1.00 60.05  ? 90  ARG A N   1 
ATOM   573  C CA  . ARG A 1 90  ? 15.290  15.767  2.767   1.00 62.46  ? 90  ARG A CA  1 
ATOM   574  C C   . ARG A 1 90  ? 16.433  15.595  1.760   1.00 65.37  ? 90  ARG A C   1 
ATOM   575  O O   . ARG A 1 90  ? 17.590  15.375  2.130   1.00 70.20  ? 90  ARG A O   1 
ATOM   576  C CB  . ARG A 1 90  ? 15.178  14.515  3.664   1.00 62.11  ? 90  ARG A CB  1 
ATOM   577  C CG  . ARG A 1 90  ? 13.845  14.328  4.394   1.00 60.92  ? 90  ARG A CG  1 
ATOM   578  C CD  . ARG A 1 90  ? 13.857  14.902  5.813   1.00 64.27  ? 90  ARG A CD  1 
ATOM   579  N NE  . ARG A 1 90  ? 12.707  14.468  6.620   1.00 56.71  ? 90  ARG A NE  1 
ATOM   580  C CZ  . ARG A 1 90  ? 12.102  15.214  7.545   1.00 54.19  ? 90  ARG A CZ  1 
ATOM   581  N NH1 . ARG A 1 90  ? 12.510  16.448  7.790   1.00 58.58  ? 90  ARG A NH1 1 
ATOM   582  N NH2 . ARG A 1 90  ? 11.073  14.733  8.228   1.00 56.73  ? 90  ARG A NH2 1 
ATOM   583  N N   . ASN A 1 94  ? 17.157  12.168  -1.347  1.00 50.75  ? 94  ASN A N   1 
ATOM   584  C CA  . ASN A 1 94  ? 16.846  13.011  -2.495  1.00 57.70  ? 94  ASN A CA  1 
ATOM   585  C C   . ASN A 1 94  ? 16.258  12.351  -3.783  1.00 55.86  ? 94  ASN A C   1 
ATOM   586  O O   . ASN A 1 94  ? 16.192  11.125  -3.911  1.00 53.98  ? 94  ASN A O   1 
ATOM   587  C CB  . ASN A 1 94  ? 18.003  13.967  -2.787  1.00 55.91  ? 94  ASN A CB  1 
ATOM   588  C CG  . ASN A 1 94  ? 17.548  15.413  -2.864  1.00 65.95  ? 94  ASN A CG  1 
ATOM   589  O OD1 . ASN A 1 94  ? 16.986  15.952  -1.904  1.00 71.60  ? 94  ASN A OD1 1 
ATOM   590  N ND2 . ASN A 1 94  ? 17.765  16.042  -4.016  1.00 57.72  ? 94  ASN A ND2 1 
ATOM   591  N N   . ARG A 1 95  ? 15.863  13.189  -4.741  1.00 51.37  ? 95  ARG A N   1 
ATOM   592  C CA  . ARG A 1 95  ? 14.474  13.266  -5.205  1.00 44.87  ? 95  ARG A CA  1 
ATOM   593  C C   . ARG A 1 95  ? 14.068  12.274  -6.289  1.00 42.61  ? 95  ARG A C   1 
ATOM   594  O O   . ARG A 1 95  ? 14.861  11.932  -7.155  1.00 42.75  ? 95  ARG A O   1 
ATOM   595  C CB  . ARG A 1 95  ? 14.126  14.692  -5.634  1.00 43.38  ? 95  ARG A CB  1 
ATOM   596  C CG  . ARG A 1 95  ? 13.850  15.641  -4.469  1.00 39.55  ? 95  ARG A CG  1 
ATOM   597  C CD  . ARG A 1 95  ? 13.557  17.073  -4.926  1.00 43.76  ? 95  ARG A CD  1 
ATOM   598  N NE  . ARG A 1 95  ? 12.347  17.158  -5.744  1.00 48.92  ? 95  ARG A NE  1 
ATOM   599  C CZ  . ARG A 1 95  ? 12.343  17.319  -7.065  1.00 46.73  ? 95  ARG A CZ  1 
ATOM   600  N NH1 . ARG A 1 95  ? 13.489  17.433  -7.719  1.00 54.13  ? 95  ARG A NH1 1 
ATOM   601  N NH2 . ARG A 1 95  ? 11.197  17.381  -7.731  1.00 31.92  ? 95  ARG A NH2 1 
ATOM   602  N N   . ARG A 1 96  ? 12.818  11.813  -6.212  1.00 39.14  ? 96  ARG A N   1 
ATOM   603  C CA  . ARG A 1 96  ? 12.167  11.078  -7.299  1.00 35.72  ? 96  ARG A CA  1 
ATOM   604  C C   . ARG A 1 96  ? 11.149  11.958  -8.011  1.00 32.75  ? 96  ARG A C   1 
ATOM   605  O O   . ARG A 1 96  ? 10.834  11.726  -9.181  1.00 17.42  ? 96  ARG A O   1 
ATOM   606  C CB  . ARG A 1 96  ? 11.446  9.851   -6.755  1.00 36.67  ? 96  ARG A CB  1 
ATOM   607  C CG  . ARG A 1 96  ? 12.315  8.641   -6.508  1.00 36.00  ? 96  ARG A CG  1 
ATOM   608  C CD  . ARG A 1 96  ? 11.473  7.501   -5.983  1.00 29.90  ? 96  ARG A CD  1 
ATOM   609  N NE  . ARG A 1 96  ? 10.707  7.950   -4.821  1.00 42.95  ? 96  ARG A NE  1 
ATOM   610  C CZ  . ARG A 1 96  ? 9.450   7.609   -4.558  1.00 38.69  ? 96  ARG A CZ  1 
ATOM   611  N NH1 . ARG A 1 96  ? 8.783   6.797   -5.366  1.00 30.14  ? 96  ARG A NH1 1 
ATOM   612  N NH2 . ARG A 1 96  ? 8.859   8.089   -3.472  1.00 31.37  ? 96  ARG A NH2 1 
ATOM   613  N N   . GLY A 1 97  ? 10.625  12.961  -7.308  1.00 15.21  ? 97  GLY A N   1 
ATOM   614  C CA  . GLY A 1 97  ? 9.563   13.801  -7.880  1.00 21.32  ? 97  GLY A CA  1 
ATOM   615  C C   . GLY A 1 97  ? 8.158   13.500  -7.374  1.00 25.52  ? 97  GLY A C   1 
ATOM   616  O O   . GLY A 1 97  ? 7.777   12.335  -7.225  1.00 24.25  ? 97  GLY A O   1 
ATOM   617  N N   . ARG A 1 98  ? 7.376   14.553  -7.126  1.00 28.58  ? 98  ARG A N   1 
ATOM   618  C CA  . ARG A 1 98  ? 5.946   14.420  -6.827  1.00 23.31  ? 98  ARG A CA  1 
ATOM   619  C C   . ARG A 1 98  ? 5.201   13.727  -7.961  1.00 33.06  ? 98  ARG A C   1 
ATOM   620  O O   . ARG A 1 98  ? 4.356   12.860  -7.724  1.00 32.17  ? 98  ARG A O   1 
ATOM   621  C CB  . ARG A 1 98  ? 5.324   15.794  -6.627  1.00 28.24  ? 98  ARG A CB  1 
ATOM   622  C CG  . ARG A 1 98  ? 5.644   16.431  -5.287  1.00 25.77  ? 98  ARG A CG  1 
ATOM   623  C CD  . ARG A 1 98  ? 5.307   17.909  -5.330  1.00 37.31  ? 98  ARG A CD  1 
ATOM   624  N NE  . ARG A 1 98  ? 3.879   18.160  -5.135  1.00 38.87  ? 98  ARG A NE  1 
ATOM   625  C CZ  . ARG A 1 98  ? 3.241   19.259  -5.535  1.00 42.60  ? 98  ARG A CZ  1 
ATOM   626  N NH1 . ARG A 1 98  ? 3.884   20.225  -6.181  1.00 38.90  ? 98  ARG A NH1 1 
ATOM   627  N NH2 . ARG A 1 98  ? 1.945   19.391  -5.292  1.00 38.22  ? 98  ARG A NH2 1 
ATOM   628  N N   . THR A 1 99  ? 5.526   14.112  -9.189  1.00 24.41  ? 99  THR A N   1 
ATOM   629  C CA  . THR A 1 99  ? 5.001   13.447  -10.381 1.00 29.24  ? 99  THR A CA  1 
ATOM   630  C C   . THR A 1 99  ? 5.016   11.910  -10.269 1.00 29.25  ? 99  THR A C   1 
ATOM   631  O O   . THR A 1 99  ? 3.973   11.283  -10.457 1.00 26.90  ? 99  THR A O   1 
ATOM   632  C CB  . THR A 1 99  ? 5.677   13.965  -11.663 1.00 28.32  ? 99  THR A CB  1 
ATOM   633  O OG1 . THR A 1 99  ? 5.524   15.395  -11.734 1.00 22.66  ? 99  THR A OG1 1 
ATOM   634  C CG2 . THR A 1 99  ? 5.057   13.348  -12.917 1.00 20.81  ? 99  THR A CG2 1 
ATOM   635  N N   . LYS A 1 100 ? 6.165   11.328  -9.906  1.00 30.51  ? 100 LYS A N   1 
ATOM   636  C CA  . LYS A 1 100 ? 6.331   9.868   -9.823  1.00 29.77  ? 100 LYS A CA  1 
ATOM   637  C C   . LYS A 1 100 ? 5.462   9.226   -8.738  1.00 28.20  ? 100 LYS A C   1 
ATOM   638  O O   . LYS A 1 100 ? 4.792   8.223   -8.987  1.00 22.02  ? 100 LYS A O   1 
ATOM   639  C CB  . LYS A 1 100 ? 7.807   9.495   -9.625  1.00 30.67  ? 100 LYS A CB  1 
ATOM   640  C CG  . LYS A 1 100 ? 8.032   8.002   -9.407  1.00 35.19  ? 100 LYS A CG  1 
ATOM   641  C CD  . LYS A 1 100 ? 9.231   7.474   -10.132 1.00 49.74  ? 100 LYS A CD  1 
ATOM   642  C CE  . LYS A 1 100 ? 8.951   6.063   -10.648 1.00 63.03  ? 100 LYS A CE  1 
ATOM   643  N NZ  . LYS A 1 100 ? 8.019   6.097   -11.802 1.00 65.08  ? 100 LYS A NZ  1 
ATOM   644  N N   . ILE A 1 101 ? 5.473   9.838   -7.552  1.00 19.92  ? 101 ILE A N   1 
ATOM   645  C CA  . ILE A 1 101 ? 4.723   9.414   -6.393  1.00 22.04  ? 101 ILE A CA  1 
ATOM   646  C C   . ILE A 1 101 ? 3.249   9.369   -6.745  1.00 25.69  ? 101 ILE A C   1 
ATOM   647  O O   . ILE A 1 101 ? 2.580   8.361   -6.528  1.00 33.62  ? 101 ILE A O   1 
ATOM   648  C CB  . ILE A 1 101 ? 4.961   10.421  -5.224  1.00 24.61  ? 101 ILE A CB  1 
ATOM   649  C CG1 . ILE A 1 101 ? 6.431   10.369  -4.759  1.00 28.25  ? 101 ILE A CG1 1 
ATOM   650  C CG2 . ILE A 1 101 ? 4.018   10.167  -4.049  1.00 27.36  ? 101 ILE A CG2 1 
ATOM   651  C CD1 . ILE A 1 101 ? 6.729   11.189  -3.471  1.00 22.27  ? 101 ILE A CD1 1 
ATOM   652  N N   . TYR A 1 102 ? 2.762   10.460  -7.328  1.00 20.05  ? 102 TYR A N   1 
ATOM   653  C CA  . TYR A 1 102 ? 1.381   10.553  -7.792  1.00 22.95  ? 102 TYR A CA  1 
ATOM   654  C C   . TYR A 1 102 ? 1.049   9.538   -8.880  1.00 18.94  ? 102 TYR A C   1 
ATOM   655  O O   . TYR A 1 102 ? -0.057  8.998   -8.883  1.00 20.15  ? 102 TYR A O   1 
ATOM   656  C CB  . TYR A 1 102 ? 1.085   11.941  -8.326  1.00 18.99  ? 102 TYR A CB  1 
ATOM   657  C CG  . TYR A 1 102 ? 1.173   13.007  -7.266  1.00 13.08  ? 102 TYR A CG  1 
ATOM   658  C CD1 . TYR A 1 102 ? 1.012   12.699  -5.915  1.00 26.49  ? 102 TYR A CD1 1 
ATOM   659  C CD2 . TYR A 1 102 ? 1.416   14.322  -7.613  1.00 21.78  ? 102 TYR A CD2 1 
ATOM   660  C CE1 . TYR A 1 102 ? 1.094   13.703  -4.927  1.00 20.07  ? 102 TYR A CE1 1 
ATOM   661  C CE2 . TYR A 1 102 ? 1.494   15.325  -6.621  1.00 19.88  ? 102 TYR A CE2 1 
ATOM   662  C CZ  . TYR A 1 102 ? 1.339   14.993  -5.299  1.00 18.49  ? 102 TYR A CZ  1 
ATOM   663  O OH  . TYR A 1 102 ? 1.417   15.990  -4.325  1.00 31.44  ? 102 TYR A OH  1 
ATOM   664  N N   . LYS A 1 103 ? 1.995   9.279   -9.780  1.00 20.97  ? 103 LYS A N   1 
ATOM   665  C CA  . LYS A 1 103 ? 1.788   8.293   -10.844 1.00 23.52  ? 103 LYS A CA  1 
ATOM   666  C C   . LYS A 1 103 ? 1.628   6.869   -10.287 1.00 28.72  ? 103 LYS A C   1 
ATOM   667  O O   . LYS A 1 103 ? 0.919   6.032   -10.862 1.00 39.34  ? 103 LYS A O   1 
ATOM   668  C CB  . LYS A 1 103 ? 2.940   8.323   -11.851 1.00 26.51  ? 103 LYS A CB  1 
ATOM   669  C CG  . LYS A 1 103 ? 2.730   7.375   -13.073 1.00 30.63  ? 103 LYS A CG  1 
ATOM   670  C CD  . LYS A 1 103 ? 4.037   6.748   -13.647 1.00 42.70  ? 103 LYS A CD  1 
ATOM   671  C CE  . LYS A 1 103 ? 4.760   5.764   -12.685 1.00 55.14  ? 103 LYS A CE  1 
ATOM   672  N NZ  . LYS A 1 103 ? 4.367   4.313   -12.793 1.00 46.06  ? 103 LYS A NZ  1 
ATOM   673  N N   . ILE A 1 104 ? 2.306   6.591   -9.184  1.00 25.65  ? 104 ILE A N   1 
ATOM   674  C CA  . ILE A 1 104 ? 2.216   5.289   -8.537  1.00 25.32  ? 104 ILE A CA  1 
ATOM   675  C C   . ILE A 1 104 ? 0.852   5.144   -7.861  1.00 24.01  ? 104 ILE A C   1 
ATOM   676  O O   . ILE A 1 104 ? 0.160   4.142   -8.062  1.00 24.29  ? 104 ILE A O   1 
ATOM   677  C CB  . ILE A 1 104 ? 3.384   5.079   -7.529  1.00 27.07  ? 104 ILE A CB  1 
ATOM   678  C CG1 . ILE A 1 104 ? 4.710   4.922   -8.266  1.00 21.55  ? 104 ILE A CG1 1 
ATOM   679  C CG2 . ILE A 1 104 ? 3.170   3.851   -6.661  1.00 19.61  ? 104 ILE A CG2 1 
ATOM   680  C CD1 . ILE A 1 104 ? 5.884   5.269   -7.381  1.00 34.76  ? 104 ILE A CD1 1 
ATOM   681  N N   . VAL A 1 105 ? 0.455   6.162   -7.096  1.00 23.51  ? 105 VAL A N   1 
ATOM   682  C CA  . VAL A 1 105 ? -0.880  6.228   -6.502  1.00 25.52  ? 105 VAL A CA  1 
ATOM   683  C C   . VAL A 1 105 ? -2.027  6.056   -7.482  1.00 25.30  ? 105 VAL A C   1 
ATOM   684  O O   . VAL A 1 105 ? -3.006  5.356   -7.189  1.00 30.40  ? 105 VAL A O   1 
ATOM   685  C CB  . VAL A 1 105 ? -1.096  7.513   -5.708  1.00 23.88  ? 105 VAL A CB  1 
ATOM   686  C CG1 . VAL A 1 105 ? -2.511  7.549   -5.129  1.00 24.20  ? 105 VAL A CG1 1 
ATOM   687  C CG2 . VAL A 1 105 ? -0.079  7.593   -4.618  1.00 23.46  ? 105 VAL A CG2 1 
ATOM   688  N N   . LYS A 1 106 ? -1.898  6.682   -8.640  1.00 32.50  ? 106 LYS A N   1 
ATOM   689  C CA  . LYS A 1 106 ? -2.853  6.499   -9.720  1.00 35.48  ? 106 LYS A CA  1 
ATOM   690  C C   . LYS A 1 106 ? -2.884  5.080   -10.286 1.00 38.38  ? 106 LYS A C   1 
ATOM   691  O O   . LYS A 1 106 ? -3.956  4.566   -10.618 1.00 42.35  ? 106 LYS A O   1 
ATOM   692  C CB  . LYS A 1 106 ? -2.692  7.580   -10.799 1.00 38.47  ? 106 LYS A CB  1 
ATOM   693  C CG  . LYS A 1 106 ? -3.030  9.022   -10.259 1.00 49.98  ? 106 LYS A CG  1 
ATOM   694  C CD  . LYS A 1 106 ? -3.168  10.115  -11.346 1.00 39.04  ? 106 LYS A CD  1 
ATOM   695  C CE  . LYS A 1 106 ? -1.910  10.241  -12.214 1.00 57.22  ? 106 LYS A CE  1 
ATOM   696  N NZ  . LYS A 1 106 ? -1.038  11.393  -11.840 1.00 50.03  ? 106 LYS A NZ  1 
ATOM   697  N N   . GLU A 1 107 ? -1.734  4.428   -10.360 1.00 32.22  ? 107 GLU A N   1 
ATOM   698  C CA  . GLU A 1 107 ? -1.691  3.039   -10.832 1.00 29.85  ? 107 GLU A CA  1 
ATOM   699  C C   . GLU A 1 107 ? -2.235  2.049   -9.812  1.00 30.25  ? 107 GLU A C   1 
ATOM   700  O O   . GLU A 1 107 ? -2.748  0.999   -10.192 1.00 32.46  ? 107 GLU A O   1 
ATOM   701  C CB  . GLU A 1 107 ? -0.275  2.630   -11.197 1.00 34.46  ? 107 GLU A CB  1 
ATOM   702  C CG  . GLU A 1 107 ? 0.040   2.646   -12.682 1.00 55.56  ? 107 GLU A CG  1 
ATOM   703  C CD  . GLU A 1 107 ? -0.855  1.726   -13.498 1.00 67.64  ? 107 GLU A CD  1 
ATOM   704  O OE1 . GLU A 1 107 ? -1.305  2.154   -14.587 1.00 71.86  ? 107 GLU A OE1 1 
ATOM   705  O OE2 . GLU A 1 107 ? -1.100  0.579   -13.058 1.00 73.51  ? 107 GLU A OE2 1 
ATOM   706  N N   . VAL A 1 108 ? -2.092  2.375   -8.523  1.00 24.22  ? 108 VAL A N   1 
ATOM   707  C CA  . VAL A 1 108 ? -2.647  1.583   -7.439  1.00 23.88  ? 108 VAL A CA  1 
ATOM   708  C C   . VAL A 1 108 ? -4.170  1.591   -7.549  1.00 28.66  ? 108 VAL A C   1 
ATOM   709  O O   . VAL A 1 108 ? -4.794  0.526   -7.530  1.00 22.30  ? 108 VAL A O   1 
ATOM   710  C CB  . VAL A 1 108 ? -2.220  2.129   -6.009  1.00 24.18  ? 108 VAL A CB  1 
ATOM   711  C CG1 . VAL A 1 108 ? -3.038  1.461   -4.920  1.00 20.91  ? 108 VAL A CG1 1 
ATOM   712  C CG2 . VAL A 1 108 ? -0.753  1.851   -5.725  1.00 15.82  ? 108 VAL A CG2 1 
ATOM   713  N N   . ASP A 1 109 ? -4.744  2.797   -7.671  1.00 28.20  ? 109 ASP A N   1 
ATOM   714  C CA  . ASP A 1 109 ? -6.180  2.984   -7.855  1.00 27.66  ? 109 ASP A CA  1 
ATOM   715  C C   . ASP A 1 109 ? -6.683  2.154   -9.043  1.00 22.87  ? 109 ASP A C   1 
ATOM   716  O O   . ASP A 1 109 ? -7.615  1.378   -8.886  1.00 24.37  ? 109 ASP A O   1 
ATOM   717  C CB  . ASP A 1 109 ? -6.488  4.465   -8.075  1.00 28.64  ? 109 ASP A CB  1 
ATOM   718  C CG  . ASP A 1 109 ? -7.975  4.770   -8.015  1.00 41.56  ? 109 ASP A CG  1 
ATOM   719  O OD1 . ASP A 1 109 ? -8.588  4.916   -9.085  1.00 26.70  ? 109 ASP A OD1 1 
ATOM   720  O OD2 . ASP A 1 109 ? -8.532  4.885   -6.899  1.00 46.84  ? 109 ASP A OD2 1 
ATOM   721  N N   . ARG A 1 110 ? -6.046  2.299   -10.201 1.00 23.30  ? 110 ARG A N   1 
ATOM   722  C CA  . ARG A 1 110 ? -6.368  1.487   -11.392 1.00 24.05  ? 110 ARG A CA  1 
ATOM   723  C C   . ARG A 1 110 ? -6.448  -0.002  -11.070 1.00 31.16  ? 110 ARG A C   1 
ATOM   724  O O   . ARG A 1 110 ? -7.449  -0.651  -11.384 1.00 32.38  ? 110 ARG A O   1 
ATOM   725  C CB  . ARG A 1 110 ? -5.301  1.679   -12.448 1.00 30.57  ? 110 ARG A CB  1 
ATOM   726  C CG  . ARG A 1 110 ? -5.681  2.607   -13.591 1.00 48.87  ? 110 ARG A CG  1 
ATOM   727  C CD  . ARG A 1 110 ? -5.450  1.947   -14.945 1.00 58.76  ? 110 ARG A CD  1 
ATOM   728  N NE  . ARG A 1 110 ? -4.221  1.145   -15.003 1.00 73.34  ? 110 ARG A NE  1 
ATOM   729  C CZ  . ARG A 1 110 ? -4.161  -0.152  -15.329 1.00 77.95  ? 110 ARG A CZ  1 
ATOM   730  N NH1 . ARG A 1 110 ? -5.259  -0.829  -15.632 1.00 81.87  ? 110 ARG A NH1 1 
ATOM   731  N NH2 . ARG A 1 110 ? -2.992  -0.776  -15.354 1.00 79.84  ? 110 ARG A NH2 1 
ATOM   732  N N   . LYS A 1 111 ? -5.388  -0.523  -10.437 1.00 28.75  ? 111 LYS A N   1 
ATOM   733  C CA  . LYS A 1 111 ? -5.295  -1.926  -10.023 1.00 27.77  ? 111 LYS A CA  1 
ATOM   734  C C   . LYS A 1 111 ? -6.352  -2.396  -9.014  1.00 21.58  ? 111 LYS A C   1 
ATOM   735  O O   . LYS A 1 111 ? -6.861  -3.503  -9.135  1.00 24.60  ? 111 LYS A O   1 
ATOM   736  C CB  . LYS A 1 111 ? -3.877  -2.265  -9.521  1.00 31.58  ? 111 LYS A CB  1 
ATOM   737  C CG  . LYS A 1 111 ? -2.770  -2.355  -10.600 1.00 28.62  ? 111 LYS A CG  1 
ATOM   738  C CD  . LYS A 1 111 ? -3.229  -3.097  -11.869 1.00 43.55  ? 111 LYS A CD  1 
ATOM   739  C CE  . LYS A 1 111 ? -2.145  -3.116  -12.950 1.00 44.75  ? 111 LYS A CE  1 
ATOM   740  N NZ  . LYS A 1 111 ? -2.608  -3.729  -14.250 1.00 41.93  ? 111 LYS A NZ  1 
ATOM   741  N N   A LEU A 1 112 ? -6.645  -1.563  -8.018  0.50 18.57  ? 112 LEU A N   1 
ATOM   742  N N   B LEU A 1 112 ? -6.677  -1.555  -8.029  0.50 20.75  ? 112 LEU A N   1 
ATOM   743  C CA  A LEU A 1 112 ? -7.681  -1.854  -7.048  0.50 18.19  ? 112 LEU A CA  1 
ATOM   744  C CA  B LEU A 1 112 ? -7.702  -1.869  -7.030  0.50 22.82  ? 112 LEU A CA  1 
ATOM   745  C C   A LEU A 1 112 ? -9.050  -2.055  -7.692  0.50 24.90  ? 112 LEU A C   1 
ATOM   746  C C   B LEU A 1 112 ? -9.116  -1.955  -7.598  0.50 28.28  ? 112 LEU A C   1 
ATOM   747  O O   A LEU A 1 112 ? -9.780  -2.981  -7.323  0.50 26.00  ? 112 LEU A O   1 
ATOM   748  O O   B LEU A 1 112 ? -9.957  -2.681  -7.062  0.50 32.95  ? 112 LEU A O   1 
ATOM   749  C CB  A LEU A 1 112 ? -7.747  -0.749  -5.985  0.50 16.25  ? 112 LEU A CB  1 
ATOM   750  C CB  B LEU A 1 112 ? -7.680  -0.864  -5.865  0.50 22.04  ? 112 LEU A CB  1 
ATOM   751  C CG  A LEU A 1 112 ? -6.648  -0.854  -4.939  0.50 2.51   ? 112 LEU A CG  1 
ATOM   752  C CG  B LEU A 1 112 ? -7.028  -1.388  -4.587  0.50 20.47  ? 112 LEU A CG  1 
ATOM   753  C CD1 A LEU A 1 112 ? -6.737  0.331   -3.894  0.50 2.72   ? 112 LEU A CD1 1 
ATOM   754  C CD1 B LEU A 1 112 ? -5.540  -1.400  -4.809  0.50 4.54   ? 112 LEU A CD1 1 
ATOM   755  C CD2 A LEU A 1 112 ? -6.718  -2.236  -4.218  0.50 2.00   ? 112 LEU A CD2 1 
ATOM   756  C CD2 B LEU A 1 112 ? -7.364  -0.523  -3.353  0.50 20.46  ? 112 LEU A CD2 1 
ATOM   757  N N   . LEU A 1 113 ? -9.375  -1.207  -8.671  1.00 27.41  ? 113 LEU A N   1 
ATOM   758  C CA  . LEU A 1 113 ? -10.647 -1.296  -9.393  1.00 25.66  ? 113 LEU A CA  1 
ATOM   759  C C   . LEU A 1 113 ? -10.683 -2.575  -10.219 1.00 27.89  ? 113 LEU A C   1 
ATOM   760  O O   . LEU A 1 113 ? -11.716 -3.219  -10.309 1.00 29.86  ? 113 LEU A O   1 
ATOM   761  C CB  . LEU A 1 113 ? -10.835 -0.079  -10.302 1.00 21.60  ? 113 LEU A CB  1 
ATOM   762  C CG  . LEU A 1 113 ? -11.069 1.289   -9.651  1.00 27.72  ? 113 LEU A CG  1 
ATOM   763  C CD1 . LEU A 1 113 ? -10.946 2.419   -10.694 1.00 21.63  ? 113 LEU A CD1 1 
ATOM   764  C CD2 . LEU A 1 113 ? -12.418 1.338   -8.964  1.00 25.41  ? 113 LEU A CD2 1 
ATOM   765  N N   . ASP A 1 114 ? -9.543  -2.952  -10.789 1.00 26.33  ? 114 ASP A N   1 
ATOM   766  C CA  . ASP A 1 114 ? -9.438  -4.177  -11.600 1.00 30.02  ? 114 ASP A CA  1 
ATOM   767  C C   . ASP A 1 114 ? -9.540  -5.451  -10.773 1.00 32.94  ? 114 ASP A C   1 
ATOM   768  O O   . ASP A 1 114 ? -9.953  -6.519  -11.263 1.00 24.27  ? 114 ASP A O   1 
ATOM   769  C CB  . ASP A 1 114 ? -8.111  -4.190  -12.351 1.00 32.79  ? 114 ASP A CB  1 
ATOM   770  C CG  . ASP A 1 114 ? -8.112  -3.273  -13.548 1.00 38.59  ? 114 ASP A CG  1 
ATOM   771  O OD1 . ASP A 1 114 ? -7.043  -3.151  -14.172 1.00 42.01  ? 114 ASP A OD1 1 
ATOM   772  O OD2 . ASP A 1 114 ? -9.172  -2.681  -13.867 1.00 42.90  ? 114 ASP A OD2 1 
ATOM   773  N N   . LEU A 1 115 ? -9.135  -5.322  -9.522  1.00 20.09  ? 115 LEU A N   1 
ATOM   774  C CA  . LEU A 1 115 ? -9.213  -6.387  -8.551  1.00 27.63  ? 115 LEU A CA  1 
ATOM   775  C C   . LEU A 1 115 ? -10.649 -6.618  -8.102  1.00 29.21  ? 115 LEU A C   1 
ATOM   776  O O   . LEU A 1 115 ? -11.105 -7.753  -8.090  1.00 27.89  ? 115 LEU A O   1 
ATOM   777  C CB  . LEU A 1 115 ? -8.336  -6.048  -7.329  1.00 27.27  ? 115 LEU A CB  1 
ATOM   778  C CG  . LEU A 1 115 ? -8.340  -7.026  -6.157  1.00 28.84  ? 115 LEU A CG  1 
ATOM   779  C CD1 . LEU A 1 115 ? -7.713  -8.360  -6.551  1.00 23.92  ? 115 LEU A CD1 1 
ATOM   780  C CD2 . LEU A 1 115 ? -7.598  -6.428  -4.985  1.00 24.36  ? 115 LEU A CD2 1 
ATOM   781  N N   . THR A 1 116 ? -11.338 -5.538  -7.713  1.00 23.89  ? 116 THR A N   1 
ATOM   782  C CA  . THR A 1 116 ? -12.769 -5.555  -7.474  1.00 24.77  ? 116 THR A CA  1 
ATOM   783  C C   . THR A 1 116 ? -13.557 -6.290  -8.541  1.00 28.65  ? 116 THR A C   1 
ATOM   784  O O   . THR A 1 116 ? -14.367 -7.155  -8.235  1.00 31.34  ? 116 THR A O   1 
ATOM   785  C CB  . THR A 1 116 ? -13.314 -4.158  -7.265  1.00 24.62  ? 116 THR A CB  1 
ATOM   786  O OG1 . THR A 1 116 ? -12.496 -3.497  -6.297  1.00 26.12  ? 116 THR A OG1 1 
ATOM   787  C CG2 . THR A 1 116 ? -14.724 -4.224  -6.707  1.00 27.95  ? 116 THR A CG2 1 
ATOM   788  N N   . ASP A 1 117 ? -13.264 -5.982  -9.792  1.00 22.89  ? 117 ASP A N   1 
ATOM   789  C CA  . ASP A 1 117 ? -13.882 -6.645  -10.912 1.00 27.02  ? 117 ASP A CA  1 
ATOM   790  C C   . ASP A 1 117 ? -13.654 -8.143  -10.916 1.00 28.64  ? 117 ASP A C   1 
ATOM   791  O O   . ASP A 1 117 ? -14.584 -8.924  -11.144 1.00 33.45  ? 117 ASP A O   1 
ATOM   792  C CB  . ASP A 1 117 ? -13.353 -6.039  -12.196 1.00 19.92  ? 117 ASP A CB  1 
ATOM   793  C CG  . ASP A 1 117 ? -14.452 -5.621  -13.109 1.00 44.39  ? 117 ASP A CG  1 
ATOM   794  O OD1 . ASP A 1 117 ? -15.219 -4.695  -12.744 1.00 47.14  ? 117 ASP A OD1 1 
ATOM   795  O OD2 . ASP A 1 117 ? -14.564 -6.244  -14.187 1.00 59.89  ? 117 ASP A OD2 1 
ATOM   796  N N   . ALA A 1 118 ? -12.412 -8.536  -10.660 1.00 31.34  ? 118 ALA A N   1 
ATOM   797  C CA  . ALA A 1 118 ? -11.997 -9.927  -10.755 1.00 31.16  ? 118 ALA A CA  1 
ATOM   798  C C   . ALA A 1 118 ? -12.636 -10.749 -9.635  1.00 33.61  ? 118 ALA A C   1 
ATOM   799  O O   . ALA A 1 118 ? -12.995 -11.908 -9.823  1.00 34.05  ? 118 ALA A O   1 
ATOM   800  C CB  . ALA A 1 118 ? -10.493 -10.014 -10.679 1.00 27.91  ? 118 ALA A CB  1 
ATOM   801  N N   . VAL A 1 119 ? -12.782 -10.122 -8.476  1.00 24.85  ? 119 VAL A N   1 
ATOM   802  C CA  . VAL A 1 119 ? -13.443 -10.710 -7.323  1.00 30.25  ? 119 VAL A CA  1 
ATOM   803  C C   . VAL A 1 119 ? -14.962 -10.782 -7.551  1.00 34.40  ? 119 VAL A C   1 
ATOM   804  O O   . VAL A 1 119 ? -15.618 -11.735 -7.126  1.00 38.87  ? 119 VAL A O   1 
ATOM   805  C CB  . VAL A 1 119 ? -13.065 -9.904  -6.019  1.00 24.49  ? 119 VAL A CB  1 
ATOM   806  C CG1 . VAL A 1 119 ? -13.956 -10.253 -4.845  1.00 27.76  ? 119 VAL A CG1 1 
ATOM   807  C CG2 . VAL A 1 119 ? -11.609 -10.140 -5.656  1.00 28.30  ? 119 VAL A CG2 1 
ATOM   808  N N   . LEU A 1 120 ? -15.517 -9.791  -8.241  1.00 35.07  ? 120 LEU A N   1 
ATOM   809  C CA  . LEU A 1 120 ? -16.950 -9.769  -8.509  1.00 36.49  ? 120 LEU A CA  1 
ATOM   810  C C   . LEU A 1 120 ? -17.359 -10.739 -9.620  1.00 39.78  ? 120 LEU A C   1 
ATOM   811  O O   . LEU A 1 120 ? -18.500 -11.200 -9.644  1.00 46.25  ? 120 LEU A O   1 
ATOM   812  C CB  . LEU A 1 120 ? -17.410 -8.360  -8.864  1.00 30.71  ? 120 LEU A CB  1 
ATOM   813  C CG  . LEU A 1 120 ? -18.174 -7.512  -7.851  1.00 33.43  ? 120 LEU A CG  1 
ATOM   814  C CD1 . LEU A 1 120 ? -17.711 -7.710  -6.437  1.00 42.68  ? 120 LEU A CD1 1 
ATOM   815  C CD2 . LEU A 1 120 ? -18.003 -6.090  -8.233  1.00 21.06  ? 120 LEU A CD2 1 
ATOM   816  N N   . ALA A 1 121 ? -16.439 -11.049 -10.528 1.00 46.74  ? 121 ALA A N   1 
ATOM   817  C CA  . ALA A 1 121 ? -16.737 -11.925 -11.671 1.00 50.01  ? 121 ALA A CA  1 
ATOM   818  C C   . ALA A 1 121 ? -16.948 -13.392 -11.292 1.00 57.95  ? 121 ALA A C   1 
ATOM   819  O O   . ALA A 1 121 ? -16.498 -13.845 -10.237 1.00 60.41  ? 121 ALA A O   1 
ATOM   820  C CB  . ALA A 1 121 ? -15.676 -11.799 -12.732 1.00 52.64  ? 121 ALA A CB  1 
ATOM   821  N N   . LYS A 1 122 ? -17.637 -14.125 -12.164 1.00 65.45  ? 122 LYS A N   1 
ATOM   822  C CA  . LYS A 1 122 ? -18.358 -15.332 -11.758 1.00 74.72  ? 122 LYS A CA  1 
ATOM   823  C C   . LYS A 1 122 ? -17.417 -16.498 -11.448 1.00 77.43  ? 122 LYS A C   1 
ATOM   824  O O   . LYS A 1 122 ? -17.465 -17.071 -10.356 1.00 79.77  ? 122 LYS A O   1 
ATOM   825  C CB  . LYS A 1 122 ? -19.414 -15.721 -12.804 1.00 77.64  ? 122 LYS A CB  1 
ATOM   826  C CG  . LYS A 1 122 ? -20.721 -14.927 -12.692 1.00 80.32  ? 122 LYS A CG  1 
ATOM   827  C CD  . LYS A 1 122 ? -21.232 -14.482 -14.061 1.00 86.06  ? 122 LYS A CD  1 
ATOM   828  C CE  . LYS A 1 122 ? -22.341 -15.388 -14.590 1.00 84.94  ? 122 LYS A CE  1 
ATOM   829  N NZ  . LYS A 1 122 ? -23.598 -15.229 -13.812 1.00 82.48  ? 122 LYS A NZ  1 
ATOM   830  N N   . GLU A 1 123 ? -16.554 -16.828 -12.402 1.00 78.96  ? 123 GLU A N   1 
ATOM   831  C CA  . GLU A 1 123 ? -15.352 -17.605 -12.120 1.00 79.30  ? 123 GLU A CA  1 
ATOM   832  C C   . GLU A 1 123 ? -14.247 -16.723 -11.505 1.00 74.36  ? 123 GLU A C   1 
ATOM   833  O O   . GLU A 1 123 ? -14.227 -15.505 -11.710 1.00 71.63  ? 123 GLU A O   1 
ATOM   834  C CB  . GLU A 1 123 ? -14.903 -18.375 -13.379 1.00 82.35  ? 123 GLU A CB  1 
ATOM   835  C CG  . GLU A 1 123 ? -13.976 -17.637 -14.372 1.00 92.62  ? 123 GLU A CG  1 
ATOM   836  C CD  . GLU A 1 123 ? -14.483 -16.269 -14.841 1.00 98.97  ? 123 GLU A CD  1 
ATOM   837  O OE1 . GLU A 1 123 ? -13.662 -15.324 -14.872 1.00 96.63  ? 123 GLU A OE1 1 
ATOM   838  O OE2 . GLU A 1 123 ? -15.684 -16.136 -15.175 1.00 101.86 ? 123 GLU A OE2 1 
ATOM   839  N N   . LYS A 1 124 ? -13.348 -17.338 -10.740 1.00 71.61  ? 124 LYS A N   1 
ATOM   840  C CA  . LYS A 1 124 ? -12.609 -16.631 -9.682  1.00 67.97  ? 124 LYS A CA  1 
ATOM   841  C C   . LYS A 1 124 ? -11.401 -17.436 -9.154  1.00 65.88  ? 124 LYS A C   1 
ATOM   842  O O   . LYS A 1 124 ? -11.544 -18.242 -8.224  1.00 63.21  ? 124 LYS A O   1 
ATOM   843  C CB  . LYS A 1 124 ? -13.564 -16.303 -8.530  1.00 67.08  ? 124 LYS A CB  1 
ATOM   844  C CG  . LYS A 1 124 ? -13.214 -15.062 -7.744  1.00 61.71  ? 124 LYS A CG  1 
ATOM   845  C CD  . LYS A 1 124 ? -14.361 -14.602 -6.842  1.00 64.79  ? 124 LYS A CD  1 
ATOM   846  C CE  . LYS A 1 124 ? -15.558 -15.556 -6.793  1.00 69.78  ? 124 LYS A CE  1 
ATOM   847  N NZ  . LYS A 1 124 ? -16.706 -15.077 -7.631  1.00 69.52  ? 124 LYS A NZ  1 
ATOM   848  N N   . LYS A 1 125 ? -10.221 -17.203 -9.739  1.00 56.67  ? 125 LYS A N   1 
ATOM   849  C CA  . LYS A 1 125 ? -9.055  -18.059 -9.510  1.00 50.35  ? 125 LYS A CA  1 
ATOM   850  C C   . LYS A 1 125 ? -8.077  -17.498 -8.479  1.00 44.82  ? 125 LYS A C   1 
ATOM   851  O O   . LYS A 1 125 ? -7.555  -16.395 -8.638  1.00 42.11  ? 125 LYS A O   1 
ATOM   852  C CB  . LYS A 1 125 ? -8.348  -18.378 -10.827 1.00 51.90  ? 125 LYS A CB  1 
ATOM   853  C CG  . LYS A 1 125 ? -8.977  -19.553 -11.574 1.00 60.90  ? 125 LYS A CG  1 
ATOM   854  C CD  . LYS A 1 125 ? -8.018  -20.139 -12.604 1.00 73.62  ? 125 LYS A CD  1 
ATOM   855  C CE  . LYS A 1 125 ? -8.495  -19.900 -14.037 1.00 75.34  ? 125 LYS A CE  1 
ATOM   856  N NZ  . LYS A 1 125 ? -7.450  -19.234 -14.870 1.00 69.54  ? 125 LYS A NZ  1 
ATOM   857  N N   . GLY A 1 126 ? -7.828  -18.272 -7.424  1.00 40.56  ? 126 GLY A N   1 
ATOM   858  C CA  . GLY A 1 126 ? -6.983  -17.840 -6.311  1.00 28.18  ? 126 GLY A CA  1 
ATOM   859  C C   . GLY A 1 126 ? -5.585  -17.373 -6.695  1.00 29.52  ? 126 GLY A C   1 
ATOM   860  O O   . GLY A 1 126 ? -5.055  -16.484 -6.063  1.00 27.50  ? 126 GLY A O   1 
ATOM   861  N N   . LEU A 1 127 ? -4.980  -17.949 -7.738  1.00 29.03  ? 127 LEU A N   1 
ATOM   862  C CA  . LEU A 1 127 ? -3.600  -17.601 -8.066  1.00 30.53  ? 127 LEU A CA  1 
ATOM   863  C C   . LEU A 1 127 ? -3.466  -16.283 -8.816  1.00 34.39  ? 127 LEU A C   1 
ATOM   864  O O   . LEU A 1 127 ? -2.520  -15.518 -8.568  1.00 39.99  ? 127 LEU A O   1 
ATOM   865  C CB  . LEU A 1 127 ? -2.893  -18.726 -8.812  1.00 35.03  ? 127 LEU A CB  1 
ATOM   866  C CG  . LEU A 1 127 ? -1.369  -18.658 -8.901  1.00 31.78  ? 127 LEU A CG  1 
ATOM   867  C CD1 . LEU A 1 127 ? -0.709  -18.647 -7.525  1.00 31.54  ? 127 LEU A CD1 1 
ATOM   868  C CD2 . LEU A 1 127 ? -0.921  -19.870 -9.693  1.00 29.95  ? 127 LEU A CD2 1 
ATOM   869  N N   . ASP A 1 128 ? -4.405  -16.032 -9.730  1.00 36.56  ? 128 ASP A N   1 
ATOM   870  C CA  . ASP A 1 128 ? -4.554  -14.734 -10.404 1.00 31.21  ? 128 ASP A CA  1 
ATOM   871  C C   . ASP A 1 128 ? -4.819  -13.622 -9.396  1.00 23.75  ? 128 ASP A C   1 
ATOM   872  O O   . ASP A 1 128 ? -4.220  -12.570 -9.490  1.00 30.68  ? 128 ASP A O   1 
ATOM   873  C CB  . ASP A 1 128 ? -5.693  -14.775 -11.426 1.00 33.48  ? 128 ASP A CB  1 
ATOM   874  C CG  . ASP A 1 128 ? -5.483  -15.829 -12.510 1.00 42.22  ? 128 ASP A CG  1 
ATOM   875  O OD1 . ASP A 1 128 ? -4.330  -16.206 -12.805 1.00 39.70  ? 128 ASP A OD1 1 
ATOM   876  O OD2 . ASP A 1 128 ? -6.491  -16.290 -13.072 1.00 56.03  ? 128 ASP A OD2 1 
ATOM   877  N N   . ILE A 1 129 ? -5.709  -13.869 -8.440  1.00 26.75  ? 129 ILE A N   1 
ATOM   878  C CA  . ILE A 1 129 ? -5.972  -12.920 -7.337  1.00 26.87  ? 129 ILE A CA  1 
ATOM   879  C C   . ILE A 1 129 ? -4.727  -12.624 -6.485  1.00 29.17  ? 129 ILE A C   1 
ATOM   880  O O   . ILE A 1 129 ? -4.411  -11.467 -6.199  1.00 28.88  ? 129 ILE A O   1 
ATOM   881  C CB  . ILE A 1 129 ? -7.183  -13.367 -6.489  1.00 30.56  ? 129 ILE A CB  1 
ATOM   882  C CG1 . ILE A 1 129 ? -8.439  -13.388 -7.374  1.00 34.55  ? 129 ILE A CG1 1 
ATOM   883  C CG2 . ILE A 1 129 ? -7.372  -12.476 -5.264  1.00 23.28  ? 129 ILE A CG2 1 
ATOM   884  C CD1 . ILE A 1 129 ? -9.754  -13.407 -6.649  1.00 49.54  ? 129 ILE A CD1 1 
ATOM   885  N N   . LEU A 1 130 ? -4.001  -13.684 -6.133  1.00 30.00  ? 130 LEU A N   1 
ATOM   886  C CA  . LEU A 1 130 ? -2.677  -13.575 -5.540  1.00 24.65  ? 130 LEU A CA  1 
ATOM   887  C C   . LEU A 1 130 ? -1.714  -12.690 -6.329  1.00 24.93  ? 130 LEU A C   1 
ATOM   888  O O   . LEU A 1 130 ? -1.057  -11.814 -5.750  1.00 19.86  ? 130 LEU A O   1 
ATOM   889  C CB  . LEU A 1 130 ? -2.093  -14.968 -5.303  1.00 22.00  ? 130 LEU A CB  1 
ATOM   890  C CG  . LEU A 1 130 ? -0.968  -15.161 -4.299  1.00 34.69  ? 130 LEU A CG  1 
ATOM   891  C CD1 . LEU A 1 130 ? -1.302  -14.471 -2.944  1.00 22.35  ? 130 LEU A CD1 1 
ATOM   892  C CD2 . LEU A 1 130 ? -0.766  -16.655 -4.140  1.00 23.83  ? 130 LEU A CD2 1 
ATOM   893  N N   . ASN A 1 131 ? -1.634  -12.892 -7.645  1.00 23.25  ? 131 ASN A N   1 
ATOM   894  C CA  . ASN A 1 131 ? -0.781  -12.066 -8.508  1.00 24.32  ? 131 ASN A CA  1 
ATOM   895  C C   . ASN A 1 131 ? -1.152  -10.601 -8.477  1.00 26.29  ? 131 ASN A C   1 
ATOM   896  O O   . ASN A 1 131 ? -0.270  -9.750  -8.364  1.00 33.58  ? 131 ASN A O   1 
ATOM   897  C CB  . ASN A 1 131 ? -0.784  -12.576 -9.943  1.00 26.17  ? 131 ASN A CB  1 
ATOM   898  C CG  . ASN A 1 131 ? -0.111  -13.933 -10.072 1.00 50.96  ? 131 ASN A CG  1 
ATOM   899  O OD1 . ASN A 1 131 ? 0.948   -14.179 -9.484  1.00 62.65  ? 131 ASN A OD1 1 
ATOM   900  N ND2 . ASN A 1 131 ? -0.726  -14.825 -10.838 1.00 65.49  ? 131 ASN A ND2 1 
ATOM   901  N N   . MET A 1 132 ? -2.463  -10.340 -8.521  1.00 30.18  ? 132 MET A N   1 
ATOM   902  C CA  A MET A 1 132 ? -3.016  -8.986  -8.505  0.50 25.65  ? 132 MET A CA  1 
ATOM   903  C CA  B MET A 1 132 ? -3.001  -8.985  -8.507  0.50 28.39  ? 132 MET A CA  1 
ATOM   904  C C   . MET A 1 132 ? -2.651  -8.250  -7.223  1.00 29.96  ? 132 MET A C   1 
ATOM   905  O O   . MET A 1 132 ? -2.290  -7.070  -7.260  1.00 33.65  ? 132 MET A O   1 
ATOM   906  C CB  A MET A 1 132 ? -4.546  -9.021  -8.663  0.50 28.03  ? 132 MET A CB  1 
ATOM   907  C CB  B MET A 1 132 ? -4.519  -9.007  -8.694  0.50 30.72  ? 132 MET A CB  1 
ATOM   908  C CG  A MET A 1 132 ? -5.054  -9.425  -10.056 0.50 26.48  ? 132 MET A CG  1 
ATOM   909  C CG  B MET A 1 132 ? -4.976  -9.253  -10.127 0.50 31.52  ? 132 MET A CG  1 
ATOM   910  S SD  A MET A 1 132 ? -6.833  -9.783  -10.075 0.50 24.19  ? 132 MET A SD  1 
ATOM   911  S SD  B MET A 1 132 ? -6.637  -8.598  -10.400 0.50 34.00  ? 132 MET A SD  1 
ATOM   912  C CE  A MET A 1 132 ? -6.953  -10.880 -11.502 0.50 23.38  ? 132 MET A CE  1 
ATOM   913  C CE  B MET A 1 132 ? -6.994  -9.234  -12.033 0.50 26.00  ? 132 MET A CE  1 
ATOM   914  N N   . VAL A 1 133 ? -2.752  -8.941  -6.086  1.00 28.19  ? 133 VAL A N   1 
ATOM   915  C CA  . VAL A 1 133 ? -2.368  -8.320  -4.813  1.00 29.19  ? 133 VAL A CA  1 
ATOM   916  C C   . VAL A 1 133 ? -0.843  -8.145  -4.682  1.00 28.70  ? 133 VAL A C   1 
ATOM   917  O O   . VAL A 1 133 ? -0.374  -7.295  -3.951  1.00 16.96  ? 133 VAL A O   1 
ATOM   918  C CB  . VAL A 1 133 ? -2.990  -9.031  -3.575  1.00 35.15  ? 133 VAL A CB  1 
ATOM   919  C CG1 . VAL A 1 133 ? -4.506  -9.273  -3.770  1.00 27.96  ? 133 VAL A CG1 1 
ATOM   920  C CG2 . VAL A 1 133 ? -2.263  -10.334 -3.248  1.00 31.98  ? 133 VAL A CG2 1 
ATOM   921  N N   . GLY A 1 134 ? -0.069  -8.943  -5.404  1.00 20.45  ? 134 GLY A N   1 
ATOM   922  C CA  . GLY A 1 134 ? 1.382   -8.909  -5.279  1.00 26.94  ? 134 GLY A CA  1 
ATOM   923  C C   . GLY A 1 134 ? 1.916   -7.762  -6.105  1.00 23.01  ? 134 GLY A C   1 
ATOM   924  O O   . GLY A 1 134 ? 2.940   -7.181  -5.780  1.00 29.41  ? 134 GLY A O   1 
ATOM   925  N N   . GLU A 1 135 ? 1.186   -7.441  -7.175  1.00 28.24  ? 135 GLU A N   1 
ATOM   926  C CA  . GLU A 1 135 ? 1.416   -6.270  -8.012  1.00 24.17  ? 135 GLU A CA  1 
ATOM   927  C C   . GLU A 1 135 ? 1.152   -4.997  -7.265  1.00 22.09  ? 135 GLU A C   1 
ATOM   928  O O   . GLU A 1 135 ? 1.937   -4.075  -7.323  1.00 27.44  ? 135 GLU A O   1 
ATOM   929  C CB  . GLU A 1 135 ? 0.434   -6.280  -9.150  1.00 26.13  ? 135 GLU A CB  1 
ATOM   930  C CG  . GLU A 1 135 ? 0.997   -6.793  -10.418 1.00 36.57  ? 135 GLU A CG  1 
ATOM   931  C CD  . GLU A 1 135 ? 0.161   -6.360  -11.578 1.00 55.64  ? 135 GLU A CD  1 
ATOM   932  O OE1 . GLU A 1 135 ? -0.601  -7.205  -12.088 1.00 58.45  ? 135 GLU A OE1 1 
ATOM   933  O OE2 . GLU A 1 135 ? 0.243   -5.166  -11.957 1.00 62.49  ? 135 GLU A OE2 1 
ATOM   934  N N   . ILE A 1 136 ? -0.003  -4.956  -6.626  1.00 14.41  ? 136 ILE A N   1 
ATOM   935  C CA  . ILE A 1 136 ? -0.409  -3.824  -5.795  1.00 22.88  ? 136 ILE A CA  1 
ATOM   936  C C   . ILE A 1 136 ? 0.664   -3.559  -4.772  1.00 11.90  ? 136 ILE A C   1 
ATOM   937  O O   . ILE A 1 136 ? 1.149   -2.434  -4.690  1.00 34.76  ? 136 ILE A O   1 
ATOM   938  C CB  . ILE A 1 136 ? -1.803  -4.060  -5.153  1.00 18.20  ? 136 ILE A CB  1 
ATOM   939  C CG1 . ILE A 1 136 ? -2.878  -3.968  -6.251  1.00 15.35  ? 136 ILE A CG1 1 
ATOM   940  C CG2 . ILE A 1 136 ? -2.084  -3.039  -4.000  1.00 17.57  ? 136 ILE A CG2 1 
ATOM   941  C CD1 . ILE A 1 136 ? -4.176  -4.743  -5.973  1.00 22.18  ? 136 ILE A CD1 1 
ATOM   942  N N   . LYS A 1 137 ? 1.063   -4.597  -4.018  1.00 17.38  ? 137 LYS A N   1 
ATOM   943  C CA  . LYS A 1 137 ? 2.118   -4.464  -2.986  1.00 16.37  ? 137 LYS A CA  1 
ATOM   944  C C   . LYS A 1 137 ? 3.389   -3.882  -3.600  1.00 28.71  ? 137 LYS A C   1 
ATOM   945  O O   . LYS A 1 137 ? 3.994   -2.979  -3.027  1.00 17.46  ? 137 LYS A O   1 
ATOM   946  C CB  . LYS A 1 137 ? 2.455   -5.810  -2.345  1.00 23.53  ? 137 LYS A CB  1 
ATOM   947  C CG  . LYS A 1 137 ? 3.534   -5.729  -1.278  1.00 18.77  ? 137 LYS A CG  1 
ATOM   948  C CD  . LYS A 1 137 ? 4.165   -7.070  -0.962  1.00 23.30  ? 137 LYS A CD  1 
ATOM   949  C CE  . LYS A 1 137 ? 5.099   -6.917  0.251   1.00 31.56  ? 137 LYS A CE  1 
ATOM   950  N NZ  . LYS A 1 137 ? 5.415   -8.218  0.912   1.00 24.89  ? 137 LYS A NZ  1 
ATOM   951  N N   . GLY A 1 138 ? 3.759   -4.370  -4.788  1.00 15.56  ? 138 GLY A N   1 
ATOM   952  C CA  . GLY A 1 138 ? 4.889   -3.824  -5.534  1.00 22.92  ? 138 GLY A CA  1 
ATOM   953  C C   . GLY A 1 138 ? 4.798   -2.339  -5.827  1.00 30.33  ? 138 GLY A C   1 
ATOM   954  O O   . GLY A 1 138 ? 5.760   -1.603  -5.634  1.00 37.01  ? 138 GLY A O   1 
ATOM   955  N N   . LEU A 1 139 ? 3.635   -1.886  -6.272  1.00 24.00  ? 139 LEU A N   1 
ATOM   956  C CA  . LEU A 1 139 ? 3.383   -0.462  -6.376  1.00 23.14  ? 139 LEU A CA  1 
ATOM   957  C C   . LEU A 1 139 ? 3.427   0.227   -4.992  1.00 20.69  ? 139 LEU A C   1 
ATOM   958  O O   . LEU A 1 139 ? 4.027   1.301   -4.840  1.00 25.75  ? 139 LEU A O   1 
ATOM   959  C CB  . LEU A 1 139 ? 2.058   -0.218  -7.089  1.00 24.67  ? 139 LEU A CB  1 
ATOM   960  C CG  . LEU A 1 139 ? 1.998   -0.750  -8.535  1.00 29.13  ? 139 LEU A CG  1 
ATOM   961  C CD1 . LEU A 1 139 ? 0.575   -0.778  -9.065  1.00 33.47  ? 139 LEU A CD1 1 
ATOM   962  C CD2 . LEU A 1 139 ? 2.874   0.078   -9.430  1.00 23.59  ? 139 LEU A CD2 1 
ATOM   963  N N   . LEU A 1 140 ? 2.826   -0.393  -3.994  1.00 24.57  ? 140 LEU A N   1 
ATOM   964  C CA  . LEU A 1 140 ? 2.664   0.262   -2.670  1.00 15.72  ? 140 LEU A CA  1 
ATOM   965  C C   . LEU A 1 140 ? 3.959   0.643   -1.978  1.00 28.48  ? 140 LEU A C   1 
ATOM   966  O O   . LEU A 1 140 ? 4.082   1.716   -1.343  1.00 23.35  ? 140 LEU A O   1 
ATOM   967  C CB  . LEU A 1 140 ? 1.875   -0.646  -1.731  1.00 22.88  ? 140 LEU A CB  1 
ATOM   968  C CG  . LEU A 1 140 ? 0.344   -0.694  -1.821  1.00 24.83  ? 140 LEU A CG  1 
ATOM   969  C CD1 . LEU A 1 140 ? -0.175  -1.665  -0.787  1.00 10.24  ? 140 LEU A CD1 1 
ATOM   970  C CD2 . LEU A 1 140 ? -0.323  0.666   -1.656  1.00 21.40  ? 140 LEU A CD2 1 
ATOM   971  N N   . ILE A 1 141 ? 4.921   -0.267  -2.039  1.00 20.49  ? 141 ILE A N   1 
ATOM   972  C CA  . ILE A 1 141 ? 6.195   -0.039  -1.362  1.00 29.85  ? 141 ILE A CA  1 
ATOM   973  C C   . ILE A 1 141 ? 7.024   1.047   -2.068  1.00 29.79  ? 141 ILE A C   1 
ATOM   974  O O   . ILE A 1 141 ? 7.892   1.664   -1.464  1.00 37.21  ? 141 ILE A O   1 
ATOM   975  C CB  . ILE A 1 141 ? 7.002   -1.357  -1.168  1.00 29.19  ? 141 ILE A CB  1 
ATOM   976  C CG1 . ILE A 1 141 ? 7.264   -2.040  -2.509  1.00 32.50  ? 141 ILE A CG1 1 
ATOM   977  C CG2 . ILE A 1 141 ? 6.285   -2.322  -0.224  1.00 29.17  ? 141 ILE A CG2 1 
ATOM   978  C CD1 . ILE A 1 141 ? 8.132   -3.278  -2.410  1.00 34.90  ? 141 ILE A CD1 1 
ATOM   979  N N   . ASN A 1 142 ? 6.750   1.271   -3.352  1.00 37.30  ? 142 ASN A N   1 
ATOM   980  C CA  . ASN A 1 142 ? 7.410   2.333   -4.106  1.00 33.68  ? 142 ASN A CA  1 
ATOM   981  C C   . ASN A 1 142 ? 6.854   3.740   -3.877  1.00 36.77  ? 142 ASN A C   1 
ATOM   982  O O   . ASN A 1 142 ? 7.397   4.699   -4.418  1.00 36.85  ? 142 ASN A O   1 
ATOM   983  C CB  . ASN A 1 142 ? 7.325   2.054   -5.588  1.00 34.66  ? 142 ASN A CB  1 
ATOM   984  C CG  . ASN A 1 142 ? 8.069   0.811   -5.996  1.00 41.56  ? 142 ASN A CG  1 
ATOM   985  O OD1 . ASN A 1 142 ? 9.033   0.405   -5.360  1.00 42.28  ? 142 ASN A OD1 1 
ATOM   986  N ND2 . ASN A 1 142 ? 7.627   0.207   -7.085  1.00 50.36  ? 142 ASN A ND2 1 
ATOM   987  N N   . ILE A 1 143 ? 5.762   3.861   -3.121  1.00 32.05  ? 143 ILE A N   1 
ATOM   988  C CA  . ILE A 1 143 ? 5.110   5.163   -2.922  1.00 26.03  ? 143 ILE A CA  1 
ATOM   989  C C   . ILE A 1 143 ? 6.056   6.072   -2.185  1.00 26.92  ? 143 ILE A C   1 
ATOM   990  O O   . ILE A 1 143 ? 6.340   7.181   -2.644  1.00 29.13  ? 143 ILE A O   1 
ATOM   991  C CB  . ILE A 1 143 ? 3.722   5.093   -2.181  1.00 24.67  ? 143 ILE A CB  1 
ATOM   992  C CG1 . ILE A 1 143 ? 2.636   4.558   -3.121  1.00 26.74  ? 143 ILE A CG1 1 
ATOM   993  C CG2 . ILE A 1 143 ? 3.258   6.502   -1.835  1.00 25.84  ? 143 ILE A CG2 1 
ATOM   994  C CD1 . ILE A 1 143 ? 1.378   4.024   -2.428  1.00 19.38  ? 143 ILE A CD1 1 
ATOM   995  N N   . TYR A 1 144 ? 6.561   5.599   -1.051  1.00 28.41  ? 144 TYR A N   1 
ATOM   996  C CA  . TYR A 1 144 ? 7.211   6.504   -0.118  1.00 36.84  ? 144 TYR A CA  1 
ATOM   997  C C   . TYR A 1 144 ? 8.642   6.786   -0.555  1.00 43.28  ? 144 TYR A C   1 
ATOM   998  O O   . TYR A 1 144 ? 9.103   7.929   -0.496  1.00 51.97  ? 144 TYR A O   1 
ATOM   999  C CB  . TYR A 1 144 ? 7.129   5.997   1.322   1.00 29.29  ? 144 TYR A CB  1 
ATOM   1000 C CG  . TYR A 1 144 ? 7.711   4.622   1.531   1.00 25.84  ? 144 TYR A CG  1 
ATOM   1001 C CD1 . TYR A 1 144 ? 9.070   4.455   1.792   1.00 34.29  ? 144 TYR A CD1 1 
ATOM   1002 C CD2 . TYR A 1 144 ? 6.906   3.485   1.463   1.00 29.23  ? 144 TYR A CD2 1 
ATOM   1003 C CE1 . TYR A 1 144 ? 9.618   3.205   1.963   1.00 39.56  ? 144 TYR A CE1 1 
ATOM   1004 C CE2 . TYR A 1 144 ? 7.446   2.228   1.645   1.00 42.41  ? 144 TYR A CE2 1 
ATOM   1005 C CZ  . TYR A 1 144 ? 8.806   2.099   1.895   1.00 36.94  ? 144 TYR A CZ  1 
ATOM   1006 O OH  . TYR A 1 144 ? 9.362   0.860   2.077   1.00 46.68  ? 144 TYR A OH  1 
ATOM   1007 N N   . ALA A 1 145 ? 9.324   5.753   -1.037  1.00 42.93  ? 145 ALA A N   1 
ATOM   1008 C CA  . ALA A 1 145 ? 10.671  5.900   -1.549  1.00 43.57  ? 145 ALA A CA  1 
ATOM   1009 C C   . ALA A 1 145 ? 10.992  4.696   -2.391  1.00 45.54  ? 145 ALA A C   1 
ATOM   1010 O O   . ALA A 1 145 ? 10.378  3.651   -2.207  1.00 41.62  ? 145 ALA A O   1 
ATOM   1011 C CB  . ALA A 1 145 ? 11.664  6.040   -0.415  1.00 51.72  ? 145 ALA A CB  1 
ATOM   1012 O OXT . ALA A 1 145 ? 11.861  4.759   -3.256  1.00 45.14  ? 145 ALA A OXT 1 
HETATM 1013 C C1  . GOL B 2 .   ? -11.070 2.811   -3.552  1.00 62.85  ? 146 GOL A C1  1 
HETATM 1014 O O1  . GOL B 2 .   ? -11.476 4.132   -3.259  1.00 61.42  ? 146 GOL A O1  1 
HETATM 1015 C C2  . GOL B 2 .   ? -10.599 2.708   -5.003  1.00 55.92  ? 146 GOL A C2  1 
HETATM 1016 O O2  . GOL B 2 .   ? -9.226  3.039   -5.048  1.00 63.40  ? 146 GOL A O2  1 
HETATM 1017 C C3  . GOL B 2 .   ? -10.747 1.281   -5.514  1.00 46.77  ? 146 GOL A C3  1 
HETATM 1018 O O3  . GOL B 2 .   ? -12.090 0.847   -5.513  1.00 61.77  ? 146 GOL A O3  1 
HETATM 1019 O O   . HOH C 3 .   ? -15.139 -13.780 3.898   1.00 29.20  ? 147 HOH A O   1 
HETATM 1020 O O   . HOH C 3 .   ? -1.049  -6.202  -1.954  1.00 19.64  ? 148 HOH A O   1 
HETATM 1021 O O   . HOH C 3 .   ? -5.518  -5.526  -10.211 1.00 24.99  ? 149 HOH A O   1 
HETATM 1022 O O   . HOH C 3 .   ? -11.079 6.003   -7.218  1.00 19.65  ? 150 HOH A O   1 
HETATM 1023 O O   . HOH C 3 .   ? -10.139 -7.452  -13.589 1.00 28.39  ? 151 HOH A O   1 
HETATM 1024 O O   . HOH C 3 .   ? 4.040   15.115  4.051   1.00 27.24  ? 152 HOH A O   1 
HETATM 1025 O O   . HOH C 3 .   ? 1.700   12.098  -11.987 1.00 28.50  ? 153 HOH A O   1 
HETATM 1026 O O   . HOH C 3 .   ? 12.101  0.038   2.084   1.00 46.55  ? 154 HOH A O   1 
HETATM 1027 O O   . HOH C 3 .   ? 4.034   -3.781  -9.182  1.00 42.62  ? 155 HOH A O   1 
HETATM 1028 O O   . HOH C 3 .   ? -18.938 -12.407 -0.922  1.00 24.85  ? 156 HOH A O   1 
HETATM 1029 O O   . HOH C 3 .   ? -12.596 -12.990 -12.028 1.00 38.00  ? 157 HOH A O   1 
HETATM 1030 O O   . HOH C 3 .   ? 0.483   -8.792  -0.149  1.00 48.51  ? 158 HOH A O   1 
HETATM 1031 O O   . HOH C 3 .   ? -5.348  -6.166  -12.591 1.00 39.16  ? 159 HOH A O   1 
HETATM 1032 O O   . HOH C 3 .   ? 8.861   12.299  -11.200 1.00 25.56  ? 160 HOH A O   1 
HETATM 1033 O O   . HOH C 3 .   ? -16.138 -2.641  4.909   1.00 56.60  ? 161 HOH A O   1 
HETATM 1034 O O   . HOH C 3 .   ? -9.568  -3.472  7.499   1.00 56.99  ? 162 HOH A O   1 
HETATM 1035 O O   . HOH C 3 .   ? -1.870  11.655  2.272   1.00 44.73  ? 163 HOH A O   1 
HETATM 1036 O O   . HOH C 3 .   ? 3.168   5.663   8.498   1.00 29.90  ? 164 HOH A O   1 
HETATM 1037 O O   . HOH C 3 .   ? 3.475   8.378   7.068   1.00 34.62  ? 165 HOH A O   1 
HETATM 1038 O O   . HOH C 3 .   ? -2.934  -5.752  -9.604  1.00 37.14  ? 166 HOH A O   1 
HETATM 1039 O O   . HOH C 3 .   ? -2.041  10.505  6.649   1.00 44.64  ? 167 HOH A O   1 
HETATM 1040 O O   . HOH C 3 .   ? -4.616  -8.540  8.650   1.00 34.39  ? 168 HOH A O   1 
HETATM 1041 O O   . HOH C 3 .   ? 7.575   2.317   -8.808  1.00 45.22  ? 169 HOH A O   1 
HETATM 1042 O O   . HOH C 3 .   ? -3.564  -11.625 -12.722 1.00 47.92  ? 170 HOH A O   1 
HETATM 1043 O O   . HOH C 3 .   ? 11.657  9.784   -10.626 1.00 35.22  ? 171 HOH A O   1 
HETATM 1044 O O   . HOH C 3 .   ? -5.546  -20.555 -9.664  1.00 52.30  ? 172 HOH A O   1 
HETATM 1045 O O   . HOH C 3 .   ? -3.873  -14.784 5.878   1.00 33.16  ? 173 HOH A O   1 
HETATM 1046 O O   . HOH C 3 .   ? -18.177 -7.291  8.164   1.00 40.62  ? 174 HOH A O   1 
HETATM 1047 O O   . HOH C 3 .   ? 4.458   10.392  8.283   1.00 42.20  ? 175 HOH A O   1 
HETATM 1048 O O   . HOH C 3 .   ? 1.532   -12.121 -3.863  1.00 43.01  ? 176 HOH A O   1 
HETATM 1049 O O   . HOH C 3 .   ? 10.785  9.855   -2.250  1.00 50.49  ? 177 HOH A O   1 
HETATM 1050 O O   . HOH C 3 .   ? -4.310  7.129   5.840   1.00 39.27  ? 178 HOH A O   1 
HETATM 1051 O O   . HOH C 3 .   ? 4.301   -6.629  11.922  1.00 48.76  ? 179 HOH A O   1 
HETATM 1052 O O   . HOH C 3 .   ? -9.151  -20.587 -7.122  1.00 38.12  ? 180 HOH A O   1 
HETATM 1053 O O   . HOH C 3 .   ? 19.784  14.905  -5.496  1.00 41.25  ? 181 HOH A O   1 
HETATM 1054 O O   . HOH C 3 .   ? 4.448   11.154  11.031  1.00 38.16  ? 182 HOH A O   1 
HETATM 1055 O O   . HOH C 3 .   ? -6.108  3.633   -4.247  1.00 48.94  ? 183 HOH A O   1 
HETATM 1056 O O   . HOH C 3 .   ? 6.114   -5.952  7.099   1.00 42.55  ? 184 HOH A O   1 
HETATM 1057 O O   . HOH C 3 .   ? 13.177  9.866   -1.693  1.00 42.50  ? 185 HOH A O   1 
HETATM 1058 O O   . HOH C 3 .   ? 15.532  9.908   -8.816  1.00 50.80  ? 186 HOH A O   1 
HETATM 1059 O O   . HOH C 3 .   ? 0.909   3.593   8.386   1.00 53.29  ? 187 HOH A O   1 
HETATM 1060 O O   . HOH C 3 .   ? 1.545   -10.171 -1.693  1.00 28.85  ? 188 HOH A O   1 
HETATM 1061 O O   . HOH C 3 .   ? 14.235  6.303   -3.254  1.00 46.05  ? 189 HOH A O   1 
HETATM 1062 O O   . HOH C 3 .   ? 1.209   -5.627  11.829  1.00 49.35  ? 190 HOH A O   1 
HETATM 1063 O O   . HOH C 3 .   ? -7.044  -18.956 4.909   1.00 50.77  ? 191 HOH A O   1 
HETATM 1064 O O   . HOH C 3 .   ? -11.937 -10.905 -14.058 1.00 49.81  ? 192 HOH A O   1 
HETATM 1065 O O   . HOH C 3 .   ? -7.918  -0.100  -16.180 1.00 50.34  ? 193 HOH A O   1 
HETATM 1066 O O   . HOH C 3 .   ? 2.521   -10.824 7.708   1.00 42.51  ? 194 HOH A O   1 
HETATM 1067 O O   . HOH C 3 .   ? -7.724  -21.277 2.992   1.00 45.08  ? 195 HOH A O   1 
HETATM 1068 O O   . HOH C 3 .   ? 5.428   -7.482  5.128   1.00 42.45  ? 196 HOH A O   1 
HETATM 1069 O O   . HOH C 3 .   ? 10.648  -3.433  5.512   1.00 48.43  ? 197 HOH A O   1 
HETATM 1070 O O   . HOH C 3 .   ? -21.622 -12.642 -2.527  1.00 48.52  ? 198 HOH A O   1 
HETATM 1071 O O   . HOH C 3 .   ? 14.608  11.032  7.324   1.00 43.12  ? 199 HOH A O   1 
HETATM 1072 O O   . HOH C 3 .   ? -14.795 -7.079  6.004   1.00 44.57  ? 200 HOH A O   1 
HETATM 1073 O O   . HOH C 3 .   ? 0.779   -13.335 4.404   1.00 51.49  ? 201 HOH A O   1 
HETATM 1074 O O   . HOH C 3 .   ? -9.386  3.116   5.284   1.00 40.49  ? 202 HOH A O   1 
HETATM 1075 O O   . HOH C 3 .   ? 6.137   9.765   12.721  1.00 44.15  ? 203 HOH A O   1 
HETATM 1076 O O   . HOH C 3 .   ? 14.446  11.843  -0.534  1.00 49.82  ? 204 HOH A O   1 
HETATM 1077 O O   . HOH C 3 .   ? 16.181  17.999  5.157   1.00 62.33  ? 205 HOH A O   1 
HETATM 1078 O O   . HOH C 3 .   ? 6.925   -2.493  12.539  1.00 43.64  ? 206 HOH A O   1 
HETATM 1079 O O   . HOH C 3 .   ? 9.587   16.443  -4.878  1.00 38.11  ? 207 HOH A O   1 
HETATM 1080 O O   . HOH C 3 .   ? -10.730 -15.804 -12.474 1.00 56.72  ? 208 HOH A O   1 
HETATM 1081 O O   . HOH C 3 .   ? 4.498   5.267   15.669  1.00 62.21  ? 209 HOH A O   1 
HETATM 1082 O O   . HOH C 3 .   ? -7.519  0.900   7.595   1.00 49.02  ? 210 HOH A O   1 
HETATM 1083 O O   . HOH C 3 .   ? -9.507  -13.708 -11.683 1.00 53.06  ? 211 HOH A O   1 
HETATM 1084 O O   . HOH C 3 .   ? -1.082  -1.265  11.685  1.00 55.40  ? 212 HOH A O   1 
HETATM 1085 O O   . HOH C 3 .   ? 6.149   -4.953  11.442  1.00 47.05  ? 213 HOH A O   1 
HETATM 1086 O O   . HOH C 3 .   ? -11.526 -4.696  -14.720 1.00 60.61  ? 214 HOH A O   1 
HETATM 1087 O O   . HOH C 3 .   ? 10.709  8.754   -13.162 1.00 41.85  ? 215 HOH A O   1 
HETATM 1088 O O   . HOH C 3 .   ? -6.194  -15.100 8.397   1.00 52.46  ? 216 HOH A O   1 
HETATM 1089 O O   . HOH C 3 .   ? 0.765   0.880   11.547  1.00 51.38  ? 217 HOH A O   1 
HETATM 1090 O O   . HOH C 3 .   ? 8.720   10.649  -13.223 1.00 38.18  ? 218 HOH A O   1 
HETATM 1091 O O   . HOH C 3 .   ? -17.337 -13.044 -4.340  1.00 51.35  ? 219 HOH A O   1 
HETATM 1092 O O   . HOH C 3 .   ? 4.454   0.736   14.313  1.00 53.00  ? 220 HOH A O   1 
HETATM 1093 O O   . HOH C 3 .   ? -12.022 1.350   -0.589  1.00 65.54  ? 221 HOH A O   1 
HETATM 1094 O O   . HOH C 3 .   ? -6.055  4.916   -2.272  1.00 49.22  ? 222 HOH A O   1 
HETATM 1095 O O   . HOH C 3 .   ? -10.740 -17.460 -14.561 1.00 68.45  ? 223 HOH A O   1 
HETATM 1096 O O   . HOH C 3 .   ? 11.569  18.924  -2.859  1.00 44.65  ? 224 HOH A O   1 
HETATM 1097 O O   . HOH C 3 .   ? -5.573  7.493   -0.488  1.00 50.88  ? 225 HOH A O   1 
HETATM 1098 O O   . HOH C 3 .   ? 1.992   -0.228  14.422  1.00 52.22  ? 226 HOH A O   1 
HETATM 1099 O O   . HOH C 3 .   ? 4.187   -10.974 -2.272  1.00 56.61  ? 227 HOH A O   1 
HETATM 1100 O O   . HOH C 3 .   ? 9.742   -2.969  -5.894  1.00 43.03  ? 228 HOH A O   1 
HETATM 1101 O O   . HOH C 3 .   ? -13.451 -0.886  1.318   1.00 59.14  ? 229 HOH A O   1 
HETATM 1102 O O   . HOH C 3 .   ? -16.382 -9.291  8.681   1.00 45.88  ? 230 HOH A O   1 
HETATM 1103 O O   . HOH C 3 .   ? 7.875   -4.243  -7.405  1.00 44.92  ? 231 HOH A O   1 
HETATM 1104 O O   . HOH C 3 .   ? -8.285  -10.638 8.865   1.00 46.01  ? 232 HOH A O   1 
HETATM 1105 O O   . HOH C 3 .   ? 2.305   -16.044 -10.392 1.00 55.98  ? 233 HOH A O   1 
HETATM 1106 O O   . HOH C 3 .   ? -2.798  -9.404  10.235  1.00 45.79  ? 234 HOH A O   1 
HETATM 1107 O O   . HOH C 3 .   ? 0.927   9.612   10.645  1.00 54.68  ? 235 HOH A O   1 
HETATM 1108 O O   . HOH C 3 .   ? -16.537 -8.217  11.149  1.00 52.20  ? 236 HOH A O   1 
HETATM 1109 O O   . HOH C 3 .   ? -4.112  11.237  3.647   1.00 55.62  ? 237 HOH A O   1 
HETATM 1110 O O   . HOH C 3 .   ? 1.949   -15.209 -7.268  1.00 52.21  ? 238 HOH A O   1 
HETATM 1111 O O   . HOH C 3 .   ? 7.651   -2.482  4.764   1.00 43.14  ? 239 HOH A O   1 
HETATM 1112 O O   . HOH C 3 .   ? 7.078   -0.796  3.011   1.00 41.02  ? 240 HOH A O   1 
HETATM 1113 O O   . HOH C 3 .   ? -14.287 3.203   -1.852  1.00 60.17  ? 241 HOH A O   1 
HETATM 1114 O O   . HOH C 3 .   ? -8.803  -0.042  -13.912 1.00 45.91  ? 242 HOH A O   1 
HETATM 1115 O O   . HOH C 3 .   ? 6.259   -9.808  -0.915  1.00 47.91  ? 243 HOH A O   1 
HETATM 1116 O O   . HOH C 3 .   ? 4.470   15.692  6.536   1.00 43.33  ? 244 HOH A O   1 
HETATM 1117 O O   . HOH C 3 .   ? 12.042  2.844   -4.902  1.00 44.90  ? 245 HOH A O   1 
# 
loop_
_pdbx_poly_seq_scheme.asym_id 
_pdbx_poly_seq_scheme.entity_id 
_pdbx_poly_seq_scheme.seq_id 
_pdbx_poly_seq_scheme.mon_id 
_pdbx_poly_seq_scheme.ndb_seq_num 
_pdbx_poly_seq_scheme.pdb_seq_num 
_pdbx_poly_seq_scheme.auth_seq_num 
_pdbx_poly_seq_scheme.pdb_mon_id 
_pdbx_poly_seq_scheme.auth_mon_id 
_pdbx_poly_seq_scheme.pdb_strand_id 
_pdbx_poly_seq_scheme.pdb_ins_code 
_pdbx_poly_seq_scheme.hetero 
A 1 1   MET 1   1   ?   ?   ?   A . n 
A 1 2   ASP 2   2   ?   ?   ?   A . n 
A 1 3   VAL 3   3   ?   ?   ?   A . n 
A 1 4   GLN 4   4   ?   ?   ?   A . n 
A 1 5   ARG 5   5   ?   ?   ?   A . n 
A 1 6   VAL 6   6   ?   ?   ?   A . n 
A 1 7   GLY 7   7   ?   ?   ?   A . n 
A 1 8   LYS 8   8   ?   ?   ?   A . n 
A 1 9   ALA 9   9   ?   ?   ?   A . n 
A 1 10  GLY 10  10  ?   ?   ?   A . n 
A 1 11  LEU 11  11  ?   ?   ?   A . n 
A 1 12  HIS 12  12  ?   ?   ?   A . n 
A 1 13  ARG 13  13  ?   ?   ?   A . n 
A 1 14  VAL 14  14  ?   ?   ?   A . n 
A 1 15  ASP 15  15  ?   ?   ?   A . n 
A 1 16  SER 16  16  ?   ?   ?   A . n 
A 1 17  LYS 17  17  ?   ?   ?   A . n 
A 1 18  LYS 18  18  ?   ?   ?   A . n 
A 1 19  GLN 19  19  ?   ?   ?   A . n 
A 1 20  GLN 20  20  ?   ?   ?   A . n 
A 1 21  THR 21  21  ?   ?   ?   A . n 
A 1 22  ALA 22  22  ?   ?   ?   A . n 
A 1 23  ALA 23  23  ?   ?   ?   A . n 
A 1 24  GLY 24  24  24  GLY GLY A . n 
A 1 25  VAL 25  25  25  VAL VAL A . n 
A 1 26  SER 26  26  26  SER SER A . n 
A 1 27  PHE 27  27  27  PHE PHE A . n 
A 1 28  SER 28  28  28  SER SER A . n 
A 1 29  GLU 29  29  29  GLU GLU A . n 
A 1 30  VAL 30  30  30  VAL VAL A . n 
A 1 31  MET 31  31  31  MET MET A . n 
A 1 32  GLY 32  32  32  GLY GLY A . n 
A 1 33  LYS 33  33  33  LYS LYS A . n 
A 1 34  GLN 34  34  34  GLN GLN A . n 
A 1 35  ARG 35  35  35  ARG ARG A . n 
A 1 36  ASP 36  36  36  ASP ASP A . n 
A 1 37  GLU 37  37  37  GLU GLU A . n 
A 1 38  LYS 38  38  38  LYS LYS A . n 
A 1 39  ALA 39  39  39  ALA ALA A . n 
A 1 40  TYR 40  40  40  TYR TYR A . n 
A 1 41  GLU 41  41  41  GLU GLU A . n 
A 1 42  ARG 42  42  42  ARG ARG A . n 
A 1 43  LEU 43  43  43  LEU LEU A . n 
A 1 44  GLN 44  44  44  GLN GLN A . n 
A 1 45  ALA 45  45  45  ALA ALA A . n 
A 1 46  LEU 46  46  46  LEU LEU A . n 
A 1 47  MET 47  47  47  MET MET A . n 
A 1 48  SER 48  48  48  SER SER A . n 
A 1 49  LYS 49  49  49  LYS LYS A . n 
A 1 50  ILE 50  50  50  ILE ILE A . n 
A 1 51  ASP 51  51  51  ASP ASP A . n 
A 1 52  ASP 52  52  52  ASP ASP A . n 
A 1 53  GLN 53  53  53  GLN GLN A . n 
A 1 54  GLY 54  54  54  GLY GLY A . n 
A 1 55  LYS 55  55  55  LYS LYS A . n 
A 1 56  LEU 56  56  56  LEU LEU A . n 
A 1 57  LEU 57  57  57  LEU LEU A . n 
A 1 58  SER 58  58  58  SER SER A . n 
A 1 59  GLU 59  59  59  GLU GLU A . n 
A 1 60  THR 60  60  60  THR THR A . n 
A 1 61  ARG 61  61  61  ARG ARG A . n 
A 1 62  THR 62  62  62  THR THR A . n 
A 1 63  ILE 63  63  63  ILE ILE A . n 
A 1 64  GLU 64  64  64  GLU GLU A . n 
A 1 65  GLU 65  65  65  GLU GLU A . n 
A 1 66  LEU 66  66  66  LEU LEU A . n 
A 1 67  ARG 67  67  67  ARG ARG A . n 
A 1 68  LYS 68  68  68  LYS LYS A . n 
A 1 69  TYR 69  69  69  TYR TYR A . n 
A 1 70  LYS 70  70  70  LYS LYS A . n 
A 1 71  GLU 71  71  71  GLU GLU A . n 
A 1 72  LEU 72  72  72  LEU LEU A . n 
A 1 73  VAL 73  73  73  VAL VAL A . n 
A 1 74  LYS 74  74  74  LYS LYS A . n 
A 1 75  GLU 75  75  75  GLU GLU A . n 
A 1 76  PHE 76  76  76  PHE PHE A . n 
A 1 77  VAL 77  77  77  VAL VAL A . n 
A 1 78  GLY 78  78  78  GLY GLY A . n 
A 1 79  ASP 79  79  79  ASP ASP A . n 
A 1 80  ALA 80  80  80  ALA ALA A . n 
A 1 81  VAL 81  81  81  VAL VAL A . n 
A 1 82  GLU 82  82  82  GLU GLU A . n 
A 1 83  LEU 83  83  83  LEU LEU A . n 
A 1 84  GLY 84  84  84  GLY GLY A . n 
A 1 85  LEU 85  85  85  LEU LEU A . n 
A 1 86  ARG 86  86  86  ARG ARG A . n 
A 1 87  LEU 87  87  87  LEU LEU A . n 
A 1 88  GLU 88  88  88  GLU GLU A . n 
A 1 89  GLU 89  89  89  GLU GLU A . n 
A 1 90  ARG 90  90  90  ARG ARG A . n 
A 1 91  ARG 91  91  ?   ?   ?   A . n 
A 1 92  GLY 92  92  ?   ?   ?   A . n 
A 1 93  PHE 93  93  ?   ?   ?   A . n 
A 1 94  ASN 94  94  94  ASN ASN A . n 
A 1 95  ARG 95  95  95  ARG ARG A . n 
A 1 96  ARG 96  96  96  ARG ARG A . n 
A 1 97  GLY 97  97  97  GLY GLY A . n 
A 1 98  ARG 98  98  98  ARG ARG A . n 
A 1 99  THR 99  99  99  THR THR A . n 
A 1 100 LYS 100 100 100 LYS LYS A . n 
A 1 101 ILE 101 101 101 ILE ILE A . n 
A 1 102 TYR 102 102 102 TYR TYR A . n 
A 1 103 LYS 103 103 103 LYS LYS A . n 
A 1 104 ILE 104 104 104 ILE ILE A . n 
A 1 105 VAL 105 105 105 VAL VAL A . n 
A 1 106 LYS 106 106 106 LYS LYS A . n 
A 1 107 GLU 107 107 107 GLU GLU A . n 
A 1 108 VAL 108 108 108 VAL VAL A . n 
A 1 109 ASP 109 109 109 ASP ASP A . n 
A 1 110 ARG 110 110 110 ARG ARG A . n 
A 1 111 LYS 111 111 111 LYS LYS A . n 
A 1 112 LEU 112 112 112 LEU LEU A . n 
A 1 113 LEU 113 113 113 LEU LEU A . n 
A 1 114 ASP 114 114 114 ASP ASP A . n 
A 1 115 LEU 115 115 115 LEU LEU A . n 
A 1 116 THR 116 116 116 THR THR A . n 
A 1 117 ASP 117 117 117 ASP ASP A . n 
A 1 118 ALA 118 118 118 ALA ALA A . n 
A 1 119 VAL 119 119 119 VAL VAL A . n 
A 1 120 LEU 120 120 120 LEU LEU A . n 
A 1 121 ALA 121 121 121 ALA ALA A . n 
A 1 122 LYS 122 122 122 LYS LYS A . n 
A 1 123 GLU 123 123 123 GLU GLU A . n 
A 1 124 LYS 124 124 124 LYS LYS A . n 
A 1 125 LYS 125 125 125 LYS LYS A . n 
A 1 126 GLY 126 126 126 GLY GLY A . n 
A 1 127 LEU 127 127 127 LEU LEU A . n 
A 1 128 ASP 128 128 128 ASP ASP A . n 
A 1 129 ILE 129 129 129 ILE ILE A . n 
A 1 130 LEU 130 130 130 LEU LEU A . n 
A 1 131 ASN 131 131 131 ASN ASN A . n 
A 1 132 MET 132 132 132 MET MET A . n 
A 1 133 VAL 133 133 133 VAL VAL A . n 
A 1 134 GLY 134 134 134 GLY GLY A . n 
A 1 135 GLU 135 135 135 GLU GLU A . n 
A 1 136 ILE 136 136 136 ILE ILE A . n 
A 1 137 LYS 137 137 137 LYS LYS A . n 
A 1 138 GLY 138 138 138 GLY GLY A . n 
A 1 139 LEU 139 139 139 LEU LEU A . n 
A 1 140 LEU 140 140 140 LEU LEU A . n 
A 1 141 ILE 141 141 141 ILE ILE A . n 
A 1 142 ASN 142 142 142 ASN ASN A . n 
A 1 143 ILE 143 143 143 ILE ILE A . n 
A 1 144 TYR 144 144 144 TYR TYR A . n 
A 1 145 ALA 145 145 145 ALA ALA A . n 
# 
_pdbx_SG_project.id                    1 
_pdbx_SG_project.project_name          'PSI, Protein Structure Initiative' 
_pdbx_SG_project.full_name_of_center   'New York SGX Research Center for Structural Genomics' 
_pdbx_SG_project.initial_of_center     NYSGXRC 
# 
loop_
_pdbx_nonpoly_scheme.asym_id 
_pdbx_nonpoly_scheme.entity_id 
_pdbx_nonpoly_scheme.mon_id 
_pdbx_nonpoly_scheme.ndb_seq_num 
_pdbx_nonpoly_scheme.pdb_seq_num 
_pdbx_nonpoly_scheme.auth_seq_num 
_pdbx_nonpoly_scheme.pdb_mon_id 
_pdbx_nonpoly_scheme.auth_mon_id 
_pdbx_nonpoly_scheme.pdb_strand_id 
_pdbx_nonpoly_scheme.pdb_ins_code 
B 2 GOL 1  146 146 GOL GOL A . 
C 3 HOH 1  147 147 HOH HOH A . 
C 3 HOH 2  148 148 HOH HOH A . 
C 3 HOH 3  149 149 HOH HOH A . 
C 3 HOH 4  150 150 HOH HOH A . 
C 3 HOH 5  151 151 HOH HOH A . 
C 3 HOH 6  152 152 HOH HOH A . 
C 3 HOH 7  153 153 HOH HOH A . 
C 3 HOH 8  154 154 HOH HOH A . 
C 3 HOH 9  155 155 HOH HOH A . 
C 3 HOH 10 156 156 HOH HOH A . 
C 3 HOH 11 157 157 HOH HOH A . 
C 3 HOH 12 158 158 HOH HOH A . 
C 3 HOH 13 159 159 HOH HOH A . 
C 3 HOH 14 160 160 HOH HOH A . 
C 3 HOH 15 161 161 HOH HOH A . 
C 3 HOH 16 162 162 HOH HOH A . 
C 3 HOH 17 163 163 HOH HOH A . 
C 3 HOH 18 164 164 HOH HOH A . 
C 3 HOH 19 165 165 HOH HOH A . 
C 3 HOH 20 166 166 HOH HOH A . 
C 3 HOH 21 167 167 HOH HOH A . 
C 3 HOH 22 168 168 HOH HOH A . 
C 3 HOH 23 169 169 HOH HOH A . 
C 3 HOH 24 170 170 HOH HOH A . 
C 3 HOH 25 171 171 HOH HOH A . 
C 3 HOH 26 172 172 HOH HOH A . 
C 3 HOH 27 173 173 HOH HOH A . 
C 3 HOH 28 174 174 HOH HOH A . 
C 3 HOH 29 175 175 HOH HOH A . 
C 3 HOH 30 176 176 HOH HOH A . 
C 3 HOH 31 177 177 HOH HOH A . 
C 3 HOH 32 178 178 HOH HOH A . 
C 3 HOH 33 179 179 HOH HOH A . 
C 3 HOH 34 180 180 HOH HOH A . 
C 3 HOH 35 181 181 HOH HOH A . 
C 3 HOH 36 182 182 HOH HOH A . 
C 3 HOH 37 183 183 HOH HOH A . 
C 3 HOH 38 184 184 HOH HOH A . 
C 3 HOH 39 185 185 HOH HOH A . 
C 3 HOH 40 186 186 HOH HOH A . 
C 3 HOH 41 187 187 HOH HOH A . 
C 3 HOH 42 188 188 HOH HOH A . 
C 3 HOH 43 189 189 HOH HOH A . 
C 3 HOH 44 190 190 HOH HOH A . 
C 3 HOH 45 191 191 HOH HOH A . 
C 3 HOH 46 192 192 HOH HOH A . 
C 3 HOH 47 193 193 HOH HOH A . 
C 3 HOH 48 194 194 HOH HOH A . 
C 3 HOH 49 195 195 HOH HOH A . 
C 3 HOH 50 196 196 HOH HOH A . 
C 3 HOH 51 197 197 HOH HOH A . 
C 3 HOH 52 198 198 HOH HOH A . 
C 3 HOH 53 199 199 HOH HOH A . 
C 3 HOH 54 200 200 HOH HOH A . 
C 3 HOH 55 201 201 HOH HOH A . 
C 3 HOH 56 202 202 HOH HOH A . 
C 3 HOH 57 203 203 HOH HOH A . 
C 3 HOH 58 204 204 HOH HOH A . 
C 3 HOH 59 205 205 HOH HOH A . 
C 3 HOH 60 206 206 HOH HOH A . 
C 3 HOH 61 207 207 HOH HOH A . 
C 3 HOH 62 208 208 HOH HOH A . 
C 3 HOH 63 209 209 HOH HOH A . 
C 3 HOH 64 210 210 HOH HOH A . 
C 3 HOH 65 211 211 HOH HOH A . 
C 3 HOH 66 212 212 HOH HOH A . 
C 3 HOH 67 213 213 HOH HOH A . 
C 3 HOH 68 214 214 HOH HOH A . 
C 3 HOH 69 215 215 HOH HOH A . 
C 3 HOH 70 216 216 HOH HOH A . 
C 3 HOH 71 217 217 HOH HOH A . 
C 3 HOH 72 218 218 HOH HOH A . 
C 3 HOH 73 219 219 HOH HOH A . 
C 3 HOH 74 220 220 HOH HOH A . 
C 3 HOH 75 221 221 HOH HOH A . 
C 3 HOH 76 222 222 HOH HOH A . 
C 3 HOH 77 223 223 HOH HOH A . 
C 3 HOH 78 224 224 HOH HOH A . 
C 3 HOH 79 225 225 HOH HOH A . 
C 3 HOH 80 226 226 HOH HOH A . 
C 3 HOH 81 227 227 HOH HOH A . 
C 3 HOH 82 228 228 HOH HOH A . 
C 3 HOH 83 229 229 HOH HOH A . 
C 3 HOH 84 230 230 HOH HOH A . 
C 3 HOH 85 231 231 HOH HOH A . 
C 3 HOH 86 232 232 HOH HOH A . 
C 3 HOH 87 233 233 HOH HOH A . 
C 3 HOH 88 234 234 HOH HOH A . 
C 3 HOH 89 235 235 HOH HOH A . 
C 3 HOH 90 236 236 HOH HOH A . 
C 3 HOH 91 237 237 HOH HOH A . 
C 3 HOH 92 238 238 HOH HOH A . 
C 3 HOH 93 239 239 HOH HOH A . 
C 3 HOH 94 240 240 HOH HOH A . 
C 3 HOH 95 241 241 HOH HOH A . 
C 3 HOH 96 242 242 HOH HOH A . 
C 3 HOH 97 243 243 HOH HOH A . 
C 3 HOH 98 244 244 HOH HOH A . 
C 3 HOH 99 245 245 HOH HOH A . 
# 
_pdbx_struct_assembly.id                   1 
_pdbx_struct_assembly.details              author_and_software_defined_assembly 
_pdbx_struct_assembly.method_details       PISA 
_pdbx_struct_assembly.oligomeric_details   monomeric 
_pdbx_struct_assembly.oligomeric_count     1 
# 
_pdbx_struct_assembly_gen.assembly_id       1 
_pdbx_struct_assembly_gen.oper_expression   1 
_pdbx_struct_assembly_gen.asym_id_list      A,B,C 
# 
_pdbx_struct_oper_list.id                   1 
_pdbx_struct_oper_list.type                 'identity operation' 
_pdbx_struct_oper_list.name                 1_555 
_pdbx_struct_oper_list.symmetry_operation   x,y,z 
_pdbx_struct_oper_list.matrix[1][1]         1.0000000000 
_pdbx_struct_oper_list.matrix[1][2]         0.0000000000 
_pdbx_struct_oper_list.matrix[1][3]         0.0000000000 
_pdbx_struct_oper_list.vector[1]            0.0000000000 
_pdbx_struct_oper_list.matrix[2][1]         0.0000000000 
_pdbx_struct_oper_list.matrix[2][2]         1.0000000000 
_pdbx_struct_oper_list.matrix[2][3]         0.0000000000 
_pdbx_struct_oper_list.vector[2]            0.0000000000 
_pdbx_struct_oper_list.matrix[3][1]         0.0000000000 
_pdbx_struct_oper_list.matrix[3][2]         0.0000000000 
_pdbx_struct_oper_list.matrix[3][3]         1.0000000000 
_pdbx_struct_oper_list.vector[3]            0.0000000000 
# 
loop_
_pdbx_audit_revision_history.ordinal 
_pdbx_audit_revision_history.data_content_type 
_pdbx_audit_revision_history.major_revision 
_pdbx_audit_revision_history.minor_revision 
_pdbx_audit_revision_history.revision_date 
1 'Structure model' 1 0 2007-08-21 
2 'Structure model' 1 1 2011-07-13 
3 'Structure model' 1 2 2017-10-25 
4 'Structure model' 1 3 2018-11-14 
5 'Structure model' 1 4 2021-02-03 
6 'Structure model' 1 5 2023-08-30 
# 
_pdbx_audit_revision_details.ordinal             1 
_pdbx_audit_revision_details.revision_ordinal    1 
_pdbx_audit_revision_details.data_content_type   'Structure model' 
_pdbx_audit_revision_details.provider            repository 
_pdbx_audit_revision_details.type                'Initial release' 
_pdbx_audit_revision_details.description         ? 
_pdbx_audit_revision_details.details             ? 
# 
loop_
_pdbx_audit_revision_group.ordinal 
_pdbx_audit_revision_group.revision_ordinal 
_pdbx_audit_revision_group.data_content_type 
_pdbx_audit_revision_group.group 
1  2 'Structure model' 'Non-polymer description'   
2  2 'Structure model' 'Version format compliance' 
3  3 'Structure model' 'Refinement description'    
4  4 'Structure model' 'Data collection'           
5  4 'Structure model' 'Structure summary'         
6  5 'Structure model' 'Database references'       
7  5 'Structure model' 'Derived calculations'      
8  5 'Structure model' 'Structure summary'         
9  6 'Structure model' 'Data collection'           
10 6 'Structure model' 'Database references'       
11 6 'Structure model' 'Refinement description'    
# 
loop_
_pdbx_audit_revision_category.ordinal 
_pdbx_audit_revision_category.revision_ordinal 
_pdbx_audit_revision_category.data_content_type 
_pdbx_audit_revision_category.category 
1 3 'Structure model' software                      
2 4 'Structure model' audit_author                  
3 5 'Structure model' audit_author                  
4 5 'Structure model' citation_author               
5 5 'Structure model' struct_site                   
6 6 'Structure model' chem_comp_atom                
7 6 'Structure model' chem_comp_bond                
8 6 'Structure model' database_2                    
9 6 'Structure model' pdbx_initial_refinement_model 
# 
loop_
_pdbx_audit_revision_item.ordinal 
_pdbx_audit_revision_item.revision_ordinal 
_pdbx_audit_revision_item.data_content_type 
_pdbx_audit_revision_item.item 
1 3 'Structure model' '_software.name'                      
2 4 'Structure model' '_audit_author.identifier_ORCID'      
3 5 'Structure model' '_audit_author.identifier_ORCID'      
4 5 'Structure model' '_citation_author.identifier_ORCID'   
5 5 'Structure model' '_struct_site.pdbx_auth_asym_id'      
6 5 'Structure model' '_struct_site.pdbx_auth_comp_id'      
7 5 'Structure model' '_struct_site.pdbx_auth_seq_id'       
8 6 'Structure model' '_database_2.pdbx_DOI'                
9 6 'Structure model' '_database_2.pdbx_database_accession' 
# 
loop_
_software.name 
_software.classification 
_software.version 
_software.citation_id 
_software.pdbx_ordinal 
MOLREP phasing           .        ? 1 
REFMAC refinement        5.3.0034 ? 2 
MAR345 'data collection' CCD      ? 3 
MOSFLM 'data reduction'  .        ? 4 
SCALA  'data scaling'    .        ? 5 
# 
loop_
_pdbx_validate_torsion.id 
_pdbx_validate_torsion.PDB_model_num 
_pdbx_validate_torsion.auth_comp_id 
_pdbx_validate_torsion.auth_asym_id 
_pdbx_validate_torsion.auth_seq_id 
_pdbx_validate_torsion.PDB_ins_code 
_pdbx_validate_torsion.label_alt_id 
_pdbx_validate_torsion.phi 
_pdbx_validate_torsion.psi 
1 1 ARG A 61  ? ? 70.36   41.24 
2 1 ARG A 61  ? ? 70.38   38.87 
3 1 LYS A 124 ? ? -166.45 92.61 
# 
_pdbx_validate_peptide_omega.id               1 
_pdbx_validate_peptide_omega.PDB_model_num    1 
_pdbx_validate_peptide_omega.auth_comp_id_1   ASN 
_pdbx_validate_peptide_omega.auth_asym_id_1   A 
_pdbx_validate_peptide_omega.auth_seq_id_1    94 
_pdbx_validate_peptide_omega.PDB_ins_code_1   ? 
_pdbx_validate_peptide_omega.label_alt_id_1   ? 
_pdbx_validate_peptide_omega.auth_comp_id_2   ARG 
_pdbx_validate_peptide_omega.auth_asym_id_2   A 
_pdbx_validate_peptide_omega.auth_seq_id_2    95 
_pdbx_validate_peptide_omega.PDB_ins_code_2   ? 
_pdbx_validate_peptide_omega.label_alt_id_2   ? 
_pdbx_validate_peptide_omega.omega            -118.26 
# 
loop_
_pdbx_unobs_or_zero_occ_residues.id 
_pdbx_unobs_or_zero_occ_residues.PDB_model_num 
_pdbx_unobs_or_zero_occ_residues.polymer_flag 
_pdbx_unobs_or_zero_occ_residues.occupancy_flag 
_pdbx_unobs_or_zero_occ_residues.auth_asym_id 
_pdbx_unobs_or_zero_occ_residues.auth_comp_id 
_pdbx_unobs_or_zero_occ_residues.auth_seq_id 
_pdbx_unobs_or_zero_occ_residues.PDB_ins_code 
_pdbx_unobs_or_zero_occ_residues.label_asym_id 
_pdbx_unobs_or_zero_occ_residues.label_comp_id 
_pdbx_unobs_or_zero_occ_residues.label_seq_id 
1  1 Y 1 A MET 1  ? A MET 1  
2  1 Y 1 A ASP 2  ? A ASP 2  
3  1 Y 1 A VAL 3  ? A VAL 3  
4  1 Y 1 A GLN 4  ? A GLN 4  
5  1 Y 1 A ARG 5  ? A ARG 5  
6  1 Y 1 A VAL 6  ? A VAL 6  
7  1 Y 1 A GLY 7  ? A GLY 7  
8  1 Y 1 A LYS 8  ? A LYS 8  
9  1 Y 1 A ALA 9  ? A ALA 9  
10 1 Y 1 A GLY 10 ? A GLY 10 
11 1 Y 1 A LEU 11 ? A LEU 11 
12 1 Y 1 A HIS 12 ? A HIS 12 
13 1 Y 1 A ARG 13 ? A ARG 13 
14 1 Y 1 A VAL 14 ? A VAL 14 
15 1 Y 1 A ASP 15 ? A ASP 15 
16 1 Y 1 A SER 16 ? A SER 16 
17 1 Y 1 A LYS 17 ? A LYS 17 
18 1 Y 1 A LYS 18 ? A LYS 18 
19 1 Y 1 A GLN 19 ? A GLN 19 
20 1 Y 1 A GLN 20 ? A GLN 20 
21 1 Y 1 A THR 21 ? A THR 21 
22 1 Y 1 A ALA 22 ? A ALA 22 
23 1 Y 1 A ALA 23 ? A ALA 23 
24 1 Y 1 A ARG 91 ? A ARG 91 
25 1 Y 1 A GLY 92 ? A GLY 92 
26 1 Y 1 A PHE 93 ? A PHE 93 
# 
loop_
_chem_comp_atom.comp_id 
_chem_comp_atom.atom_id 
_chem_comp_atom.type_symbol 
_chem_comp_atom.pdbx_aromatic_flag 
_chem_comp_atom.pdbx_stereo_config 
_chem_comp_atom.pdbx_ordinal 
ALA N    N N N 1   
ALA CA   C N S 2   
ALA C    C N N 3   
ALA O    O N N 4   
ALA CB   C N N 5   
ALA OXT  O N N 6   
ALA H    H N N 7   
ALA H2   H N N 8   
ALA HA   H N N 9   
ALA HB1  H N N 10  
ALA HB2  H N N 11  
ALA HB3  H N N 12  
ALA HXT  H N N 13  
ARG N    N N N 14  
ARG CA   C N S 15  
ARG C    C N N 16  
ARG O    O N N 17  
ARG CB   C N N 18  
ARG CG   C N N 19  
ARG CD   C N N 20  
ARG NE   N N N 21  
ARG CZ   C N N 22  
ARG NH1  N N N 23  
ARG NH2  N N N 24  
ARG OXT  O N N 25  
ARG H    H N N 26  
ARG H2   H N N 27  
ARG HA   H N N 28  
ARG HB2  H N N 29  
ARG HB3  H N N 30  
ARG HG2  H N N 31  
ARG HG3  H N N 32  
ARG HD2  H N N 33  
ARG HD3  H N N 34  
ARG HE   H N N 35  
ARG HH11 H N N 36  
ARG HH12 H N N 37  
ARG HH21 H N N 38  
ARG HH22 H N N 39  
ARG HXT  H N N 40  
ASN N    N N N 41  
ASN CA   C N S 42  
ASN C    C N N 43  
ASN O    O N N 44  
ASN CB   C N N 45  
ASN CG   C N N 46  
ASN OD1  O N N 47  
ASN ND2  N N N 48  
ASN OXT  O N N 49  
ASN H    H N N 50  
ASN H2   H N N 51  
ASN HA   H N N 52  
ASN HB2  H N N 53  
ASN HB3  H N N 54  
ASN HD21 H N N 55  
ASN HD22 H N N 56  
ASN HXT  H N N 57  
ASP N    N N N 58  
ASP CA   C N S 59  
ASP C    C N N 60  
ASP O    O N N 61  
ASP CB   C N N 62  
ASP CG   C N N 63  
ASP OD1  O N N 64  
ASP OD2  O N N 65  
ASP OXT  O N N 66  
ASP H    H N N 67  
ASP H2   H N N 68  
ASP HA   H N N 69  
ASP HB2  H N N 70  
ASP HB3  H N N 71  
ASP HD2  H N N 72  
ASP HXT  H N N 73  
GLN N    N N N 74  
GLN CA   C N S 75  
GLN C    C N N 76  
GLN O    O N N 77  
GLN CB   C N N 78  
GLN CG   C N N 79  
GLN CD   C N N 80  
GLN OE1  O N N 81  
GLN NE2  N N N 82  
GLN OXT  O N N 83  
GLN H    H N N 84  
GLN H2   H N N 85  
GLN HA   H N N 86  
GLN HB2  H N N 87  
GLN HB3  H N N 88  
GLN HG2  H N N 89  
GLN HG3  H N N 90  
GLN HE21 H N N 91  
GLN HE22 H N N 92  
GLN HXT  H N N 93  
GLU N    N N N 94  
GLU CA   C N S 95  
GLU C    C N N 96  
GLU O    O N N 97  
GLU CB   C N N 98  
GLU CG   C N N 99  
GLU CD   C N N 100 
GLU OE1  O N N 101 
GLU OE2  O N N 102 
GLU OXT  O N N 103 
GLU H    H N N 104 
GLU H2   H N N 105 
GLU HA   H N N 106 
GLU HB2  H N N 107 
GLU HB3  H N N 108 
GLU HG2  H N N 109 
GLU HG3  H N N 110 
GLU HE2  H N N 111 
GLU HXT  H N N 112 
GLY N    N N N 113 
GLY CA   C N N 114 
GLY C    C N N 115 
GLY O    O N N 116 
GLY OXT  O N N 117 
GLY H    H N N 118 
GLY H2   H N N 119 
GLY HA2  H N N 120 
GLY HA3  H N N 121 
GLY HXT  H N N 122 
GOL C1   C N N 123 
GOL O1   O N N 124 
GOL C2   C N N 125 
GOL O2   O N N 126 
GOL C3   C N N 127 
GOL O3   O N N 128 
GOL H11  H N N 129 
GOL H12  H N N 130 
GOL HO1  H N N 131 
GOL H2   H N N 132 
GOL HO2  H N N 133 
GOL H31  H N N 134 
GOL H32  H N N 135 
GOL HO3  H N N 136 
HIS N    N N N 137 
HIS CA   C N S 138 
HIS C    C N N 139 
HIS O    O N N 140 
HIS CB   C N N 141 
HIS CG   C Y N 142 
HIS ND1  N Y N 143 
HIS CD2  C Y N 144 
HIS CE1  C Y N 145 
HIS NE2  N Y N 146 
HIS OXT  O N N 147 
HIS H    H N N 148 
HIS H2   H N N 149 
HIS HA   H N N 150 
HIS HB2  H N N 151 
HIS HB3  H N N 152 
HIS HD1  H N N 153 
HIS HD2  H N N 154 
HIS HE1  H N N 155 
HIS HE2  H N N 156 
HIS HXT  H N N 157 
HOH O    O N N 158 
HOH H1   H N N 159 
HOH H2   H N N 160 
ILE N    N N N 161 
ILE CA   C N S 162 
ILE C    C N N 163 
ILE O    O N N 164 
ILE CB   C N S 165 
ILE CG1  C N N 166 
ILE CG2  C N N 167 
ILE CD1  C N N 168 
ILE OXT  O N N 169 
ILE H    H N N 170 
ILE H2   H N N 171 
ILE HA   H N N 172 
ILE HB   H N N 173 
ILE HG12 H N N 174 
ILE HG13 H N N 175 
ILE HG21 H N N 176 
ILE HG22 H N N 177 
ILE HG23 H N N 178 
ILE HD11 H N N 179 
ILE HD12 H N N 180 
ILE HD13 H N N 181 
ILE HXT  H N N 182 
LEU N    N N N 183 
LEU CA   C N S 184 
LEU C    C N N 185 
LEU O    O N N 186 
LEU CB   C N N 187 
LEU CG   C N N 188 
LEU CD1  C N N 189 
LEU CD2  C N N 190 
LEU OXT  O N N 191 
LEU H    H N N 192 
LEU H2   H N N 193 
LEU HA   H N N 194 
LEU HB2  H N N 195 
LEU HB3  H N N 196 
LEU HG   H N N 197 
LEU HD11 H N N 198 
LEU HD12 H N N 199 
LEU HD13 H N N 200 
LEU HD21 H N N 201 
LEU HD22 H N N 202 
LEU HD23 H N N 203 
LEU HXT  H N N 204 
LYS N    N N N 205 
LYS CA   C N S 206 
LYS C    C N N 207 
LYS O    O N N 208 
LYS CB   C N N 209 
LYS CG   C N N 210 
LYS CD   C N N 211 
LYS CE   C N N 212 
LYS NZ   N N N 213 
LYS OXT  O N N 214 
LYS H    H N N 215 
LYS H2   H N N 216 
LYS HA   H N N 217 
LYS HB2  H N N 218 
LYS HB3  H N N 219 
LYS HG2  H N N 220 
LYS HG3  H N N 221 
LYS HD2  H N N 222 
LYS HD3  H N N 223 
LYS HE2  H N N 224 
LYS HE3  H N N 225 
LYS HZ1  H N N 226 
LYS HZ2  H N N 227 
LYS HZ3  H N N 228 
LYS HXT  H N N 229 
MET N    N N N 230 
MET CA   C N S 231 
MET C    C N N 232 
MET O    O N N 233 
MET CB   C N N 234 
MET CG   C N N 235 
MET SD   S N N 236 
MET CE   C N N 237 
MET OXT  O N N 238 
MET H    H N N 239 
MET H2   H N N 240 
MET HA   H N N 241 
MET HB2  H N N 242 
MET HB3  H N N 243 
MET HG2  H N N 244 
MET HG3  H N N 245 
MET HE1  H N N 246 
MET HE2  H N N 247 
MET HE3  H N N 248 
MET HXT  H N N 249 
PHE N    N N N 250 
PHE CA   C N S 251 
PHE C    C N N 252 
PHE O    O N N 253 
PHE CB   C N N 254 
PHE CG   C Y N 255 
PHE CD1  C Y N 256 
PHE CD2  C Y N 257 
PHE CE1  C Y N 258 
PHE CE2  C Y N 259 
PHE CZ   C Y N 260 
PHE OXT  O N N 261 
PHE H    H N N 262 
PHE H2   H N N 263 
PHE HA   H N N 264 
PHE HB2  H N N 265 
PHE HB3  H N N 266 
PHE HD1  H N N 267 
PHE HD2  H N N 268 
PHE HE1  H N N 269 
PHE HE2  H N N 270 
PHE HZ   H N N 271 
PHE HXT  H N N 272 
SER N    N N N 273 
SER CA   C N S 274 
SER C    C N N 275 
SER O    O N N 276 
SER CB   C N N 277 
SER OG   O N N 278 
SER OXT  O N N 279 
SER H    H N N 280 
SER H2   H N N 281 
SER HA   H N N 282 
SER HB2  H N N 283 
SER HB3  H N N 284 
SER HG   H N N 285 
SER HXT  H N N 286 
THR N    N N N 287 
THR CA   C N S 288 
THR C    C N N 289 
THR O    O N N 290 
THR CB   C N R 291 
THR OG1  O N N 292 
THR CG2  C N N 293 
THR OXT  O N N 294 
THR H    H N N 295 
THR H2   H N N 296 
THR HA   H N N 297 
THR HB   H N N 298 
THR HG1  H N N 299 
THR HG21 H N N 300 
THR HG22 H N N 301 
THR HG23 H N N 302 
THR HXT  H N N 303 
TYR N    N N N 304 
TYR CA   C N S 305 
TYR C    C N N 306 
TYR O    O N N 307 
TYR CB   C N N 308 
TYR CG   C Y N 309 
TYR CD1  C Y N 310 
TYR CD2  C Y N 311 
TYR CE1  C Y N 312 
TYR CE2  C Y N 313 
TYR CZ   C Y N 314 
TYR OH   O N N 315 
TYR OXT  O N N 316 
TYR H    H N N 317 
TYR H2   H N N 318 
TYR HA   H N N 319 
TYR HB2  H N N 320 
TYR HB3  H N N 321 
TYR HD1  H N N 322 
TYR HD2  H N N 323 
TYR HE1  H N N 324 
TYR HE2  H N N 325 
TYR HH   H N N 326 
TYR HXT  H N N 327 
VAL N    N N N 328 
VAL CA   C N S 329 
VAL C    C N N 330 
VAL O    O N N 331 
VAL CB   C N N 332 
VAL CG1  C N N 333 
VAL CG2  C N N 334 
VAL OXT  O N N 335 
VAL H    H N N 336 
VAL H2   H N N 337 
VAL HA   H N N 338 
VAL HB   H N N 339 
VAL HG11 H N N 340 
VAL HG12 H N N 341 
VAL HG13 H N N 342 
VAL HG21 H N N 343 
VAL HG22 H N N 344 
VAL HG23 H N N 345 
VAL HXT  H N N 346 
# 
loop_
_chem_comp_bond.comp_id 
_chem_comp_bond.atom_id_1 
_chem_comp_bond.atom_id_2 
_chem_comp_bond.value_order 
_chem_comp_bond.pdbx_aromatic_flag 
_chem_comp_bond.pdbx_stereo_config 
_chem_comp_bond.pdbx_ordinal 
ALA N   CA   sing N N 1   
ALA N   H    sing N N 2   
ALA N   H2   sing N N 3   
ALA CA  C    sing N N 4   
ALA CA  CB   sing N N 5   
ALA CA  HA   sing N N 6   
ALA C   O    doub N N 7   
ALA C   OXT  sing N N 8   
ALA CB  HB1  sing N N 9   
ALA CB  HB2  sing N N 10  
ALA CB  HB3  sing N N 11  
ALA OXT HXT  sing N N 12  
ARG N   CA   sing N N 13  
ARG N   H    sing N N 14  
ARG N   H2   sing N N 15  
ARG CA  C    sing N N 16  
ARG CA  CB   sing N N 17  
ARG CA  HA   sing N N 18  
ARG C   O    doub N N 19  
ARG C   OXT  sing N N 20  
ARG CB  CG   sing N N 21  
ARG CB  HB2  sing N N 22  
ARG CB  HB3  sing N N 23  
ARG CG  CD   sing N N 24  
ARG CG  HG2  sing N N 25  
ARG CG  HG3  sing N N 26  
ARG CD  NE   sing N N 27  
ARG CD  HD2  sing N N 28  
ARG CD  HD3  sing N N 29  
ARG NE  CZ   sing N N 30  
ARG NE  HE   sing N N 31  
ARG CZ  NH1  sing N N 32  
ARG CZ  NH2  doub N N 33  
ARG NH1 HH11 sing N N 34  
ARG NH1 HH12 sing N N 35  
ARG NH2 HH21 sing N N 36  
ARG NH2 HH22 sing N N 37  
ARG OXT HXT  sing N N 38  
ASN N   CA   sing N N 39  
ASN N   H    sing N N 40  
ASN N   H2   sing N N 41  
ASN CA  C    sing N N 42  
ASN CA  CB   sing N N 43  
ASN CA  HA   sing N N 44  
ASN C   O    doub N N 45  
ASN C   OXT  sing N N 46  
ASN CB  CG   sing N N 47  
ASN CB  HB2  sing N N 48  
ASN CB  HB3  sing N N 49  
ASN CG  OD1  doub N N 50  
ASN CG  ND2  sing N N 51  
ASN ND2 HD21 sing N N 52  
ASN ND2 HD22 sing N N 53  
ASN OXT HXT  sing N N 54  
ASP N   CA   sing N N 55  
ASP N   H    sing N N 56  
ASP N   H2   sing N N 57  
ASP CA  C    sing N N 58  
ASP CA  CB   sing N N 59  
ASP CA  HA   sing N N 60  
ASP C   O    doub N N 61  
ASP C   OXT  sing N N 62  
ASP CB  CG   sing N N 63  
ASP CB  HB2  sing N N 64  
ASP CB  HB3  sing N N 65  
ASP CG  OD1  doub N N 66  
ASP CG  OD2  sing N N 67  
ASP OD2 HD2  sing N N 68  
ASP OXT HXT  sing N N 69  
GLN N   CA   sing N N 70  
GLN N   H    sing N N 71  
GLN N   H2   sing N N 72  
GLN CA  C    sing N N 73  
GLN CA  CB   sing N N 74  
GLN CA  HA   sing N N 75  
GLN C   O    doub N N 76  
GLN C   OXT  sing N N 77  
GLN CB  CG   sing N N 78  
GLN CB  HB2  sing N N 79  
GLN CB  HB3  sing N N 80  
GLN CG  CD   sing N N 81  
GLN CG  HG2  sing N N 82  
GLN CG  HG3  sing N N 83  
GLN CD  OE1  doub N N 84  
GLN CD  NE2  sing N N 85  
GLN NE2 HE21 sing N N 86  
GLN NE2 HE22 sing N N 87  
GLN OXT HXT  sing N N 88  
GLU N   CA   sing N N 89  
GLU N   H    sing N N 90  
GLU N   H2   sing N N 91  
GLU CA  C    sing N N 92  
GLU CA  CB   sing N N 93  
GLU CA  HA   sing N N 94  
GLU C   O    doub N N 95  
GLU C   OXT  sing N N 96  
GLU CB  CG   sing N N 97  
GLU CB  HB2  sing N N 98  
GLU CB  HB3  sing N N 99  
GLU CG  CD   sing N N 100 
GLU CG  HG2  sing N N 101 
GLU CG  HG3  sing N N 102 
GLU CD  OE1  doub N N 103 
GLU CD  OE2  sing N N 104 
GLU OE2 HE2  sing N N 105 
GLU OXT HXT  sing N N 106 
GLY N   CA   sing N N 107 
GLY N   H    sing N N 108 
GLY N   H2   sing N N 109 
GLY CA  C    sing N N 110 
GLY CA  HA2  sing N N 111 
GLY CA  HA3  sing N N 112 
GLY C   O    doub N N 113 
GLY C   OXT  sing N N 114 
GLY OXT HXT  sing N N 115 
GOL C1  O1   sing N N 116 
GOL C1  C2   sing N N 117 
GOL C1  H11  sing N N 118 
GOL C1  H12  sing N N 119 
GOL O1  HO1  sing N N 120 
GOL C2  O2   sing N N 121 
GOL C2  C3   sing N N 122 
GOL C2  H2   sing N N 123 
GOL O2  HO2  sing N N 124 
GOL C3  O3   sing N N 125 
GOL C3  H31  sing N N 126 
GOL C3  H32  sing N N 127 
GOL O3  HO3  sing N N 128 
HIS N   CA   sing N N 129 
HIS N   H    sing N N 130 
HIS N   H2   sing N N 131 
HIS CA  C    sing N N 132 
HIS CA  CB   sing N N 133 
HIS CA  HA   sing N N 134 
HIS C   O    doub N N 135 
HIS C   OXT  sing N N 136 
HIS CB  CG   sing N N 137 
HIS CB  HB2  sing N N 138 
HIS CB  HB3  sing N N 139 
HIS CG  ND1  sing Y N 140 
HIS CG  CD2  doub Y N 141 
HIS ND1 CE1  doub Y N 142 
HIS ND1 HD1  sing N N 143 
HIS CD2 NE2  sing Y N 144 
HIS CD2 HD2  sing N N 145 
HIS CE1 NE2  sing Y N 146 
HIS CE1 HE1  sing N N 147 
HIS NE2 HE2  sing N N 148 
HIS OXT HXT  sing N N 149 
HOH O   H1   sing N N 150 
HOH O   H2   sing N N 151 
ILE N   CA   sing N N 152 
ILE N   H    sing N N 153 
ILE N   H2   sing N N 154 
ILE CA  C    sing N N 155 
ILE CA  CB   sing N N 156 
ILE CA  HA   sing N N 157 
ILE C   O    doub N N 158 
ILE C   OXT  sing N N 159 
ILE CB  CG1  sing N N 160 
ILE CB  CG2  sing N N 161 
ILE CB  HB   sing N N 162 
ILE CG1 CD1  sing N N 163 
ILE CG1 HG12 sing N N 164 
ILE CG1 HG13 sing N N 165 
ILE CG2 HG21 sing N N 166 
ILE CG2 HG22 sing N N 167 
ILE CG2 HG23 sing N N 168 
ILE CD1 HD11 sing N N 169 
ILE CD1 HD12 sing N N 170 
ILE CD1 HD13 sing N N 171 
ILE OXT HXT  sing N N 172 
LEU N   CA   sing N N 173 
LEU N   H    sing N N 174 
LEU N   H2   sing N N 175 
LEU CA  C    sing N N 176 
LEU CA  CB   sing N N 177 
LEU CA  HA   sing N N 178 
LEU C   O    doub N N 179 
LEU C   OXT  sing N N 180 
LEU CB  CG   sing N N 181 
LEU CB  HB2  sing N N 182 
LEU CB  HB3  sing N N 183 
LEU CG  CD1  sing N N 184 
LEU CG  CD2  sing N N 185 
LEU CG  HG   sing N N 186 
LEU CD1 HD11 sing N N 187 
LEU CD1 HD12 sing N N 188 
LEU CD1 HD13 sing N N 189 
LEU CD2 HD21 sing N N 190 
LEU CD2 HD22 sing N N 191 
LEU CD2 HD23 sing N N 192 
LEU OXT HXT  sing N N 193 
LYS N   CA   sing N N 194 
LYS N   H    sing N N 195 
LYS N   H2   sing N N 196 
LYS CA  C    sing N N 197 
LYS CA  CB   sing N N 198 
LYS CA  HA   sing N N 199 
LYS C   O    doub N N 200 
LYS C   OXT  sing N N 201 
LYS CB  CG   sing N N 202 
LYS CB  HB2  sing N N 203 
LYS CB  HB3  sing N N 204 
LYS CG  CD   sing N N 205 
LYS CG  HG2  sing N N 206 
LYS CG  HG3  sing N N 207 
LYS CD  CE   sing N N 208 
LYS CD  HD2  sing N N 209 
LYS CD  HD3  sing N N 210 
LYS CE  NZ   sing N N 211 
LYS CE  HE2  sing N N 212 
LYS CE  HE3  sing N N 213 
LYS NZ  HZ1  sing N N 214 
LYS NZ  HZ2  sing N N 215 
LYS NZ  HZ3  sing N N 216 
LYS OXT HXT  sing N N 217 
MET N   CA   sing N N 218 
MET N   H    sing N N 219 
MET N   H2   sing N N 220 
MET CA  C    sing N N 221 
MET CA  CB   sing N N 222 
MET CA  HA   sing N N 223 
MET C   O    doub N N 224 
MET C   OXT  sing N N 225 
MET CB  CG   sing N N 226 
MET CB  HB2  sing N N 227 
MET CB  HB3  sing N N 228 
MET CG  SD   sing N N 229 
MET CG  HG2  sing N N 230 
MET CG  HG3  sing N N 231 
MET SD  CE   sing N N 232 
MET CE  HE1  sing N N 233 
MET CE  HE2  sing N N 234 
MET CE  HE3  sing N N 235 
MET OXT HXT  sing N N 236 
PHE N   CA   sing N N 237 
PHE N   H    sing N N 238 
PHE N   H2   sing N N 239 
PHE CA  C    sing N N 240 
PHE CA  CB   sing N N 241 
PHE CA  HA   sing N N 242 
PHE C   O    doub N N 243 
PHE C   OXT  sing N N 244 
PHE CB  CG   sing N N 245 
PHE CB  HB2  sing N N 246 
PHE CB  HB3  sing N N 247 
PHE CG  CD1  doub Y N 248 
PHE CG  CD2  sing Y N 249 
PHE CD1 CE1  sing Y N 250 
PHE CD1 HD1  sing N N 251 
PHE CD2 CE2  doub Y N 252 
PHE CD2 HD2  sing N N 253 
PHE CE1 CZ   doub Y N 254 
PHE CE1 HE1  sing N N 255 
PHE CE2 CZ   sing Y N 256 
PHE CE2 HE2  sing N N 257 
PHE CZ  HZ   sing N N 258 
PHE OXT HXT  sing N N 259 
SER N   CA   sing N N 260 
SER N   H    sing N N 261 
SER N   H2   sing N N 262 
SER CA  C    sing N N 263 
SER CA  CB   sing N N 264 
SER CA  HA   sing N N 265 
SER C   O    doub N N 266 
SER C   OXT  sing N N 267 
SER CB  OG   sing N N 268 
SER CB  HB2  sing N N 269 
SER CB  HB3  sing N N 270 
SER OG  HG   sing N N 271 
SER OXT HXT  sing N N 272 
THR N   CA   sing N N 273 
THR N   H    sing N N 274 
THR N   H2   sing N N 275 
THR CA  C    sing N N 276 
THR CA  CB   sing N N 277 
THR CA  HA   sing N N 278 
THR C   O    doub N N 279 
THR C   OXT  sing N N 280 
THR CB  OG1  sing N N 281 
THR CB  CG2  sing N N 282 
THR CB  HB   sing N N 283 
THR OG1 HG1  sing N N 284 
THR CG2 HG21 sing N N 285 
THR CG2 HG22 sing N N 286 
THR CG2 HG23 sing N N 287 
THR OXT HXT  sing N N 288 
TYR N   CA   sing N N 289 
TYR N   H    sing N N 290 
TYR N   H2   sing N N 291 
TYR CA  C    sing N N 292 
TYR CA  CB   sing N N 293 
TYR CA  HA   sing N N 294 
TYR C   O    doub N N 295 
TYR C   OXT  sing N N 296 
TYR CB  CG   sing N N 297 
TYR CB  HB2  sing N N 298 
TYR CB  HB3  sing N N 299 
TYR CG  CD1  doub Y N 300 
TYR CG  CD2  sing Y N 301 
TYR CD1 CE1  sing Y N 302 
TYR CD1 HD1  sing N N 303 
TYR CD2 CE2  doub Y N 304 
TYR CD2 HD2  sing N N 305 
TYR CE1 CZ   doub Y N 306 
TYR CE1 HE1  sing N N 307 
TYR CE2 CZ   sing Y N 308 
TYR CE2 HE2  sing N N 309 
TYR CZ  OH   sing N N 310 
TYR OH  HH   sing N N 311 
TYR OXT HXT  sing N N 312 
VAL N   CA   sing N N 313 
VAL N   H    sing N N 314 
VAL N   H2   sing N N 315 
VAL CA  C    sing N N 316 
VAL CA  CB   sing N N 317 
VAL CA  HA   sing N N 318 
VAL C   O    doub N N 319 
VAL C   OXT  sing N N 320 
VAL CB  CG1  sing N N 321 
VAL CB  CG2  sing N N 322 
VAL CB  HB   sing N N 323 
VAL CG1 HG11 sing N N 324 
VAL CG1 HG12 sing N N 325 
VAL CG1 HG13 sing N N 326 
VAL CG2 HG21 sing N N 327 
VAL CG2 HG22 sing N N 328 
VAL CG2 HG23 sing N N 329 
VAL OXT HXT  sing N N 330 
# 
loop_
_pdbx_entity_nonpoly.entity_id 
_pdbx_entity_nonpoly.name 
_pdbx_entity_nonpoly.comp_id 
2 GLYCEROL GOL 
3 water    HOH 
# 
_pdbx_initial_refinement_model.id               1 
_pdbx_initial_refinement_model.entity_id_list   ? 
_pdbx_initial_refinement_model.type             'experimental model' 
_pdbx_initial_refinement_model.source_name      PDB 
_pdbx_initial_refinement_model.accession_code   2P61 
_pdbx_initial_refinement_model.details          'PDB entry 2P61' 
# 
